data_8WA7
#
_entry.id   8WA7
#
_cell.length_a   90.093
_cell.length_b   102.479
_cell.length_c   133.872
_cell.angle_alpha   90.000
_cell.angle_beta   90.000
_cell.angle_gamma   90.000
#
_symmetry.space_group_name_H-M   'P 21 21 21'
#
loop_
_entity.id
_entity.type
_entity.pdbx_description
1 polymer 'Transketolase 1'
2 non-polymer 1,2-ETHANEDIOL
3 non-polymer GLYCEROL
4 non-polymer '2-[3-[(4-AMINO-2-METHYL-5-PYRIMIDINYL)METHYL]-2-(1,2-DIHYDROXYETHYL)-4-METHYL-1,3-THIAZOL-3-IUM-5-YL]ETHYL TRIHYDROGEN DIPHOSPHATE'
5 non-polymer 'MAGNESIUM ION'
6 water water
#
_entity_poly.entity_id   1
_entity_poly.type   'polypeptide(L)'
_entity_poly.pdbx_seq_one_letter_code
;MSSRKELANAIRALSMDAVQKAKSGHPGAPMGMADIAEVLWRDFLKHNPQNPSWADRDRFVLSNGHGSMLIYSLLHLTGY
DLPMEELKNFRQLHSKTPGHPEVGYTAGVETTTGPLGQGIANAVGMAIAEKTLAAQFNRPGHDIVDHYTYAFMGDGCMME
GISHEVCSLAGTLKLGKLIAFYDDNGISIDGHVEGWFTDDTAMRFEAYGWHVIRDIDGHDAASIKRAVEEARAVTDKPSL
LMCKTIIGFGSPNKAGTHDSHGAPLGDAEIALTREQLGWKYAPFEIPSEIYAQWDAKEAGQAKESAWNEKFAAYAKAYPQ
EAAEFTRRMKGEMPSDFDAKAKEFIAKLQANPAKIASRKASQNAIEAFGPLLPEFLGGSADLAPSNLTLWSGSKAINEDA
AGNYIHYGVREFGMTAIANGISLHGGFLPYTSTFLMFVEYARNAVRMAALMKQRQVMVYTHDSIGLGEDGPTHQPVEQVA
SLRVTPNMSTWRPCDQVESAVAWKYGVERQDGPTALILSRQNLAQQERTEEQLANIARGGYVLKDCAGQPELIFIATGSE
VELAVAAYEKLTAEGVKARVVSMPSTDAFDKQDAAYRESVLPKAVTARVAVEAGIADYWYKYVGLNGAIVGMTTFGESAP
AELLFEEFGFTVDNVVAKAKELLHHHHHH
;
_entity_poly.pdbx_strand_id   A,B
#
# COMPACT_ATOMS: atom_id res chain seq x y z
N MET A 1 -21.81 28.55 -35.57
CA MET A 1 -22.70 27.66 -36.28
C MET A 1 -22.78 26.30 -35.58
N SER A 2 -21.72 25.96 -34.84
CA SER A 2 -21.70 24.70 -34.10
C SER A 2 -22.45 24.83 -32.77
N SER A 3 -23.26 23.83 -32.47
CA SER A 3 -23.91 23.76 -31.17
C SER A 3 -22.94 23.22 -30.13
N ARG A 4 -23.33 23.35 -28.85
CA ARG A 4 -22.48 22.82 -27.80
C ARG A 4 -22.31 21.32 -27.92
N LYS A 5 -23.37 20.61 -28.37
CA LYS A 5 -23.25 19.17 -28.55
C LYS A 5 -22.28 18.83 -29.67
N GLU A 6 -22.30 19.60 -30.76
CA GLU A 6 -21.33 19.37 -31.82
C GLU A 6 -19.92 19.65 -31.35
N LEU A 7 -19.74 20.65 -30.49
CA LEU A 7 -18.42 20.92 -29.94
C LEU A 7 -17.95 19.77 -29.05
N ALA A 8 -18.85 19.22 -28.23
CA ALA A 8 -18.49 18.05 -27.42
C ALA A 8 -18.23 16.83 -28.29
N ASN A 9 -18.89 16.73 -29.45
CA ASN A 9 -18.67 15.58 -30.30
C ASN A 9 -17.28 15.58 -30.93
N ALA A 10 -16.63 16.74 -31.01
CA ALA A 10 -15.23 16.77 -31.47
C ALA A 10 -14.34 15.96 -30.54
N ILE A 11 -14.58 16.04 -29.23
CA ILE A 11 -13.86 15.19 -28.28
C ILE A 11 -14.14 13.73 -28.55
N ARG A 12 -15.42 13.39 -28.74
CA ARG A 12 -15.81 12.02 -28.99
C ARG A 12 -15.12 11.48 -30.24
N ALA A 13 -15.14 12.25 -31.33
CA ALA A 13 -14.54 11.78 -32.58
C ALA A 13 -13.04 11.59 -32.41
N LEU A 14 -12.36 12.59 -31.85
CA LEU A 14 -10.91 12.49 -31.70
C LEU A 14 -10.53 11.33 -30.80
N SER A 15 -11.31 11.13 -29.73
CA SER A 15 -11.01 10.07 -28.77
C SER A 15 -11.19 8.69 -29.41
N MET A 16 -12.34 8.46 -30.05
CA MET A 16 -12.57 7.13 -30.61
C MET A 16 -11.65 6.85 -31.79
N ASP A 17 -11.29 7.87 -32.58
CA ASP A 17 -10.41 7.67 -33.72
C ASP A 17 -8.97 7.44 -33.29
N ALA A 18 -8.49 8.18 -32.29
CA ALA A 18 -7.11 7.98 -31.83
C ALA A 18 -6.94 6.63 -31.16
N VAL A 19 -7.93 6.18 -30.38
CA VAL A 19 -7.92 4.84 -29.81
C VAL A 19 -7.90 3.81 -30.93
N GLN A 20 -8.72 4.01 -31.97
CA GLN A 20 -8.78 3.03 -33.05
C GLN A 20 -7.45 2.95 -33.79
N LYS A 21 -6.81 4.10 -34.02
CA LYS A 21 -5.54 4.12 -34.76
C LYS A 21 -4.43 3.42 -33.96
N ALA A 22 -4.43 3.59 -32.64
CA ALA A 22 -3.48 2.91 -31.78
C ALA A 22 -3.83 1.44 -31.58
N LYS A 23 -5.06 1.04 -31.89
CA LYS A 23 -5.57 -0.29 -31.57
C LYS A 23 -5.41 -0.58 -30.08
N SER A 24 -5.57 0.46 -29.26
CA SER A 24 -5.30 0.37 -27.84
C SER A 24 -5.88 1.60 -27.15
N GLY A 25 -6.51 1.40 -25.98
CA GLY A 25 -6.92 2.52 -25.16
C GLY A 25 -8.39 2.48 -24.79
N HIS A 26 -8.87 3.58 -24.23
CA HIS A 26 -10.14 3.61 -23.50
C HIS A 26 -11.06 4.68 -24.08
N PRO A 27 -11.97 4.32 -24.98
CA PRO A 27 -12.86 5.33 -25.58
C PRO A 27 -14.07 5.69 -24.73
N GLY A 28 -14.48 4.83 -23.80
CA GLY A 28 -15.78 4.97 -23.18
C GLY A 28 -15.90 6.20 -22.30
N ALA A 29 -14.96 6.38 -21.38
CA ALA A 29 -15.07 7.52 -20.46
C ALA A 29 -14.94 8.85 -21.17
N PRO A 30 -14.02 9.01 -22.16
CA PRO A 30 -14.00 10.27 -22.91
C PRO A 30 -15.31 10.59 -23.59
N MET A 31 -15.93 9.58 -24.20
CA MET A 31 -17.22 9.76 -24.86
C MET A 31 -18.32 10.06 -23.84
N GLY A 32 -18.24 9.45 -22.66
CA GLY A 32 -19.25 9.71 -21.64
C GLY A 32 -19.15 11.07 -20.98
N MET A 33 -17.93 11.62 -20.86
CA MET A 33 -17.74 12.90 -20.16
C MET A 33 -17.57 14.09 -21.09
N ALA A 34 -17.70 13.91 -22.40
CA ALA A 34 -17.38 15.00 -23.33
C ALA A 34 -18.27 16.22 -23.12
N ASP A 35 -19.55 16.03 -22.81
CA ASP A 35 -20.44 17.18 -22.61
C ASP A 35 -20.07 17.95 -21.35
N ILE A 36 -19.70 17.23 -20.28
CA ILE A 36 -19.28 17.87 -19.04
C ILE A 36 -18.02 18.67 -19.27
N ALA A 37 -17.06 18.07 -19.98
CA ALA A 37 -15.80 18.75 -20.25
C ALA A 37 -16.02 20.01 -21.08
N GLU A 38 -16.93 19.95 -22.06
CA GLU A 38 -17.19 21.11 -22.90
C GLU A 38 -17.67 22.29 -22.08
N VAL A 39 -18.61 22.04 -21.15
CA VAL A 39 -19.11 23.12 -20.31
C VAL A 39 -18.01 23.63 -19.39
N LEU A 40 -17.32 22.72 -18.71
CA LEU A 40 -16.28 23.13 -17.77
C LEU A 40 -15.19 23.94 -18.46
N TRP A 41 -14.63 23.40 -19.54
CA TRP A 41 -13.47 24.04 -20.14
C TRP A 41 -13.85 25.32 -20.88
N ARG A 42 -14.99 25.35 -21.57
CA ARG A 42 -15.32 26.53 -22.38
C ARG A 42 -15.97 27.64 -21.55
N ASP A 43 -16.71 27.32 -20.49
CA ASP A 43 -17.43 28.33 -19.75
C ASP A 43 -16.79 28.71 -18.42
N PHE A 44 -15.91 27.89 -17.85
CA PHE A 44 -15.46 28.19 -16.49
C PHE A 44 -13.95 28.18 -16.31
N LEU A 45 -13.23 27.24 -16.93
CA LEU A 45 -11.84 27.03 -16.61
C LEU A 45 -10.99 28.24 -16.97
N LYS A 46 -10.20 28.72 -16.01
CA LYS A 46 -9.28 29.83 -16.20
C LYS A 46 -7.89 29.28 -16.49
N HIS A 47 -7.42 29.47 -17.71
CA HIS A 47 -6.14 28.90 -18.11
C HIS A 47 -5.64 29.60 -19.35
N ASN A 48 -4.33 29.49 -19.58
CA ASN A 48 -3.70 30.06 -20.77
C ASN A 48 -2.91 28.99 -21.51
N PRO A 49 -3.39 28.53 -22.66
CA PRO A 49 -2.62 27.52 -23.42
C PRO A 49 -1.22 27.97 -23.80
N GLN A 50 -0.98 29.28 -23.87
CA GLN A 50 0.34 29.78 -24.22
C GLN A 50 1.31 29.79 -23.04
N ASN A 51 0.81 29.62 -21.81
CA ASN A 51 1.68 29.43 -20.65
C ASN A 51 1.05 28.47 -19.67
N PRO A 52 1.27 27.17 -19.85
CA PRO A 52 0.71 26.18 -18.92
C PRO A 52 1.30 26.25 -17.51
N SER A 53 2.33 27.07 -17.28
CA SER A 53 2.91 27.22 -15.95
C SER A 53 2.45 28.47 -15.24
N TRP A 54 1.44 29.18 -15.78
CA TRP A 54 0.89 30.36 -15.14
C TRP A 54 0.51 30.08 -13.68
N ALA A 55 1.09 30.84 -12.75
CA ALA A 55 0.99 30.51 -11.34
C ALA A 55 -0.45 30.46 -10.84
N ASP A 56 -1.34 31.28 -11.40
CA ASP A 56 -2.68 31.42 -10.85
C ASP A 56 -3.74 30.73 -11.71
N ARG A 57 -3.34 29.85 -12.61
CA ARG A 57 -4.30 29.10 -13.40
C ARG A 57 -5.15 28.19 -12.52
N ASP A 58 -6.39 27.93 -12.96
CA ASP A 58 -7.11 26.80 -12.39
C ASP A 58 -6.35 25.51 -12.67
N ARG A 59 -6.52 24.53 -11.78
CA ARG A 59 -5.92 23.20 -11.97
C ARG A 59 -7.03 22.22 -12.31
N PHE A 60 -6.82 21.44 -13.38
CA PHE A 60 -7.73 20.38 -13.77
C PHE A 60 -7.03 19.04 -13.61
N VAL A 61 -7.72 18.06 -13.03
CA VAL A 61 -7.16 16.73 -12.79
C VAL A 61 -8.13 15.66 -13.29
N LEU A 62 -7.63 14.77 -14.14
CA LEU A 62 -8.40 13.62 -14.64
C LEU A 62 -8.03 12.42 -13.76
N SER A 63 -8.81 12.20 -12.68
CA SER A 63 -8.49 11.09 -11.79
C SER A 63 -8.81 9.73 -12.43
N ASN A 64 -9.82 9.67 -13.30
CA ASN A 64 -10.05 8.46 -14.10
C ASN A 64 -9.17 8.52 -15.35
N GLY A 65 -7.86 8.33 -15.11
CA GLY A 65 -6.81 8.68 -16.07
C GLY A 65 -6.77 7.81 -17.31
N HIS A 66 -7.41 6.64 -17.26
CA HIS A 66 -7.51 5.82 -18.46
C HIS A 66 -8.23 6.56 -19.59
N GLY A 67 -9.05 7.54 -19.27
CA GLY A 67 -9.71 8.33 -20.30
C GLY A 67 -8.82 9.41 -20.86
N SER A 68 -7.55 9.06 -21.12
CA SER A 68 -6.53 10.05 -21.45
C SER A 68 -6.87 10.82 -22.72
N MET A 69 -7.56 10.21 -23.68
CA MET A 69 -7.89 10.97 -24.88
C MET A 69 -8.83 12.12 -24.59
N LEU A 70 -9.53 12.10 -23.45
CA LEU A 70 -10.33 13.26 -23.06
C LEU A 70 -9.43 14.47 -22.84
N ILE A 71 -8.36 14.33 -22.06
CA ILE A 71 -7.53 15.51 -21.80
C ILE A 71 -6.71 15.88 -23.03
N TYR A 72 -6.25 14.88 -23.80
CA TYR A 72 -5.50 15.21 -25.01
C TYR A 72 -6.38 15.95 -26.02
N SER A 73 -7.65 15.53 -26.15
CA SER A 73 -8.59 16.25 -27.01
C SER A 73 -8.74 17.69 -26.54
N LEU A 74 -8.97 17.88 -25.24
CA LEU A 74 -9.17 19.22 -24.70
C LEU A 74 -7.95 20.10 -24.91
N LEU A 75 -6.76 19.57 -24.61
CA LEU A 75 -5.56 20.38 -24.78
C LEU A 75 -5.35 20.74 -26.24
N HIS A 76 -5.58 19.79 -27.16
CA HIS A 76 -5.42 20.09 -28.58
C HIS A 76 -6.44 21.12 -29.05
N LEU A 77 -7.71 20.92 -28.69
CA LEU A 77 -8.77 21.78 -29.18
C LEU A 77 -8.67 23.20 -28.64
N THR A 78 -8.21 23.37 -27.41
CA THR A 78 -8.13 24.72 -26.84
C THR A 78 -6.85 25.47 -27.20
N GLY A 79 -5.89 24.84 -27.87
CA GLY A 79 -4.74 25.57 -28.38
C GLY A 79 -3.41 25.32 -27.70
N TYR A 80 -3.28 24.29 -26.88
CA TYR A 80 -2.00 23.95 -26.28
C TYR A 80 -1.04 23.40 -27.34
N ASP A 81 0.24 23.37 -26.99
CA ASP A 81 1.22 22.81 -27.89
C ASP A 81 1.10 21.29 -27.93
N LEU A 82 0.05 20.80 -28.59
CA LEU A 82 -0.22 19.37 -28.71
C LEU A 82 -0.84 19.13 -30.08
N PRO A 83 -0.02 19.02 -31.12
CA PRO A 83 -0.54 19.01 -32.50
C PRO A 83 -1.30 17.73 -32.81
N MET A 84 -2.06 17.79 -33.92
CA MET A 84 -2.82 16.63 -34.36
C MET A 84 -1.92 15.42 -34.57
N GLU A 85 -0.70 15.63 -35.06
CA GLU A 85 0.20 14.50 -35.26
C GLU A 85 0.50 13.77 -33.95
N GLU A 86 0.50 14.49 -32.82
CA GLU A 86 0.68 13.79 -31.55
C GLU A 86 -0.54 12.96 -31.19
N LEU A 87 -1.75 13.43 -31.52
CA LEU A 87 -2.92 12.60 -31.27
C LEU A 87 -2.93 11.36 -32.15
N LYS A 88 -2.39 11.46 -33.36
CA LYS A 88 -2.24 10.30 -34.24
C LYS A 88 -1.13 9.37 -33.77
N ASN A 89 -0.36 9.75 -32.76
CA ASN A 89 0.65 8.91 -32.16
C ASN A 89 0.30 8.53 -30.72
N PHE A 90 -0.97 8.57 -30.38
CA PHE A 90 -1.46 8.08 -29.10
C PHE A 90 -0.88 6.71 -28.79
N ARG A 91 -0.28 6.58 -27.61
CA ARG A 91 0.24 5.32 -27.08
C ARG A 91 1.45 4.79 -27.83
N GLN A 92 2.10 5.62 -28.65
CA GLN A 92 3.28 5.21 -29.41
C GLN A 92 4.55 5.69 -28.73
N LEU A 93 5.65 4.96 -28.99
CA LEU A 93 6.91 5.26 -28.32
C LEU A 93 7.31 6.72 -28.50
N HIS A 94 7.58 7.38 -27.37
CA HIS A 94 8.10 8.75 -27.28
C HIS A 94 7.12 9.81 -27.75
N SER A 95 5.83 9.49 -27.88
CA SER A 95 4.88 10.53 -28.22
C SER A 95 4.58 11.39 -26.99
N LYS A 96 3.98 12.56 -27.23
CA LYS A 96 3.46 13.39 -26.15
C LYS A 96 2.09 12.93 -25.67
N THR A 97 1.63 11.77 -26.13
CA THR A 97 0.29 11.28 -25.80
C THR A 97 0.37 9.86 -25.25
N PRO A 98 1.01 9.66 -24.10
CA PRO A 98 1.07 8.31 -23.52
C PRO A 98 -0.30 7.82 -23.05
N GLY A 99 -0.39 6.49 -22.88
CA GLY A 99 -1.67 5.86 -22.63
C GLY A 99 -2.39 6.34 -21.38
N HIS A 100 -1.64 6.77 -20.37
CA HIS A 100 -2.16 7.52 -19.25
C HIS A 100 -1.40 8.84 -19.16
N PRO A 101 -2.06 9.93 -18.79
CA PRO A 101 -1.39 11.23 -18.85
C PRO A 101 -0.23 11.30 -17.87
N GLU A 102 0.86 11.92 -18.29
CA GLU A 102 2.07 12.06 -17.48
C GLU A 102 2.47 13.53 -17.41
N VAL A 103 2.63 14.03 -16.17
CA VAL A 103 3.12 15.39 -16.00
C VAL A 103 4.54 15.49 -16.54
N GLY A 104 4.83 16.59 -17.24
CA GLY A 104 6.10 16.75 -17.91
C GLY A 104 6.14 16.27 -19.34
N TYR A 105 5.35 15.26 -19.70
CA TYR A 105 5.37 14.74 -21.06
C TYR A 105 4.58 15.62 -22.04
N THR A 106 3.71 16.47 -21.53
CA THR A 106 2.61 17.01 -22.32
C THR A 106 2.23 18.36 -21.73
N ALA A 107 2.25 19.40 -22.56
CA ALA A 107 1.87 20.72 -22.09
C ALA A 107 0.45 20.71 -21.57
N GLY A 108 0.26 21.18 -20.32
CA GLY A 108 -1.06 21.29 -19.73
C GLY A 108 -1.48 20.14 -18.83
N VAL A 109 -0.77 19.03 -18.83
CA VAL A 109 -1.10 17.92 -17.96
C VAL A 109 -0.55 18.22 -16.56
N GLU A 110 -1.43 18.20 -15.55
CA GLU A 110 -1.06 18.68 -14.23
C GLU A 110 -0.48 17.62 -13.32
N THR A 111 -0.76 16.35 -13.58
CA THR A 111 -0.32 15.26 -12.72
C THR A 111 -0.37 13.99 -13.56
N THR A 112 0.25 12.93 -13.04
CA THR A 112 0.26 11.64 -13.71
C THR A 112 -0.78 10.75 -13.05
N THR A 113 -1.76 10.32 -13.83
CA THR A 113 -2.77 9.44 -13.23
C THR A 113 -2.77 8.11 -13.97
N GLY A 114 -3.75 7.26 -13.65
CA GLY A 114 -3.69 5.87 -14.03
C GLY A 114 -3.97 4.97 -12.84
N PRO A 115 -3.23 5.16 -11.74
CA PRO A 115 -3.60 4.48 -10.49
C PRO A 115 -4.83 5.15 -9.87
N LEU A 116 -5.95 4.42 -9.86
CA LEU A 116 -7.22 5.01 -9.48
C LEU A 116 -7.18 5.55 -8.06
N GLY A 117 -7.86 6.68 -7.86
CA GLY A 117 -7.97 7.32 -6.57
C GLY A 117 -6.91 8.37 -6.31
N GLN A 118 -5.73 8.23 -6.91
CA GLN A 118 -4.66 9.17 -6.59
C GLN A 118 -4.82 10.51 -7.27
N GLY A 119 -5.54 10.59 -8.39
CA GLY A 119 -5.84 11.89 -8.98
C GLY A 119 -6.64 12.78 -8.04
N ILE A 120 -7.73 12.25 -7.47
CA ILE A 120 -8.51 13.09 -6.56
C ILE A 120 -7.68 13.45 -5.33
N ALA A 121 -6.77 12.56 -4.92
CA ALA A 121 -5.87 12.88 -3.81
C ALA A 121 -4.93 14.02 -4.18
N ASN A 122 -4.34 13.97 -5.38
CA ASN A 122 -3.52 15.08 -5.86
C ASN A 122 -4.32 16.38 -5.92
N ALA A 123 -5.59 16.29 -6.34
CA ALA A 123 -6.42 17.49 -6.44
C ALA A 123 -6.68 18.09 -5.07
N VAL A 124 -6.95 17.24 -4.07
CA VAL A 124 -7.10 17.75 -2.71
C VAL A 124 -5.82 18.47 -2.29
N GLY A 125 -4.66 17.91 -2.62
CA GLY A 125 -3.41 18.59 -2.32
C GLY A 125 -3.26 19.92 -3.03
N MET A 126 -3.67 19.98 -4.31
CA MET A 126 -3.61 21.26 -5.03
C MET A 126 -4.54 22.29 -4.42
N ALA A 127 -5.71 21.86 -3.94
CA ALA A 127 -6.63 22.81 -3.33
C ALA A 127 -6.11 23.28 -1.98
N ILE A 128 -5.47 22.38 -1.22
CA ILE A 128 -4.84 22.77 0.03
C ILE A 128 -3.73 23.78 -0.24
N ALA A 129 -2.94 23.54 -1.29
CA ALA A 129 -1.87 24.46 -1.64
C ALA A 129 -2.43 25.83 -2.00
N GLU A 130 -3.48 25.88 -2.81
CA GLU A 130 -4.07 27.17 -3.19
C GLU A 130 -4.60 27.90 -1.96
N LYS A 131 -5.32 27.19 -1.08
CA LYS A 131 -5.91 27.85 0.08
C LYS A 131 -4.82 28.40 1.00
N THR A 132 -3.77 27.61 1.21
CA THR A 132 -2.68 27.99 2.10
C THR A 132 -1.84 29.12 1.50
N LEU A 133 -1.53 29.01 0.20
CA LEU A 133 -0.76 30.06 -0.46
C LEU A 133 -1.53 31.37 -0.50
N ALA A 134 -2.86 31.31 -0.69
CA ALA A 134 -3.68 32.53 -0.64
C ALA A 134 -3.62 33.17 0.74
N ALA A 135 -3.75 32.35 1.78
CA ALA A 135 -3.68 32.88 3.15
C ALA A 135 -2.32 33.49 3.44
N GLN A 136 -1.26 32.89 2.89
CA GLN A 136 0.08 33.42 3.21
C GLN A 136 0.38 34.71 2.45
N PHE A 137 -0.05 34.80 1.19
CA PHE A 137 0.42 35.89 0.34
C PHE A 137 -0.60 36.97 0.02
N ASN A 138 -1.89 36.65 -0.04
CA ASN A 138 -2.86 37.70 -0.35
C ASN A 138 -2.84 38.80 0.70
N ARG A 139 -3.08 40.02 0.25
CA ARG A 139 -3.08 41.21 1.08
C ARG A 139 -4.29 42.05 0.68
N PRO A 140 -4.76 42.94 1.56
CA PRO A 140 -5.94 43.75 1.23
C PRO A 140 -5.73 44.52 -0.07
N GLY A 141 -6.69 44.37 -0.99
CA GLY A 141 -6.59 44.96 -2.30
C GLY A 141 -5.69 44.23 -3.28
N HIS A 142 -5.09 43.11 -2.86
CA HIS A 142 -4.08 42.38 -3.68
C HIS A 142 -4.28 40.87 -3.47
N ASP A 143 -5.28 40.30 -4.14
CA ASP A 143 -5.56 38.86 -4.02
C ASP A 143 -4.91 38.13 -5.19
N ILE A 144 -3.59 37.96 -5.10
CA ILE A 144 -2.83 37.39 -6.21
C ILE A 144 -3.01 35.88 -6.33
N VAL A 145 -3.51 35.20 -5.32
CA VAL A 145 -3.82 33.77 -5.39
C VAL A 145 -5.33 33.61 -5.34
N ASP A 146 -5.91 33.05 -6.40
CA ASP A 146 -7.35 32.84 -6.49
C ASP A 146 -7.67 31.94 -7.66
N HIS A 147 -7.65 30.62 -7.44
CA HIS A 147 -7.98 29.72 -8.53
C HIS A 147 -8.64 28.46 -7.98
N TYR A 148 -9.35 27.78 -8.87
CA TYR A 148 -10.12 26.59 -8.54
C TYR A 148 -9.33 25.33 -8.86
N THR A 149 -9.73 24.24 -8.22
CA THR A 149 -9.23 22.91 -8.54
C THR A 149 -10.42 22.06 -8.96
N TYR A 150 -10.40 21.60 -10.21
CA TYR A 150 -11.49 20.78 -10.76
C TYR A 150 -10.97 19.36 -11.00
N ALA A 151 -11.76 18.36 -10.61
CA ALA A 151 -11.36 16.97 -10.80
C ALA A 151 -12.49 16.16 -11.42
N PHE A 152 -12.14 15.28 -12.36
CA PHE A 152 -13.04 14.27 -12.87
C PHE A 152 -12.66 12.95 -12.21
N MET A 153 -13.66 12.15 -11.80
CA MET A 153 -13.39 10.86 -11.21
C MET A 153 -14.54 9.90 -11.54
N GLY A 154 -14.25 8.60 -11.48
CA GLY A 154 -15.26 7.60 -11.77
C GLY A 154 -15.53 6.62 -10.65
N ASP A 155 -16.18 5.49 -10.96
CA ASP A 155 -16.54 4.53 -9.93
C ASP A 155 -15.30 3.93 -9.28
N GLY A 156 -14.25 3.71 -10.06
CA GLY A 156 -13.04 3.11 -9.52
C GLY A 156 -12.40 3.97 -8.45
N CYS A 157 -12.33 5.28 -8.71
CA CYS A 157 -11.81 6.21 -7.71
C CYS A 157 -12.68 6.21 -6.47
N MET A 158 -14.00 6.17 -6.65
CA MET A 158 -14.92 6.18 -5.51
C MET A 158 -14.83 4.92 -4.67
N MET A 159 -14.55 3.76 -5.28
CA MET A 159 -14.43 2.54 -4.50
C MET A 159 -13.13 2.50 -3.71
N GLU A 160 -12.05 3.06 -4.25
CA GLU A 160 -10.74 2.99 -3.60
C GLU A 160 -10.74 3.67 -2.23
N GLY A 161 -10.04 3.02 -1.28
CA GLY A 161 -9.97 3.57 0.06
C GLY A 161 -9.38 4.96 0.12
N ILE A 162 -8.45 5.28 -0.78
CA ILE A 162 -7.81 6.59 -0.71
C ILE A 162 -8.82 7.70 -0.93
N SER A 163 -9.93 7.43 -1.64
CA SER A 163 -10.93 8.49 -1.80
C SER A 163 -11.55 8.84 -0.47
N HIS A 164 -11.73 7.84 0.41
CA HIS A 164 -12.24 8.12 1.75
C HIS A 164 -11.25 8.95 2.55
N GLU A 165 -9.96 8.63 2.47
CA GLU A 165 -8.98 9.38 3.26
C GLU A 165 -8.96 10.84 2.84
N VAL A 166 -8.84 11.12 1.53
CA VAL A 166 -8.58 12.50 1.12
C VAL A 166 -9.86 13.32 1.06
N CYS A 167 -11.02 12.70 0.78
CA CYS A 167 -12.23 13.49 0.77
C CYS A 167 -12.76 13.76 2.18
N SER A 168 -12.52 12.84 3.12
CA SER A 168 -12.81 13.14 4.52
C SER A 168 -12.01 14.37 4.97
N LEU A 169 -10.72 14.38 4.67
CA LEU A 169 -9.88 15.50 5.07
C LEU A 169 -10.24 16.79 4.32
N ALA A 170 -10.64 16.68 3.06
CA ALA A 170 -11.05 17.87 2.31
C ALA A 170 -12.26 18.53 2.96
N GLY A 171 -13.17 17.71 3.51
CA GLY A 171 -14.31 18.28 4.21
C GLY A 171 -13.88 18.98 5.48
N THR A 172 -12.98 18.38 6.25
CA THR A 172 -12.49 19.00 7.48
C THR A 172 -11.86 20.37 7.18
N LEU A 173 -11.09 20.47 6.10
CA LEU A 173 -10.37 21.70 5.79
C LEU A 173 -11.21 22.67 4.97
N LYS A 174 -12.47 22.34 4.68
CA LYS A 174 -13.43 23.26 4.07
C LYS A 174 -12.90 23.86 2.75
N LEU A 175 -12.47 22.97 1.85
CA LEU A 175 -11.85 23.36 0.59
C LEU A 175 -12.91 23.78 -0.43
N GLY A 176 -13.41 25.00 -0.27
CA GLY A 176 -14.53 25.49 -1.07
C GLY A 176 -14.23 25.68 -2.54
N LYS A 177 -12.96 25.72 -2.92
CA LYS A 177 -12.58 25.88 -4.32
C LYS A 177 -12.27 24.55 -4.99
N LEU A 178 -12.52 23.44 -4.31
CA LEU A 178 -12.39 22.10 -4.89
C LEU A 178 -13.76 21.66 -5.39
N ILE A 179 -13.85 21.35 -6.67
CA ILE A 179 -15.09 20.91 -7.30
C ILE A 179 -14.79 19.64 -8.08
N ALA A 180 -15.44 18.55 -7.71
CA ALA A 180 -15.22 17.25 -8.32
C ALA A 180 -16.46 16.82 -9.08
N PHE A 181 -16.25 16.23 -10.25
CA PHE A 181 -17.33 15.67 -11.07
C PHE A 181 -17.21 14.15 -11.01
N TYR A 182 -18.26 13.50 -10.55
CA TYR A 182 -18.33 12.05 -10.49
C TYR A 182 -19.02 11.55 -11.76
N ASP A 183 -18.29 10.79 -12.58
CA ASP A 183 -18.80 10.13 -13.79
C ASP A 183 -19.63 8.91 -13.35
N ASP A 184 -20.91 9.13 -13.10
CA ASP A 184 -21.82 8.12 -12.56
C ASP A 184 -22.48 7.39 -13.72
N ASN A 185 -21.76 6.41 -14.29
CA ASN A 185 -22.22 5.72 -15.50
C ASN A 185 -22.59 4.26 -15.26
N GLY A 186 -22.47 3.76 -14.03
CA GLY A 186 -22.99 2.44 -13.70
C GLY A 186 -22.16 1.27 -14.18
N ILE A 187 -21.00 1.51 -14.78
CA ILE A 187 -20.20 0.47 -15.42
C ILE A 187 -18.79 0.47 -14.84
N SER A 188 -18.25 -0.71 -14.58
CA SER A 188 -16.81 -0.88 -14.40
C SER A 188 -16.37 -2.10 -15.21
N ILE A 189 -15.13 -2.57 -15.02
CA ILE A 189 -14.59 -3.60 -15.92
C ILE A 189 -15.36 -4.91 -15.78
N ASP A 190 -15.78 -5.25 -14.57
CA ASP A 190 -16.52 -6.49 -14.36
C ASP A 190 -17.97 -6.42 -14.85
N GLY A 191 -18.47 -5.24 -15.22
CA GLY A 191 -19.83 -5.12 -15.69
C GLY A 191 -20.66 -4.07 -14.96
N HIS A 192 -21.94 -4.37 -14.75
CA HIS A 192 -22.83 -3.46 -14.03
C HIS A 192 -22.41 -3.38 -12.56
N VAL A 193 -22.08 -2.17 -12.08
CA VAL A 193 -21.41 -2.05 -10.80
C VAL A 193 -22.29 -2.46 -9.62
N GLU A 194 -23.61 -2.57 -9.80
CA GLU A 194 -24.47 -2.89 -8.66
C GLU A 194 -24.11 -4.22 -8.00
N GLY A 195 -23.38 -5.10 -8.69
CA GLY A 195 -23.00 -6.33 -8.03
C GLY A 195 -21.89 -6.19 -6.99
N TRP A 196 -21.21 -5.05 -6.96
CA TRP A 196 -20.10 -4.84 -6.04
C TRP A 196 -20.02 -3.43 -5.48
N PHE A 197 -20.91 -2.51 -5.88
CA PHE A 197 -20.76 -1.11 -5.50
C PHE A 197 -22.17 -0.54 -5.40
N THR A 198 -22.67 -0.36 -4.17
CA THR A 198 -24.03 0.09 -3.92
C THR A 198 -24.12 1.29 -2.98
N ASP A 199 -23.00 1.96 -2.68
CA ASP A 199 -23.03 3.13 -1.80
C ASP A 199 -24.05 4.15 -2.26
N ASP A 200 -24.69 4.80 -1.28
CA ASP A 200 -25.32 6.10 -1.53
C ASP A 200 -24.17 7.10 -1.46
N THR A 201 -23.51 7.27 -2.62
CA THR A 201 -22.30 8.09 -2.67
C THR A 201 -22.60 9.54 -2.28
N ALA A 202 -23.75 10.08 -2.67
CA ALA A 202 -24.10 11.43 -2.25
C ALA A 202 -24.20 11.54 -0.73
N MET A 203 -24.83 10.57 -0.08
CA MET A 203 -24.92 10.60 1.37
C MET A 203 -23.54 10.45 2.02
N ARG A 204 -22.69 9.58 1.45
CA ARG A 204 -21.33 9.44 1.94
C ARG A 204 -20.59 10.78 1.94
N PHE A 205 -20.69 11.53 0.84
CA PHE A 205 -19.95 12.78 0.77
C PHE A 205 -20.58 13.87 1.61
N GLU A 206 -21.91 13.84 1.80
CA GLU A 206 -22.48 14.75 2.79
C GLU A 206 -21.96 14.44 4.19
N ALA A 207 -21.67 13.17 4.49
CA ALA A 207 -21.09 12.83 5.78
C ALA A 207 -19.70 13.41 5.94
N TYR A 208 -18.99 13.63 4.83
CA TYR A 208 -17.69 14.27 4.87
C TYR A 208 -17.78 15.78 5.01
N GLY A 209 -18.97 16.36 4.93
CA GLY A 209 -19.08 17.81 4.92
C GLY A 209 -18.99 18.44 3.56
N TRP A 210 -19.19 17.67 2.50
CA TRP A 210 -19.20 18.20 1.15
C TRP A 210 -20.58 18.70 0.77
N HIS A 211 -20.60 19.69 -0.12
CA HIS A 211 -21.81 20.09 -0.82
C HIS A 211 -22.00 19.17 -2.02
N VAL A 212 -23.13 18.49 -2.11
CA VAL A 212 -23.36 17.48 -3.15
C VAL A 212 -24.55 17.89 -4.00
N ILE A 213 -24.39 17.84 -5.32
CA ILE A 213 -25.47 18.11 -6.27
C ILE A 213 -25.84 16.79 -6.93
N ARG A 214 -27.04 16.28 -6.64
CA ARG A 214 -27.49 14.99 -7.14
C ARG A 214 -28.12 15.12 -8.53
N ASP A 215 -28.10 14.00 -9.26
CA ASP A 215 -29.01 13.76 -10.39
C ASP A 215 -28.78 14.76 -11.54
N ILE A 216 -27.52 15.06 -11.83
CA ILE A 216 -27.22 15.94 -12.95
C ILE A 216 -27.28 15.13 -14.24
N ASP A 217 -27.98 15.65 -15.24
CA ASP A 217 -27.97 15.02 -16.57
C ASP A 217 -26.64 15.39 -17.23
N GLY A 218 -25.69 14.46 -17.22
CA GLY A 218 -24.35 14.70 -17.75
C GLY A 218 -24.28 14.84 -19.25
N HIS A 219 -25.41 14.74 -19.95
CA HIS A 219 -25.43 14.98 -21.39
C HIS A 219 -26.26 16.20 -21.74
N ASP A 220 -26.56 17.05 -20.76
CA ASP A 220 -27.34 18.26 -20.98
C ASP A 220 -26.53 19.46 -20.51
N ALA A 221 -26.10 20.30 -21.47
CA ALA A 221 -25.24 21.44 -21.13
C ALA A 221 -25.90 22.35 -20.09
N ALA A 222 -27.21 22.59 -20.21
CA ALA A 222 -27.85 23.49 -19.26
C ALA A 222 -27.80 22.93 -17.84
N SER A 223 -28.10 21.64 -17.68
CA SER A 223 -28.03 21.03 -16.35
CA SER A 223 -28.03 21.02 -16.36
C SER A 223 -26.63 21.11 -15.77
N ILE A 224 -25.62 20.84 -16.59
CA ILE A 224 -24.23 20.87 -16.11
C ILE A 224 -23.84 22.27 -15.68
N LYS A 225 -24.13 23.25 -16.53
CA LYS A 225 -23.72 24.63 -16.25
C LYS A 225 -24.36 25.13 -14.96
N ARG A 226 -25.65 24.86 -14.78
CA ARG A 226 -26.34 25.23 -13.55
C ARG A 226 -25.66 24.62 -12.33
N ALA A 227 -25.25 23.35 -12.43
CA ALA A 227 -24.60 22.69 -11.31
C ALA A 227 -23.23 23.31 -11.00
N VAL A 228 -22.45 23.62 -12.03
CA VAL A 228 -21.14 24.23 -11.79
C VAL A 228 -21.29 25.61 -11.14
N GLU A 229 -22.25 26.39 -11.62
CA GLU A 229 -22.52 27.68 -11.00
C GLU A 229 -22.88 27.53 -9.52
N GLU A 230 -23.71 26.55 -9.19
CA GLU A 230 -24.05 26.34 -7.78
C GLU A 230 -22.82 25.95 -6.96
N ALA A 231 -21.96 25.09 -7.51
CA ALA A 231 -20.79 24.63 -6.78
C ALA A 231 -19.81 25.77 -6.54
N ARG A 232 -19.67 26.68 -7.49
CA ARG A 232 -18.75 27.80 -7.31
C ARG A 232 -19.30 28.82 -6.32
N ALA A 233 -20.61 28.86 -6.13
CA ALA A 233 -21.20 29.76 -5.15
C ALA A 233 -21.12 29.24 -3.73
N VAL A 234 -20.80 27.96 -3.53
CA VAL A 234 -20.64 27.38 -2.19
C VAL A 234 -19.15 27.50 -1.85
N THR A 235 -18.80 28.49 -1.03
CA THR A 235 -17.40 28.81 -0.84
C THR A 235 -16.78 28.16 0.40
N ASP A 236 -17.57 27.48 1.23
CA ASP A 236 -17.05 26.93 2.48
C ASP A 236 -17.06 25.41 2.51
N LYS A 237 -17.36 24.77 1.39
CA LYS A 237 -17.40 23.31 1.30
C LYS A 237 -16.89 22.89 -0.07
N PRO A 238 -16.11 21.82 -0.15
CA PRO A 238 -15.85 21.20 -1.45
C PRO A 238 -17.16 20.63 -1.99
N SER A 239 -17.26 20.59 -3.32
CA SER A 239 -18.50 20.21 -3.98
C SER A 239 -18.29 18.95 -4.83
N LEU A 240 -19.29 18.07 -4.81
CA LEU A 240 -19.32 16.88 -5.64
C LEU A 240 -20.54 16.97 -6.54
N LEU A 241 -20.31 16.90 -7.86
CA LEU A 241 -21.38 16.92 -8.85
C LEU A 241 -21.62 15.49 -9.34
N MET A 242 -22.82 14.97 -9.08
CA MET A 242 -23.17 13.59 -9.45
C MET A 242 -23.70 13.60 -10.89
N CYS A 243 -22.83 13.29 -11.83
CA CYS A 243 -23.17 13.44 -13.25
C CYS A 243 -23.56 12.07 -13.82
N LYS A 244 -24.85 11.88 -14.08
CA LYS A 244 -25.30 10.67 -14.75
C LYS A 244 -24.87 10.71 -16.22
N THR A 245 -24.04 9.75 -16.63
CA THR A 245 -23.57 9.70 -18.01
C THR A 245 -23.77 8.30 -18.56
N ILE A 246 -23.68 8.20 -19.88
CA ILE A 246 -23.70 6.93 -20.60
C ILE A 246 -22.29 6.70 -21.11
N ILE A 247 -21.62 5.65 -20.63
CA ILE A 247 -20.28 5.37 -21.09
C ILE A 247 -20.33 5.05 -22.58
N GLY A 248 -19.35 5.56 -23.33
CA GLY A 248 -19.36 5.37 -24.77
C GLY A 248 -20.51 6.04 -25.49
N PHE A 249 -21.08 7.10 -24.91
CA PHE A 249 -22.19 7.83 -25.53
C PHE A 249 -21.94 8.08 -27.00
N GLY A 250 -22.94 7.74 -27.84
CA GLY A 250 -22.85 7.88 -29.27
C GLY A 250 -22.78 6.55 -30.01
N SER A 251 -22.23 5.52 -29.39
CA SER A 251 -22.10 4.20 -29.99
C SER A 251 -23.41 3.43 -29.87
N PRO A 252 -24.06 3.13 -31.00
CA PRO A 252 -25.35 2.42 -30.93
C PRO A 252 -25.26 1.10 -30.20
N ASN A 253 -24.15 0.37 -30.35
CA ASN A 253 -24.06 -0.99 -29.85
C ASN A 253 -23.17 -1.16 -28.63
N LYS A 254 -22.35 -0.18 -28.29
CA LYS A 254 -21.48 -0.31 -27.12
C LYS A 254 -21.69 0.75 -26.05
N ALA A 255 -22.50 1.78 -26.31
CA ALA A 255 -22.84 2.72 -25.25
C ALA A 255 -23.51 1.97 -24.10
N GLY A 256 -23.15 2.36 -22.87
CA GLY A 256 -23.71 1.74 -21.69
C GLY A 256 -23.24 0.33 -21.42
N THR A 257 -22.18 -0.14 -22.08
CA THR A 257 -21.67 -1.48 -21.88
C THR A 257 -20.23 -1.43 -21.42
N HIS A 258 -19.81 -2.47 -20.70
CA HIS A 258 -18.40 -2.58 -20.30
C HIS A 258 -17.50 -2.72 -21.52
N ASP A 259 -18.06 -3.11 -22.67
CA ASP A 259 -17.25 -3.27 -23.87
C ASP A 259 -16.62 -1.96 -24.32
N SER A 260 -17.27 -0.83 -24.05
CA SER A 260 -16.72 0.46 -24.46
C SER A 260 -15.67 0.98 -23.49
N HIS A 261 -15.43 0.30 -22.36
CA HIS A 261 -14.52 0.85 -21.36
C HIS A 261 -13.08 0.90 -21.88
N GLY A 262 -12.56 -0.20 -22.41
CA GLY A 262 -11.12 -0.33 -22.52
C GLY A 262 -10.59 -0.97 -23.78
N ALA A 263 -11.35 -0.93 -24.87
CA ALA A 263 -10.92 -1.49 -26.13
C ALA A 263 -11.40 -0.60 -27.26
N PRO A 264 -10.69 -0.59 -28.39
CA PRO A 264 -11.20 0.13 -29.57
C PRO A 264 -12.62 -0.32 -29.91
N LEU A 265 -13.44 0.65 -30.33
CA LEU A 265 -14.81 0.36 -30.72
C LEU A 265 -14.88 -0.52 -31.95
N GLY A 266 -13.93 -0.39 -32.86
CA GLY A 266 -13.94 -1.10 -34.13
C GLY A 266 -14.38 -0.20 -35.27
N ASP A 267 -13.87 -0.49 -36.47
CA ASP A 267 -14.13 0.39 -37.61
C ASP A 267 -15.62 0.46 -37.93
N ALA A 268 -16.31 -0.67 -37.94
CA ALA A 268 -17.74 -0.65 -38.26
C ALA A 268 -18.51 0.16 -37.22
N GLU A 269 -18.22 -0.05 -35.94
CA GLU A 269 -18.96 0.65 -34.89
C GLU A 269 -18.68 2.15 -34.92
N ILE A 270 -17.45 2.55 -35.22
CA ILE A 270 -17.15 3.97 -35.31
C ILE A 270 -17.96 4.62 -36.41
N ALA A 271 -18.12 3.92 -37.55
CA ALA A 271 -18.95 4.46 -38.62
C ALA A 271 -20.40 4.63 -38.16
N LEU A 272 -20.92 3.65 -37.42
CA LEU A 272 -22.27 3.78 -36.87
C LEU A 272 -22.34 4.91 -35.84
N THR A 273 -21.25 5.15 -35.11
CA THR A 273 -21.23 6.20 -34.12
C THR A 273 -21.22 7.57 -34.78
N ARG A 274 -20.46 7.73 -35.86
CA ARG A 274 -20.51 8.96 -36.64
C ARG A 274 -21.93 9.24 -37.11
N GLU A 275 -22.63 8.20 -37.58
CA GLU A 275 -24.00 8.41 -38.03
C GLU A 275 -24.91 8.83 -36.88
N GLN A 276 -24.76 8.17 -35.74
CA GLN A 276 -25.63 8.48 -34.60
C GLN A 276 -25.38 9.89 -34.07
N LEU A 277 -24.11 10.30 -34.02
CA LEU A 277 -23.76 11.64 -33.57
C LEU A 277 -23.99 12.70 -34.64
N GLY A 278 -24.19 12.30 -35.89
CA GLY A 278 -24.22 13.27 -36.97
C GLY A 278 -22.89 13.96 -37.16
N TRP A 279 -21.79 13.22 -36.99
CA TRP A 279 -20.45 13.77 -37.13
C TRP A 279 -19.96 13.49 -38.55
N LYS A 280 -19.73 14.55 -39.33
CA LYS A 280 -19.49 14.38 -40.75
C LYS A 280 -18.02 14.40 -41.13
N TYR A 281 -17.10 14.52 -40.18
CA TYR A 281 -15.69 14.74 -40.48
C TYR A 281 -14.89 13.45 -40.39
N ALA A 282 -13.87 13.35 -41.25
CA ALA A 282 -13.03 12.17 -41.31
C ALA A 282 -12.14 12.10 -40.06
N PRO A 283 -11.53 10.94 -39.79
CA PRO A 283 -10.65 10.85 -38.63
C PRO A 283 -9.56 11.92 -38.70
N PHE A 284 -9.42 12.66 -37.59
CA PHE A 284 -8.41 13.69 -37.40
C PHE A 284 -8.64 14.91 -38.29
N GLU A 285 -9.88 15.09 -38.74
CA GLU A 285 -10.32 16.31 -39.41
C GLU A 285 -11.18 17.12 -38.43
N ILE A 286 -10.76 18.34 -38.14
CA ILE A 286 -11.52 19.29 -37.34
C ILE A 286 -11.68 20.55 -38.18
N PRO A 287 -12.91 21.02 -38.42
CA PRO A 287 -13.09 22.22 -39.24
C PRO A 287 -12.70 23.48 -38.45
N SER A 288 -12.37 24.53 -39.21
CA SER A 288 -11.84 25.75 -38.60
C SER A 288 -12.84 26.38 -37.64
N GLU A 289 -14.14 26.30 -37.97
CA GLU A 289 -15.15 26.90 -37.10
C GLU A 289 -15.22 26.21 -35.74
N ILE A 290 -14.89 24.92 -35.68
CA ILE A 290 -14.93 24.25 -34.38
C ILE A 290 -13.72 24.63 -33.57
N TYR A 291 -12.55 24.73 -34.21
CA TYR A 291 -11.38 25.28 -33.52
C TYR A 291 -11.66 26.69 -33.02
N ALA A 292 -12.35 27.50 -33.82
CA ALA A 292 -12.63 28.88 -33.43
C ALA A 292 -13.45 28.94 -32.15
N GLN A 293 -14.38 28.01 -31.97
CA GLN A 293 -15.20 28.01 -30.76
C GLN A 293 -14.49 27.40 -29.56
N TRP A 294 -13.53 26.50 -29.80
CA TRP A 294 -12.80 25.84 -28.72
C TRP A 294 -11.58 26.63 -28.26
N ASP A 295 -10.97 27.43 -29.13
CA ASP A 295 -9.63 27.91 -28.84
C ASP A 295 -9.64 28.89 -27.66
N ALA A 296 -8.66 28.73 -26.77
CA ALA A 296 -8.59 29.50 -25.55
C ALA A 296 -7.38 30.45 -25.52
N LYS A 297 -6.67 30.59 -26.64
CA LYS A 297 -5.44 31.38 -26.63
C LYS A 297 -5.72 32.86 -26.38
N GLU A 298 -6.68 33.44 -27.11
CA GLU A 298 -6.97 34.86 -26.95
C GLU A 298 -7.46 35.18 -25.55
N ALA A 299 -8.48 34.46 -25.07
CA ALA A 299 -9.03 34.71 -23.75
C ALA A 299 -8.02 34.39 -22.65
N GLY A 300 -7.25 33.31 -22.82
CA GLY A 300 -6.30 32.91 -21.79
C GLY A 300 -5.15 33.89 -21.66
N GLN A 301 -4.68 34.44 -22.79
CA GLN A 301 -3.62 35.43 -22.70
C GLN A 301 -4.13 36.71 -22.06
N ALA A 302 -5.36 37.11 -22.38
CA ALA A 302 -5.97 38.27 -21.74
C ALA A 302 -6.04 38.09 -20.24
N LYS A 303 -6.42 36.89 -19.79
CA LYS A 303 -6.58 36.67 -18.35
C LYS A 303 -5.21 36.64 -17.66
N GLU A 304 -4.21 36.05 -18.30
CA GLU A 304 -2.91 36.00 -17.65
C GLU A 304 -2.25 37.38 -17.65
N SER A 305 -2.45 38.17 -18.71
CA SER A 305 -1.89 39.53 -18.72
C SER A 305 -2.54 40.38 -17.63
N ALA A 306 -3.85 40.24 -17.45
CA ALA A 306 -4.52 40.93 -16.34
C ALA A 306 -3.92 40.53 -15.00
N TRP A 307 -3.59 39.25 -14.83
CA TRP A 307 -2.98 38.79 -13.58
C TRP A 307 -1.55 39.31 -13.45
N ASN A 308 -0.80 39.35 -14.54
CA ASN A 308 0.55 39.90 -14.50
C ASN A 308 0.53 41.35 -14.02
N GLU A 309 -0.45 42.13 -14.49
CA GLU A 309 -0.55 43.51 -14.05
C GLU A 309 -0.94 43.59 -12.59
N LYS A 310 -1.79 42.65 -12.14
CA LYS A 310 -2.15 42.58 -10.73
C LYS A 310 -0.94 42.22 -9.88
N PHE A 311 -0.12 41.28 -10.34
CA PHE A 311 1.07 40.90 -9.58
C PHE A 311 2.07 42.04 -9.52
N ALA A 312 2.19 42.81 -10.61
CA ALA A 312 3.12 43.94 -10.61
C ALA A 312 2.74 44.96 -9.56
N ALA A 313 1.44 45.24 -9.42
CA ALA A 313 0.99 46.17 -8.40
C ALA A 313 1.20 45.60 -7.01
N TYR A 314 0.99 44.29 -6.85
CA TYR A 314 1.35 43.63 -5.60
C TYR A 314 2.82 43.82 -5.26
N ALA A 315 3.69 43.64 -6.26
CA ALA A 315 5.13 43.74 -6.02
C ALA A 315 5.54 45.15 -5.62
N LYS A 316 4.86 46.17 -6.15
CA LYS A 316 5.15 47.53 -5.72
C LYS A 316 4.82 47.73 -4.25
N ALA A 317 3.67 47.19 -3.81
CA ALA A 317 3.25 47.38 -2.43
C ALA A 317 3.96 46.43 -1.47
N TYR A 318 4.30 45.23 -1.92
CA TYR A 318 4.85 44.17 -1.08
C TYR A 318 6.05 43.54 -1.77
N PRO A 319 7.15 44.28 -1.90
CA PRO A 319 8.27 43.76 -2.72
C PRO A 319 8.94 42.52 -2.16
N GLN A 320 9.13 42.42 -0.85
CA GLN A 320 9.75 41.22 -0.29
C GLN A 320 8.84 40.01 -0.44
N GLU A 321 7.54 40.19 -0.24
CA GLU A 321 6.59 39.08 -0.39
C GLU A 321 6.50 38.63 -1.84
N ALA A 322 6.51 39.56 -2.78
CA ALA A 322 6.47 39.18 -4.19
C ALA A 322 7.71 38.41 -4.60
N ALA A 323 8.89 38.82 -4.11
CA ALA A 323 10.10 38.08 -4.40
C ALA A 323 10.02 36.65 -3.85
N GLU A 324 9.47 36.48 -2.65
CA GLU A 324 9.31 35.14 -2.10
C GLU A 324 8.33 34.32 -2.90
N PHE A 325 7.23 34.94 -3.33
CA PHE A 325 6.24 34.23 -4.14
C PHE A 325 6.88 33.69 -5.41
N THR A 326 7.63 34.54 -6.11
CA THR A 326 8.31 34.11 -7.33
C THR A 326 9.30 32.98 -7.05
N ARG A 327 10.14 33.15 -6.02
CA ARG A 327 11.11 32.11 -5.66
C ARG A 327 10.40 30.79 -5.37
N ARG A 328 9.35 30.84 -4.56
CA ARG A 328 8.70 29.60 -4.14
C ARG A 328 7.92 28.95 -5.26
N MET A 329 7.27 29.75 -6.12
CA MET A 329 6.55 29.14 -7.25
C MET A 329 7.50 28.48 -8.22
N LYS A 330 8.71 29.04 -8.38
CA LYS A 330 9.73 28.44 -9.23
C LYS A 330 10.44 27.26 -8.57
N GLY A 331 10.24 27.05 -7.27
CA GLY A 331 10.89 25.96 -6.59
C GLY A 331 12.36 26.18 -6.30
N GLU A 332 12.82 27.43 -6.35
CA GLU A 332 14.21 27.74 -6.06
C GLU A 332 14.46 27.78 -4.55
N MET A 333 15.69 27.43 -4.16
CA MET A 333 16.07 27.49 -2.76
C MET A 333 16.58 28.89 -2.41
N PRO A 334 16.47 29.29 -1.14
CA PRO A 334 17.08 30.56 -0.73
C PRO A 334 18.57 30.55 -1.01
N SER A 335 19.10 31.70 -1.44
CA SER A 335 20.46 31.71 -1.96
C SER A 335 21.49 31.37 -0.89
N ASP A 336 21.21 31.67 0.37
CA ASP A 336 22.15 31.36 1.44
C ASP A 336 21.83 30.08 2.18
N PHE A 337 20.92 29.25 1.68
CA PHE A 337 20.55 28.05 2.42
C PHE A 337 21.71 27.06 2.51
N ASP A 338 22.39 26.83 1.39
CA ASP A 338 23.50 25.89 1.36
C ASP A 338 24.54 26.23 2.42
N ALA A 339 24.96 27.50 2.46
CA ALA A 339 25.97 27.90 3.43
C ALA A 339 25.46 27.80 4.86
N LYS A 340 24.20 28.18 5.09
CA LYS A 340 23.69 28.13 6.46
C LYS A 340 23.50 26.68 6.92
N ALA A 341 23.09 25.79 6.02
CA ALA A 341 22.91 24.40 6.39
C ALA A 341 24.24 23.72 6.64
N LYS A 342 25.26 24.02 5.83
CA LYS A 342 26.60 23.49 6.10
C LYS A 342 27.13 23.98 7.44
N GLU A 343 26.85 25.23 7.80
CA GLU A 343 27.25 25.73 9.11
C GLU A 343 26.59 24.93 10.23
N PHE A 344 25.30 24.60 10.05
CA PHE A 344 24.60 23.80 11.05
C PHE A 344 25.21 22.42 11.19
N ILE A 345 25.51 21.78 10.06
CA ILE A 345 26.09 20.44 10.05
C ILE A 345 27.45 20.46 10.75
N ALA A 346 28.26 21.48 10.48
CA ALA A 346 29.58 21.56 11.10
C ALA A 346 29.46 21.76 12.61
N LYS A 347 28.49 22.59 13.04
CA LYS A 347 28.27 22.77 14.48
C LYS A 347 27.90 21.43 15.14
N LEU A 348 27.11 20.60 14.46
CA LEU A 348 26.72 19.33 15.05
C LEU A 348 27.93 18.40 15.21
N GLN A 349 28.78 18.33 14.20
CA GLN A 349 29.96 17.47 14.29
C GLN A 349 30.87 17.92 15.43
N ALA A 350 30.96 19.23 15.65
CA ALA A 350 31.85 19.77 16.69
C ALA A 350 31.25 19.68 18.10
N ASN A 351 29.96 19.37 18.23
CA ASN A 351 29.28 19.38 19.53
C ASN A 351 28.48 18.09 19.66
N PRO A 352 29.13 16.98 20.03
CA PRO A 352 28.51 15.67 19.89
C PRO A 352 27.35 15.47 20.84
N ALA A 353 26.36 14.72 20.36
CA ALA A 353 25.17 14.37 21.14
C ALA A 353 24.75 12.97 20.74
N LYS A 354 24.35 12.19 21.74
CA LYS A 354 23.80 10.86 21.51
C LYS A 354 22.29 10.97 21.63
N ILE A 355 21.62 11.09 20.49
CA ILE A 355 20.16 11.24 20.43
C ILE A 355 19.63 10.31 19.34
N ALA A 356 18.32 10.05 19.39
CA ALA A 356 17.68 9.25 18.36
C ALA A 356 17.70 10.04 17.05
N SER A 357 17.78 9.33 15.93
CA SER A 357 17.82 10.10 14.69
C SER A 357 16.46 10.73 14.39
N ARG A 358 15.37 10.21 14.99
CA ARG A 358 14.12 10.93 14.88
C ARG A 358 14.21 12.29 15.56
N LYS A 359 14.95 12.38 16.68
CA LYS A 359 15.16 13.67 17.33
C LYS A 359 16.11 14.55 16.52
N ALA A 360 17.15 13.94 15.95
CA ALA A 360 18.02 14.71 15.07
C ALA A 360 17.25 15.25 13.88
N SER A 361 16.24 14.51 13.42
CA SER A 361 15.37 14.99 12.35
C SER A 361 14.61 16.22 12.81
N GLN A 362 13.97 16.14 13.98
CA GLN A 362 13.27 17.30 14.52
C GLN A 362 14.21 18.48 14.66
N ASN A 363 15.45 18.24 15.08
CA ASN A 363 16.41 19.34 15.21
C ASN A 363 16.75 19.95 13.86
N ALA A 364 16.77 19.15 12.79
CA ALA A 364 17.02 19.73 11.47
C ALA A 364 15.83 20.53 10.98
N ILE A 365 14.62 20.08 11.30
CA ILE A 365 13.43 20.87 10.95
C ILE A 365 13.47 22.21 11.67
N GLU A 366 13.86 22.19 12.95
CA GLU A 366 13.96 23.43 13.72
C GLU A 366 15.00 24.37 13.12
N ALA A 367 16.13 23.81 12.67
CA ALA A 367 17.17 24.67 12.09
C ALA A 367 16.78 25.20 10.71
N PHE A 368 16.12 24.39 9.89
CA PHE A 368 15.79 24.79 8.52
C PHE A 368 14.50 25.58 8.43
N GLY A 369 13.58 25.38 9.38
CA GLY A 369 12.28 26.02 9.37
C GLY A 369 12.30 27.52 9.10
N PRO A 370 13.11 28.28 9.85
CA PRO A 370 13.18 29.73 9.59
C PRO A 370 13.71 30.08 8.22
N LEU A 371 14.47 29.17 7.59
CA LEU A 371 15.04 29.42 6.28
C LEU A 371 14.14 29.01 5.13
N LEU A 372 13.18 28.13 5.38
CA LEU A 372 12.34 27.55 4.33
C LEU A 372 10.88 27.75 4.68
N PRO A 373 10.38 28.99 4.52
CA PRO A 373 8.94 29.23 4.76
C PRO A 373 8.03 28.43 3.85
N GLU A 374 8.57 27.85 2.78
CA GLU A 374 7.78 27.00 1.89
C GLU A 374 7.45 25.63 2.49
N PHE A 375 8.03 25.24 3.63
CA PHE A 375 7.67 23.97 4.28
C PHE A 375 6.15 23.87 4.44
N LEU A 376 5.58 22.75 4.04
CA LEU A 376 4.18 22.42 4.41
C LEU A 376 4.24 20.95 4.83
N GLY A 377 4.49 20.73 6.12
CA GLY A 377 4.78 19.43 6.66
C GLY A 377 3.61 18.85 7.44
N GLY A 378 3.73 17.58 7.79
CA GLY A 378 2.69 16.95 8.57
C GLY A 378 3.06 15.53 8.94
N SER A 379 2.20 14.93 9.75
CA SER A 379 2.33 13.54 10.17
C SER A 379 0.94 12.91 10.17
N ALA A 380 0.92 11.60 9.92
CA ALA A 380 -0.33 10.83 9.95
C ALA A 380 -0.63 10.40 11.40
N ASP A 381 -1.07 11.38 12.20
CA ASP A 381 -1.46 11.20 13.61
C ASP A 381 -0.29 10.76 14.49
N LEU A 382 0.95 11.12 14.13
CA LEU A 382 2.09 10.68 14.93
C LEU A 382 3.05 11.82 15.25
N ALA A 383 2.55 13.06 15.31
CA ALA A 383 3.43 14.19 15.63
C ALA A 383 4.26 13.96 16.88
N PRO A 384 3.73 13.44 18.00
CA PRO A 384 4.57 13.24 19.19
C PRO A 384 5.58 12.12 19.08
N SER A 385 5.45 11.24 18.09
CA SER A 385 6.33 10.09 17.92
C SER A 385 7.31 10.26 16.78
N ASN A 386 6.85 10.78 15.63
CA ASN A 386 7.72 11.08 14.51
C ASN A 386 8.55 12.33 14.74
N LEU A 387 8.10 13.23 15.61
CA LEU A 387 8.77 14.49 15.95
C LEU A 387 8.83 15.45 14.76
N THR A 388 7.67 15.73 14.18
CA THR A 388 7.55 16.58 12.99
C THR A 388 7.25 18.04 13.29
N LEU A 389 6.93 18.39 14.54
CA LEU A 389 6.65 19.77 14.92
C LEU A 389 7.94 20.47 15.32
N TRP A 390 8.05 21.74 14.94
CA TRP A 390 9.11 22.62 15.45
C TRP A 390 8.46 23.85 16.05
N SER A 391 9.29 24.75 16.59
CA SER A 391 8.74 25.88 17.36
C SER A 391 7.84 26.76 16.49
N GLY A 392 8.08 26.79 15.19
CA GLY A 392 7.32 27.59 14.26
C GLY A 392 6.20 26.87 13.53
N SER A 393 5.94 25.60 13.86
CA SER A 393 4.82 24.90 13.24
C SER A 393 3.50 25.56 13.62
N LYS A 394 2.63 25.74 12.63
CA LYS A 394 1.27 26.23 12.86
C LYS A 394 0.33 25.42 12.00
N ALA A 395 -0.61 24.70 12.64
CA ALA A 395 -1.52 23.81 11.92
C ALA A 395 -2.51 24.60 11.09
N ILE A 396 -2.73 24.16 9.85
CA ILE A 396 -3.58 24.93 8.95
C ILE A 396 -5.07 24.79 9.26
N ASN A 397 -5.46 23.83 10.10
CA ASN A 397 -6.84 23.79 10.59
C ASN A 397 -7.10 24.85 11.65
N GLU A 398 -6.05 25.41 12.24
CA GLU A 398 -6.15 26.53 13.17
C GLU A 398 -5.87 27.87 12.51
N ASP A 399 -4.95 27.92 11.55
CA ASP A 399 -4.55 29.17 10.91
C ASP A 399 -4.26 28.84 9.46
N ALA A 400 -5.09 29.35 8.54
CA ALA A 400 -4.97 28.96 7.14
C ALA A 400 -3.64 29.36 6.52
N ALA A 401 -2.94 30.35 7.10
CA ALA A 401 -1.63 30.76 6.61
C ALA A 401 -0.49 29.95 7.22
N GLY A 402 -0.81 28.86 7.91
CA GLY A 402 0.19 28.05 8.57
C GLY A 402 0.97 27.14 7.63
N ASN A 403 1.62 26.16 8.23
CA ASN A 403 2.63 25.39 7.52
C ASN A 403 2.64 23.92 7.94
N TYR A 404 1.62 23.45 8.66
CA TYR A 404 1.61 22.10 9.21
C TYR A 404 0.23 21.49 9.00
N ILE A 405 0.18 20.21 8.65
CA ILE A 405 -1.08 19.51 8.42
C ILE A 405 -1.16 18.30 9.35
N HIS A 406 -2.21 18.26 10.17
CA HIS A 406 -2.59 17.05 10.90
C HIS A 406 -3.34 16.15 9.93
N TYR A 407 -2.65 15.15 9.39
CA TYR A 407 -3.25 14.32 8.34
C TYR A 407 -4.20 13.26 8.87
N GLY A 408 -4.22 12.99 10.17
CA GLY A 408 -4.98 11.85 10.66
C GLY A 408 -4.34 10.54 10.25
N VAL A 409 -5.03 9.44 10.56
CA VAL A 409 -4.49 8.11 10.29
C VAL A 409 -4.79 7.74 8.84
N ARG A 410 -4.05 8.38 7.92
CA ARG A 410 -4.32 8.36 6.48
C ARG A 410 -2.99 8.40 5.73
N GLU A 411 -2.22 7.32 5.78
CA GLU A 411 -0.86 7.38 5.22
C GLU A 411 -0.88 7.52 3.71
N PHE A 412 -1.74 6.76 3.03
CA PHE A 412 -1.81 6.78 1.57
C PHE A 412 -2.28 8.13 1.07
N GLY A 413 -3.38 8.62 1.64
CA GLY A 413 -3.90 9.92 1.26
C GLY A 413 -2.95 11.06 1.57
N MET A 414 -2.30 11.00 2.74
CA MET A 414 -1.28 12.00 3.10
C MET A 414 -0.23 12.12 2.01
N THR A 415 0.29 10.98 1.57
CA THR A 415 1.41 11.00 0.63
C THR A 415 0.96 11.47 -0.75
N ALA A 416 -0.22 11.05 -1.20
CA ALA A 416 -0.71 11.51 -2.49
C ALA A 416 -1.18 12.95 -2.43
N ILE A 417 -1.71 13.39 -1.27
CA ILE A 417 -1.98 14.81 -1.08
C ILE A 417 -0.69 15.61 -1.21
N ALA A 418 0.38 15.12 -0.59
CA ALA A 418 1.66 15.82 -0.68
C ALA A 418 2.18 15.87 -2.12
N ASN A 419 1.93 14.81 -2.92
CA ASN A 419 2.26 14.88 -4.33
C ASN A 419 1.54 16.04 -5.00
N GLY A 420 0.26 16.25 -4.66
CA GLY A 420 -0.46 17.39 -5.22
C GLY A 420 0.08 18.72 -4.73
N ILE A 421 0.53 18.77 -3.47
CA ILE A 421 1.13 20.00 -2.95
C ILE A 421 2.42 20.32 -3.70
N SER A 422 3.26 19.31 -3.95
CA SER A 422 4.51 19.59 -4.67
C SER A 422 4.25 19.94 -6.14
N LEU A 423 3.26 19.29 -6.77
CA LEU A 423 2.92 19.60 -8.16
C LEU A 423 2.37 21.01 -8.31
N HIS A 424 1.70 21.53 -7.29
CA HIS A 424 1.06 22.84 -7.41
C HIS A 424 2.09 23.94 -7.57
N GLY A 425 3.21 23.82 -6.88
CA GLY A 425 4.17 24.91 -6.77
C GLY A 425 3.90 25.75 -5.53
N GLY A 426 4.98 26.30 -4.97
CA GLY A 426 4.90 27.19 -3.83
C GLY A 426 5.33 26.59 -2.52
N PHE A 427 5.45 25.27 -2.44
CA PHE A 427 5.70 24.60 -1.17
C PHE A 427 6.75 23.50 -1.33
N LEU A 428 7.27 23.08 -0.19
CA LEU A 428 8.13 21.90 -0.07
C LEU A 428 7.45 21.03 0.98
N PRO A 429 6.75 19.98 0.58
CA PRO A 429 6.03 19.16 1.56
C PRO A 429 6.94 18.14 2.22
N TYR A 430 6.71 17.91 3.51
CA TYR A 430 7.22 16.71 4.15
C TYR A 430 6.08 15.97 4.81
N THR A 431 6.18 14.65 4.80
CA THR A 431 5.15 13.78 5.36
C THR A 431 5.83 12.81 6.32
N SER A 432 5.04 12.13 7.17
CA SER A 432 5.70 11.32 8.16
C SER A 432 4.76 10.26 8.74
N THR A 433 5.34 9.09 9.03
CA THR A 433 4.66 8.03 9.76
C THR A 433 5.74 7.06 10.23
N PHE A 434 5.33 6.08 11.02
CA PHE A 434 6.21 4.94 11.30
C PHE A 434 6.61 4.27 9.98
N LEU A 435 7.89 3.88 9.87
CA LEU A 435 8.34 3.27 8.62
C LEU A 435 7.45 2.13 8.17
N MET A 436 6.98 1.28 9.09
CA MET A 436 6.17 0.13 8.64
C MET A 436 4.99 0.57 7.79
N PHE A 437 4.37 1.70 8.13
CA PHE A 437 3.13 2.07 7.49
C PHE A 437 3.35 2.88 6.22
N VAL A 438 4.60 3.04 5.79
CA VAL A 438 4.85 3.37 4.38
C VAL A 438 4.23 2.33 3.47
N GLU A 439 4.05 1.09 3.96
CA GLU A 439 3.44 0.08 3.13
C GLU A 439 2.01 0.44 2.76
N TYR A 440 1.33 1.21 3.62
CA TYR A 440 -0.01 1.67 3.27
C TYR A 440 0.01 2.71 2.16
N ALA A 441 1.11 3.44 2.01
CA ALA A 441 1.21 4.52 1.04
C ALA A 441 2.13 4.18 -0.13
N ARG A 442 2.47 2.89 -0.29
CA ARG A 442 3.56 2.51 -1.19
C ARG A 442 3.41 3.08 -2.60
N ASN A 443 2.22 3.02 -3.20
CA ASN A 443 2.15 3.46 -4.59
C ASN A 443 2.21 4.98 -4.72
N ALA A 444 1.82 5.73 -3.68
CA ALA A 444 1.97 7.17 -3.73
C ALA A 444 3.44 7.56 -3.62
N VAL A 445 4.22 6.82 -2.83
CA VAL A 445 5.66 7.01 -2.78
C VAL A 445 6.26 6.76 -4.16
N ARG A 446 5.84 5.66 -4.80
CA ARG A 446 6.32 5.37 -6.15
C ARG A 446 5.95 6.49 -7.13
N MET A 447 4.72 7.00 -7.02
CA MET A 447 4.29 8.06 -7.93
C MET A 447 5.09 9.34 -7.73
N ALA A 448 5.52 9.64 -6.49
CA ALA A 448 6.37 10.81 -6.29
C ALA A 448 7.68 10.66 -7.06
N ALA A 449 8.26 9.45 -7.03
CA ALA A 449 9.48 9.23 -7.78
C ALA A 449 9.24 9.29 -9.28
N LEU A 450 8.16 8.68 -9.75
CA LEU A 450 7.86 8.66 -11.18
C LEU A 450 7.63 10.08 -11.71
N MET A 451 6.95 10.91 -10.92
CA MET A 451 6.66 12.28 -11.33
C MET A 451 7.81 13.24 -11.03
N LYS A 452 8.91 12.76 -10.48
CA LYS A 452 10.10 13.57 -10.20
C LYS A 452 9.80 14.74 -9.27
N GLN A 453 9.06 14.43 -8.20
CA GLN A 453 8.54 15.43 -7.27
C GLN A 453 9.38 15.48 -6.01
N ARG A 454 9.69 16.70 -5.56
CA ARG A 454 10.39 16.93 -4.31
C ARG A 454 9.43 16.77 -3.13
N GLN A 455 9.68 15.78 -2.28
CA GLN A 455 8.93 15.57 -1.05
C GLN A 455 9.86 14.84 -0.11
N VAL A 456 9.96 15.31 1.14
CA VAL A 456 10.77 14.65 2.15
C VAL A 456 9.85 13.76 2.96
N MET A 457 10.18 12.46 3.02
CA MET A 457 9.37 11.47 3.70
C MET A 457 10.11 11.03 4.96
N VAL A 458 9.54 11.32 6.11
CA VAL A 458 10.19 11.17 7.40
C VAL A 458 9.62 9.90 8.04
N TYR A 459 10.39 8.80 7.97
CA TYR A 459 9.90 7.48 8.43
C TYR A 459 10.68 7.07 9.68
N THR A 460 10.00 7.03 10.82
CA THR A 460 10.68 6.76 12.08
C THR A 460 10.36 5.36 12.58
N HIS A 461 11.10 4.96 13.61
CA HIS A 461 10.93 3.65 14.26
C HIS A 461 11.23 2.54 13.24
N ASP A 462 12.52 2.45 12.90
CA ASP A 462 12.94 1.88 11.64
C ASP A 462 13.33 0.40 11.70
N SER A 463 13.30 -0.22 12.88
CA SER A 463 13.80 -1.59 12.99
C SER A 463 13.25 -2.22 14.27
N ILE A 464 13.73 -3.43 14.55
CA ILE A 464 13.47 -4.08 15.82
C ILE A 464 13.88 -3.22 17.01
N GLY A 465 14.67 -2.17 16.78
CA GLY A 465 15.05 -1.24 17.83
C GLY A 465 13.88 -0.50 18.44
N LEU A 466 12.70 -0.55 17.81
CA LEU A 466 11.51 0.03 18.43
C LEU A 466 10.97 -0.83 19.57
N GLY A 467 11.33 -2.11 19.61
CA GLY A 467 11.01 -2.93 20.78
C GLY A 467 9.63 -3.54 20.83
N GLU A 468 8.90 -3.27 21.92
CA GLU A 468 7.83 -4.15 22.37
C GLU A 468 6.60 -4.17 21.44
N ASP A 469 6.42 -3.20 20.56
CA ASP A 469 5.23 -3.24 19.70
C ASP A 469 5.22 -4.45 18.77
N GLY A 470 6.38 -5.03 18.47
CA GLY A 470 6.40 -6.34 17.86
C GLY A 470 6.37 -6.37 16.34
N PRO A 471 6.19 -7.57 15.78
CA PRO A 471 6.47 -7.78 14.35
C PRO A 471 5.52 -7.07 13.39
N THR A 472 4.30 -6.71 13.79
CA THR A 472 3.45 -5.93 12.91
C THR A 472 3.95 -4.50 12.71
N HIS A 473 4.84 -4.04 13.60
CA HIS A 473 5.36 -2.68 13.58
C HIS A 473 6.82 -2.61 13.19
N GLN A 474 7.59 -3.68 13.39
CA GLN A 474 9.03 -3.64 13.21
C GLN A 474 9.43 -3.82 11.75
N PRO A 475 9.94 -2.78 11.09
CA PRO A 475 10.34 -2.92 9.69
C PRO A 475 11.46 -3.93 9.54
N VAL A 476 11.43 -4.66 8.43
CA VAL A 476 12.53 -5.56 8.10
C VAL A 476 12.91 -5.33 6.64
N GLU A 477 11.93 -5.43 5.75
CA GLU A 477 12.18 -5.40 4.32
C GLU A 477 11.76 -4.09 3.65
N GLN A 478 11.27 -3.10 4.41
CA GLN A 478 10.75 -1.89 3.79
C GLN A 478 11.87 -1.01 3.22
N VAL A 479 13.01 -0.91 3.90
CA VAL A 479 14.08 -0.06 3.39
C VAL A 479 14.61 -0.59 2.07
N ALA A 480 14.79 -1.91 1.99
CA ALA A 480 15.23 -2.52 0.73
C ALA A 480 14.25 -2.21 -0.41
N SER A 481 12.96 -2.15 -0.11
CA SER A 481 11.96 -1.82 -1.12
C SER A 481 12.14 -0.39 -1.64
N LEU A 482 12.40 0.55 -0.74
CA LEU A 482 12.67 1.92 -1.16
C LEU A 482 13.97 2.01 -1.95
N ARG A 483 14.99 1.24 -1.56
CA ARG A 483 16.31 1.39 -2.18
C ARG A 483 16.31 0.97 -3.64
N VAL A 484 15.44 0.04 -4.03
CA VAL A 484 15.41 -0.40 -5.42
C VAL A 484 14.32 0.33 -6.23
N THR A 485 13.70 1.35 -5.65
CA THR A 485 12.70 2.12 -6.40
C THR A 485 13.41 3.15 -7.28
N PRO A 486 13.18 3.15 -8.59
CA PRO A 486 13.86 4.14 -9.45
C PRO A 486 13.55 5.56 -9.01
N ASN A 487 14.60 6.39 -8.99
CA ASN A 487 14.53 7.82 -8.66
C ASN A 487 14.13 8.09 -7.21
N MET A 488 14.16 7.09 -6.33
CA MET A 488 14.02 7.33 -4.91
C MET A 488 15.39 7.55 -4.28
N SER A 489 15.47 8.50 -3.35
CA SER A 489 16.65 8.64 -2.51
C SER A 489 16.29 8.18 -1.10
N THR A 490 17.12 7.32 -0.53
CA THR A 490 16.85 6.74 0.79
C THR A 490 18.08 6.92 1.68
N TRP A 491 17.88 7.52 2.85
CA TRP A 491 18.95 7.82 3.80
C TRP A 491 18.64 7.15 5.14
N ARG A 492 19.61 6.42 5.69
CA ARG A 492 19.49 5.82 7.02
C ARG A 492 20.65 6.33 7.86
N PRO A 493 20.51 7.51 8.45
CA PRO A 493 21.65 8.15 9.11
C PRO A 493 22.03 7.47 10.41
N CYS A 494 23.33 7.50 10.71
CA CYS A 494 23.85 6.81 11.88
C CYS A 494 24.00 7.69 13.10
N ASP A 495 23.86 9.02 12.97
CA ASP A 495 23.92 9.93 14.12
C ASP A 495 23.28 11.26 13.71
N GLN A 496 23.36 12.25 14.60
CA GLN A 496 22.67 13.51 14.34
C GLN A 496 23.30 14.29 13.19
N VAL A 497 24.59 14.04 12.91
CA VAL A 497 25.26 14.72 11.80
C VAL A 497 24.78 14.16 10.47
N GLU A 498 24.85 12.82 10.31
CA GLU A 498 24.31 12.22 9.10
C GLU A 498 22.83 12.57 8.91
N SER A 499 22.07 12.73 10.00
CA SER A 499 20.66 13.08 9.87
C SER A 499 20.50 14.47 9.27
N ALA A 500 21.33 15.43 9.68
CA ALA A 500 21.27 16.77 9.13
C ALA A 500 21.69 16.79 7.66
N VAL A 501 22.73 16.02 7.30
CA VAL A 501 23.14 15.94 5.91
C VAL A 501 22.02 15.36 5.05
N ALA A 502 21.34 14.32 5.55
CA ALA A 502 20.26 13.69 4.80
C ALA A 502 19.09 14.66 4.59
N TRP A 503 18.72 15.40 5.63
CA TRP A 503 17.70 16.43 5.48
C TRP A 503 18.10 17.48 4.46
N LYS A 504 19.36 17.93 4.49
CA LYS A 504 19.80 18.91 3.50
C LYS A 504 19.73 18.34 2.09
N TYR A 505 20.16 17.09 1.91
CA TYR A 505 20.06 16.42 0.62
C TYR A 505 18.62 16.37 0.14
N GLY A 506 17.69 16.05 1.04
CA GLY A 506 16.29 15.93 0.65
C GLY A 506 15.69 17.24 0.20
N VAL A 507 15.95 18.32 0.92
CA VAL A 507 15.30 19.58 0.54
C VAL A 507 15.96 20.18 -0.69
N GLU A 508 17.20 19.81 -0.99
CA GLU A 508 17.87 20.31 -2.17
C GLU A 508 17.65 19.46 -3.41
N ARG A 509 17.00 18.30 -3.29
CA ARG A 509 16.65 17.55 -4.48
C ARG A 509 15.67 18.37 -5.33
N GLN A 510 15.93 18.45 -6.63
CA GLN A 510 15.03 19.16 -7.52
C GLN A 510 14.19 18.23 -8.37
N ASP A 511 14.44 16.92 -8.31
CA ASP A 511 13.84 16.04 -9.30
C ASP A 511 13.36 14.72 -8.71
N GLY A 512 13.12 14.66 -7.41
CA GLY A 512 12.59 13.45 -6.82
C GLY A 512 12.51 13.50 -5.31
N PRO A 513 11.91 12.48 -4.72
CA PRO A 513 11.67 12.46 -3.28
C PRO A 513 12.83 11.84 -2.52
N THR A 514 12.80 12.04 -1.20
CA THR A 514 13.86 11.57 -0.31
C THR A 514 13.21 10.99 0.93
N ALA A 515 13.51 9.72 1.20
CA ALA A 515 12.98 9.04 2.39
C ALA A 515 14.06 8.99 3.45
N LEU A 516 13.73 9.45 4.65
CA LEU A 516 14.62 9.44 5.81
C LEU A 516 14.21 8.29 6.72
N ILE A 517 15.16 7.43 7.04
CA ILE A 517 14.93 6.19 7.81
C ILE A 517 15.53 6.42 9.19
N LEU A 518 14.65 6.59 10.20
CA LEU A 518 15.04 7.20 11.48
C LEU A 518 14.75 6.26 12.64
N SER A 519 15.63 6.29 13.65
CA SER A 519 15.56 5.36 14.77
C SER A 519 14.65 5.88 15.87
N ARG A 520 14.06 4.94 16.61
CA ARG A 520 13.43 5.28 17.88
C ARG A 520 14.48 5.59 18.95
N GLN A 521 15.55 4.81 19.01
CA GLN A 521 16.51 4.80 20.10
C GLN A 521 17.72 5.69 19.83
N ASN A 522 18.43 6.02 20.91
CA ASN A 522 19.57 6.92 20.85
C ASN A 522 20.74 6.32 20.07
N LEU A 523 21.37 7.14 19.24
CA LEU A 523 22.49 6.73 18.41
C LEU A 523 23.73 7.53 18.77
N ALA A 524 24.85 6.84 19.02
CA ALA A 524 26.08 7.54 19.36
C ALA A 524 26.61 8.33 18.17
N GLN A 525 27.23 9.47 18.46
CA GLN A 525 27.82 10.27 17.39
C GLN A 525 29.23 9.76 17.08
N GLN A 526 29.53 9.70 15.79
CA GLN A 526 30.84 9.26 15.33
C GLN A 526 31.78 10.44 15.11
N GLU A 527 33.05 10.24 15.44
CA GLU A 527 34.08 11.23 15.15
C GLU A 527 34.37 11.27 13.65
N ARG A 528 34.59 12.48 13.13
CA ARG A 528 34.86 12.63 11.70
C ARG A 528 35.89 13.72 11.48
N THR A 529 36.80 13.46 10.53
CA THR A 529 37.64 14.51 9.99
C THR A 529 36.82 15.44 9.09
N GLU A 530 37.43 16.57 8.72
CA GLU A 530 36.78 17.46 7.76
C GLU A 530 36.44 16.74 6.46
N GLU A 531 37.34 15.86 6.00
CA GLU A 531 37.08 15.16 4.74
C GLU A 531 35.92 14.18 4.88
N GLN A 532 35.90 13.41 5.98
CA GLN A 532 34.77 12.50 6.23
C GLN A 532 33.46 13.26 6.35
N LEU A 533 33.49 14.39 7.06
CA LEU A 533 32.28 15.21 7.21
C LEU A 533 31.72 15.61 5.86
N ALA A 534 32.59 16.06 4.96
CA ALA A 534 32.15 16.47 3.64
C ALA A 534 31.71 15.29 2.80
N ASN A 535 32.21 14.09 3.08
CA ASN A 535 31.85 12.93 2.27
C ASN A 535 30.58 12.23 2.73
N ILE A 536 29.95 12.65 3.84
CA ILE A 536 28.65 12.06 4.21
C ILE A 536 27.67 12.19 3.05
N ALA A 537 27.67 13.36 2.40
CA ALA A 537 26.73 13.61 1.32
C ALA A 537 26.99 12.77 0.09
N ARG A 538 28.13 12.08 0.02
CA ARG A 538 28.36 11.13 -1.07
C ARG A 538 27.73 9.77 -0.80
N GLY A 539 27.00 9.61 0.30
CA GLY A 539 26.18 8.42 0.53
C GLY A 539 26.91 7.25 1.16
N GLY A 540 28.19 7.07 0.87
CA GLY A 540 28.99 6.02 1.47
C GLY A 540 30.39 6.55 1.62
N TYR A 541 31.02 6.34 2.78
CA TYR A 541 32.36 6.89 2.97
C TYR A 541 33.11 6.04 4.00
N VAL A 542 34.43 6.17 3.99
CA VAL A 542 35.27 5.45 4.94
C VAL A 542 35.22 6.17 6.29
N LEU A 543 34.67 5.48 7.29
CA LEU A 543 34.56 6.03 8.64
C LEU A 543 35.72 5.63 9.55
N LYS A 544 36.15 4.35 9.47
CA LYS A 544 37.30 3.84 10.19
C LYS A 544 38.19 3.10 9.19
N ASP A 545 39.51 3.23 9.33
CA ASP A 545 40.37 2.72 8.28
C ASP A 545 41.58 2.05 8.89
N CYS A 546 42.37 1.46 8.00
CA CYS A 546 43.65 0.84 8.32
C CYS A 546 44.69 1.43 7.40
N ALA A 547 45.96 1.09 7.64
CA ALA A 547 47.03 1.41 6.71
C ALA A 547 47.11 0.33 5.64
N GLY A 548 47.19 0.73 4.39
CA GLY A 548 47.27 -0.22 3.30
C GLY A 548 45.91 -0.75 2.88
N GLN A 549 45.95 -1.77 2.04
CA GLN A 549 44.71 -2.36 1.54
C GLN A 549 44.02 -3.15 2.66
N PRO A 550 42.73 -2.90 2.91
CA PRO A 550 42.05 -3.63 3.99
C PRO A 550 42.00 -5.13 3.75
N GLU A 551 42.06 -5.87 4.84
CA GLU A 551 41.79 -7.30 4.82
C GLU A 551 40.32 -7.60 5.01
N LEU A 552 39.57 -6.68 5.61
CA LEU A 552 38.18 -6.90 5.98
C LEU A 552 37.49 -5.53 5.95
N ILE A 553 36.32 -5.44 5.29
CA ILE A 553 35.55 -4.21 5.29
C ILE A 553 34.17 -4.47 5.87
N PHE A 554 33.82 -3.74 6.92
CA PHE A 554 32.44 -3.69 7.40
C PHE A 554 31.70 -2.59 6.67
N ILE A 555 30.48 -2.89 6.22
CA ILE A 555 29.58 -1.90 5.63
C ILE A 555 28.37 -1.83 6.55
N ALA A 556 28.09 -0.65 7.10
CA ALA A 556 27.00 -0.54 8.05
C ALA A 556 26.19 0.74 7.83
N THR A 557 24.95 0.71 8.32
CA THR A 557 24.04 1.84 8.20
C THR A 557 23.38 2.12 9.53
N GLY A 558 22.92 3.36 9.67
CA GLY A 558 22.03 3.74 10.76
C GLY A 558 22.48 3.27 12.11
N SER A 559 21.56 2.67 12.88
CA SER A 559 21.85 2.27 14.25
C SER A 559 22.92 1.19 14.36
N GLU A 560 23.30 0.53 13.26
CA GLU A 560 24.26 -0.56 13.35
C GLU A 560 25.71 -0.11 13.11
N VAL A 561 25.93 1.17 12.78
CA VAL A 561 27.30 1.65 12.62
C VAL A 561 28.09 1.50 13.92
N GLU A 562 27.47 1.78 15.06
CA GLU A 562 28.18 1.63 16.33
C GLU A 562 28.62 0.17 16.54
N LEU A 563 27.76 -0.78 16.20
CA LEU A 563 28.09 -2.19 16.32
C LEU A 563 29.28 -2.54 15.42
N ALA A 564 29.24 -2.09 14.16
CA ALA A 564 30.34 -2.33 13.24
C ALA A 564 31.64 -1.73 13.73
N VAL A 565 31.58 -0.52 14.31
CA VAL A 565 32.79 0.12 14.84
C VAL A 565 33.36 -0.71 16.00
N ALA A 566 32.48 -1.23 16.87
CA ALA A 566 32.98 -2.03 17.99
C ALA A 566 33.66 -3.30 17.50
N ALA A 567 33.10 -3.95 16.46
CA ALA A 567 33.77 -5.11 15.88
C ALA A 567 35.09 -4.73 15.25
N TYR A 568 35.11 -3.60 14.55
CA TYR A 568 36.36 -3.07 13.99
C TYR A 568 37.41 -2.86 15.07
N GLU A 569 37.02 -2.32 16.23
CA GLU A 569 38.01 -2.11 17.28
C GLU A 569 38.58 -3.42 17.78
N LYS A 570 37.74 -4.47 17.89
CA LYS A 570 38.21 -5.77 18.35
C LYS A 570 39.21 -6.37 17.35
N LEU A 571 38.86 -6.37 16.07
CA LEU A 571 39.74 -6.97 15.08
C LEU A 571 41.00 -6.13 14.89
N THR A 572 40.88 -4.81 14.95
CA THR A 572 42.07 -3.96 14.87
C THR A 572 43.04 -4.26 16.00
N ALA A 573 42.53 -4.45 17.22
CA ALA A 573 43.40 -4.75 18.35
C ALA A 573 44.11 -6.09 18.19
N GLU A 574 43.47 -7.05 17.50
CA GLU A 574 44.12 -8.32 17.17
C GLU A 574 45.18 -8.17 16.09
N GLY A 575 45.21 -7.04 15.38
CA GLY A 575 46.14 -6.84 14.30
C GLY A 575 45.59 -7.06 12.90
N VAL A 576 44.25 -7.08 12.73
CA VAL A 576 43.63 -7.18 11.41
C VAL A 576 43.60 -5.78 10.78
N LYS A 577 43.86 -5.71 9.48
CA LYS A 577 43.65 -4.47 8.72
C LYS A 577 42.19 -4.39 8.35
N ALA A 578 41.42 -3.72 9.21
CA ALA A 578 39.98 -3.61 9.06
C ALA A 578 39.59 -2.18 8.71
N ARG A 579 38.43 -2.05 8.08
CA ARG A 579 37.83 -0.78 7.70
C ARG A 579 36.35 -0.81 8.02
N VAL A 580 35.77 0.35 8.38
CA VAL A 580 34.33 0.51 8.49
C VAL A 580 33.89 1.54 7.47
N VAL A 581 32.94 1.14 6.61
CA VAL A 581 32.27 2.05 5.69
C VAL A 581 30.89 2.36 6.25
N SER A 582 30.58 3.65 6.40
CA SER A 582 29.23 4.06 6.72
C SER A 582 28.51 4.35 5.40
N MET A 583 27.33 3.74 5.22
CA MET A 583 26.59 3.83 3.97
C MET A 583 25.20 4.41 4.23
N PRO A 584 25.11 5.68 4.62
CA PRO A 584 23.76 6.24 4.86
C PRO A 584 22.86 6.27 3.63
N SER A 585 23.41 6.41 2.41
CA SER A 585 22.56 6.39 1.21
C SER A 585 23.23 5.59 0.10
N THR A 586 22.64 4.44 -0.23
CA THR A 586 23.12 3.63 -1.35
C THR A 586 22.94 4.35 -2.68
N ASP A 587 21.86 5.12 -2.84
CA ASP A 587 21.64 5.78 -4.13
C ASP A 587 22.63 6.93 -4.34
N ALA A 588 22.93 7.70 -3.29
CA ALA A 588 23.95 8.74 -3.42
C ALA A 588 25.32 8.13 -3.66
N PHE A 589 25.61 7.00 -3.01
CA PHE A 589 26.89 6.34 -3.24
C PHE A 589 27.00 5.84 -4.67
N ASP A 590 25.94 5.21 -5.17
CA ASP A 590 25.96 4.64 -6.52
C ASP A 590 26.22 5.70 -7.57
N LYS A 591 25.80 6.95 -7.32
CA LYS A 591 25.95 8.02 -8.30
C LYS A 591 27.33 8.66 -8.28
N GLN A 592 28.19 8.26 -7.35
CA GLN A 592 29.55 8.79 -7.29
C GLN A 592 30.41 8.26 -8.43
N ASP A 593 31.49 8.98 -8.69
CA ASP A 593 32.46 8.53 -9.68
C ASP A 593 33.06 7.18 -9.30
N ALA A 594 33.46 6.41 -10.31
CA ALA A 594 33.97 5.07 -10.05
C ALA A 594 35.23 5.09 -9.19
N ALA A 595 36.07 6.12 -9.32
CA ALA A 595 37.26 6.19 -8.49
C ALA A 595 36.92 6.41 -7.03
N TYR A 596 35.88 7.20 -6.76
CA TYR A 596 35.44 7.36 -5.37
C TYR A 596 34.90 6.05 -4.81
N ARG A 597 34.06 5.35 -5.58
CA ARG A 597 33.48 4.11 -5.08
C ARG A 597 34.56 3.06 -4.84
N GLU A 598 35.58 3.04 -5.71
CA GLU A 598 36.72 2.15 -5.52
C GLU A 598 37.52 2.51 -4.28
N SER A 599 37.67 3.81 -3.97
CA SER A 599 38.40 4.19 -2.78
C SER A 599 37.68 3.74 -1.51
N VAL A 600 36.36 3.56 -1.59
CA VAL A 600 35.58 3.15 -0.41
C VAL A 600 35.44 1.64 -0.33
N LEU A 601 35.07 1.00 -1.45
CA LEU A 601 34.91 -0.44 -1.56
C LEU A 601 35.83 -0.95 -2.67
N PRO A 602 37.10 -1.18 -2.38
CA PRO A 602 38.03 -1.61 -3.44
C PRO A 602 37.65 -2.98 -3.99
N LYS A 603 37.74 -3.12 -5.32
CA LYS A 603 37.22 -4.32 -5.96
C LYS A 603 38.01 -5.56 -5.61
N ALA A 604 39.28 -5.41 -5.22
CA ALA A 604 40.10 -6.56 -4.85
C ALA A 604 39.77 -7.10 -3.47
N VAL A 605 39.09 -6.32 -2.63
CA VAL A 605 38.75 -6.76 -1.28
C VAL A 605 37.37 -7.41 -1.34
N THR A 606 37.35 -8.74 -1.21
CA THR A 606 36.10 -9.50 -1.22
C THR A 606 35.57 -9.80 0.17
N ALA A 607 36.41 -9.66 1.20
CA ALA A 607 35.99 -9.97 2.56
C ALA A 607 35.22 -8.77 3.12
N ARG A 608 33.92 -8.76 2.82
CA ARG A 608 33.03 -7.66 3.16
C ARG A 608 31.90 -8.17 4.05
N VAL A 609 31.62 -7.44 5.12
CA VAL A 609 30.60 -7.82 6.09
C VAL A 609 29.60 -6.67 6.19
N ALA A 610 28.38 -6.89 5.73
CA ALA A 610 27.33 -5.89 5.86
C ALA A 610 26.61 -6.10 7.18
N VAL A 611 26.26 -4.99 7.85
CA VAL A 611 25.62 -5.00 9.17
C VAL A 611 24.46 -4.02 9.14
N GLU A 612 23.23 -4.54 9.21
CA GLU A 612 22.03 -3.70 9.20
C GLU A 612 20.83 -4.50 9.73
N ALA A 613 20.04 -3.91 10.62
CA ALA A 613 18.85 -4.58 11.14
C ALA A 613 17.69 -4.47 10.15
N GLY A 614 17.89 -5.10 8.99
CA GLY A 614 16.94 -5.14 7.90
C GLY A 614 17.21 -6.38 7.08
N ILE A 615 16.40 -6.58 6.03
CA ILE A 615 16.45 -7.84 5.30
C ILE A 615 17.83 -8.05 4.67
N ALA A 616 18.38 -9.25 4.87
CA ALA A 616 19.75 -9.52 4.46
C ALA A 616 19.92 -9.48 2.95
N ASP A 617 18.90 -9.89 2.19
CA ASP A 617 19.06 -10.16 0.76
C ASP A 617 19.52 -8.92 -0.01
N TYR A 618 19.19 -7.73 0.48
CA TYR A 618 19.56 -6.52 -0.25
C TYR A 618 21.08 -6.43 -0.41
N TRP A 619 21.83 -6.86 0.60
CA TRP A 619 23.22 -6.46 0.72
C TRP A 619 24.16 -7.26 -0.18
N TYR A 620 23.66 -8.29 -0.87
CA TYR A 620 24.48 -8.96 -1.88
C TYR A 620 24.99 -8.00 -2.93
N LYS A 621 24.26 -6.91 -3.17
CA LYS A 621 24.72 -5.89 -4.12
C LYS A 621 26.08 -5.33 -3.74
N TYR A 622 26.40 -5.26 -2.45
CA TYR A 622 27.67 -4.69 -2.06
C TYR A 622 28.66 -5.70 -1.49
N VAL A 623 28.20 -6.86 -0.99
CA VAL A 623 29.12 -7.85 -0.46
C VAL A 623 29.37 -9.01 -1.42
N GLY A 624 28.58 -9.14 -2.48
CA GLY A 624 28.80 -10.24 -3.39
C GLY A 624 28.52 -11.60 -2.76
N LEU A 625 29.15 -12.61 -3.35
CA LEU A 625 28.94 -14.00 -2.96
C LEU A 625 29.98 -14.50 -1.97
N ASN A 626 31.01 -13.72 -1.67
CA ASN A 626 32.12 -14.19 -0.85
C ASN A 626 32.30 -13.36 0.41
N GLY A 627 31.24 -12.71 0.87
CA GLY A 627 31.28 -11.96 2.11
C GLY A 627 30.35 -12.52 3.16
N ALA A 628 29.83 -11.65 4.02
CA ALA A 628 28.88 -12.05 5.05
C ALA A 628 27.88 -10.93 5.24
N ILE A 629 26.68 -11.29 5.69
CA ILE A 629 25.64 -10.30 5.98
C ILE A 629 25.12 -10.60 7.37
N VAL A 630 25.23 -9.63 8.28
CA VAL A 630 24.59 -9.68 9.58
C VAL A 630 23.32 -8.84 9.45
N GLY A 631 22.22 -9.52 9.15
CA GLY A 631 20.96 -8.85 8.91
C GLY A 631 19.79 -9.65 9.44
N MET A 632 18.59 -9.27 9.02
CA MET A 632 17.36 -10.00 9.37
C MET A 632 16.95 -10.89 8.21
N THR A 633 16.42 -12.08 8.54
CA THR A 633 15.85 -12.99 7.55
C THR A 633 14.42 -13.38 7.90
N THR A 634 13.88 -12.84 9.00
CA THR A 634 12.60 -13.22 9.55
C THR A 634 11.84 -11.97 9.96
N PHE A 635 10.57 -12.14 10.32
CA PHE A 635 9.87 -11.08 11.02
C PHE A 635 10.46 -10.89 12.43
N GLY A 636 10.08 -9.80 13.08
CA GLY A 636 10.53 -9.49 14.43
C GLY A 636 9.77 -10.24 15.51
N GLU A 637 9.91 -9.75 16.76
CA GLU A 637 9.27 -10.32 17.94
C GLU A 637 8.95 -9.19 18.90
N SER A 638 7.94 -9.40 19.74
CA SER A 638 7.57 -8.41 20.76
C SER A 638 8.44 -8.63 22.00
N ALA A 639 9.33 -7.69 22.28
CA ALA A 639 10.24 -7.77 23.42
C ALA A 639 10.99 -6.45 23.51
N PRO A 640 11.64 -6.17 24.64
CA PRO A 640 12.52 -5.00 24.72
C PRO A 640 13.61 -5.04 23.64
N ALA A 641 13.91 -3.87 23.09
CA ALA A 641 14.83 -3.79 21.95
C ALA A 641 16.18 -4.38 22.25
N GLU A 642 16.70 -4.15 23.47
CA GLU A 642 18.03 -4.66 23.80
C GLU A 642 18.08 -6.18 23.67
N LEU A 643 17.01 -6.87 24.10
CA LEU A 643 16.95 -8.32 23.97
C LEU A 643 16.79 -8.75 22.51
N LEU A 644 16.00 -8.00 21.73
CA LEU A 644 15.83 -8.33 20.31
C LEU A 644 17.16 -8.25 19.56
N PHE A 645 17.93 -7.18 19.75
CA PHE A 645 19.22 -7.10 19.06
C PHE A 645 20.09 -8.30 19.41
N GLU A 646 20.08 -8.71 20.67
CA GLU A 646 20.84 -9.89 21.07
C GLU A 646 20.28 -11.15 20.41
N GLU A 647 18.96 -11.32 20.45
CA GLU A 647 18.33 -12.53 19.94
C GLU A 647 18.59 -12.72 18.45
N PHE A 648 18.64 -11.64 17.69
CA PHE A 648 18.77 -11.70 16.24
C PHE A 648 20.21 -11.53 15.75
N GLY A 649 21.17 -11.51 16.66
CA GLY A 649 22.57 -11.59 16.27
C GLY A 649 23.28 -10.26 16.11
N PHE A 650 22.68 -9.17 16.55
CA PHE A 650 23.33 -7.87 16.44
C PHE A 650 24.15 -7.62 17.71
N THR A 651 25.21 -8.43 17.82
CA THR A 651 26.13 -8.44 18.95
C THR A 651 27.55 -8.36 18.41
N VAL A 652 28.46 -7.83 19.23
CA VAL A 652 29.86 -7.75 18.79
C VAL A 652 30.41 -9.14 18.54
N ASP A 653 30.10 -10.09 19.41
CA ASP A 653 30.60 -11.46 19.24
C ASP A 653 30.18 -12.04 17.90
N ASN A 654 28.91 -11.90 17.54
CA ASN A 654 28.44 -12.50 16.29
C ASN A 654 29.03 -11.78 15.07
N VAL A 655 29.14 -10.44 15.12
CA VAL A 655 29.71 -9.73 13.98
C VAL A 655 31.17 -10.11 13.80
N VAL A 656 31.93 -10.15 14.90
CA VAL A 656 33.33 -10.56 14.85
C VAL A 656 33.46 -11.98 14.32
N ALA A 657 32.58 -12.88 14.76
CA ALA A 657 32.69 -14.27 14.34
C ALA A 657 32.42 -14.42 12.84
N LYS A 658 31.40 -13.71 12.32
CA LYS A 658 31.15 -13.79 10.89
C LYS A 658 32.28 -13.17 10.09
N ALA A 659 32.94 -12.14 10.63
CA ALA A 659 34.09 -11.57 9.95
C ALA A 659 35.27 -12.53 9.95
N LYS A 660 35.53 -13.20 11.09
CA LYS A 660 36.66 -14.12 11.13
C LYS A 660 36.46 -15.32 10.20
N GLU A 661 35.21 -15.67 9.89
CA GLU A 661 34.96 -16.74 8.94
C GLU A 661 35.45 -16.41 7.53
N LEU A 662 35.66 -15.12 7.22
CA LEU A 662 36.15 -14.70 5.91
C LEU A 662 37.66 -14.53 5.84
N LEU A 663 38.36 -14.59 6.97
CA LEU A 663 39.79 -14.28 7.00
C LEU A 663 40.66 -15.54 7.09
N MET B 1 -20.85 -11.76 44.44
CA MET B 1 -21.97 -10.83 44.32
C MET B 1 -21.53 -9.50 43.67
N SER B 2 -20.64 -9.60 42.70
CA SER B 2 -20.10 -8.41 42.05
C SER B 2 -21.07 -7.86 41.01
N SER B 3 -21.13 -6.53 40.92
CA SER B 3 -21.89 -5.87 39.87
C SER B 3 -21.18 -6.03 38.52
N ARG B 4 -21.90 -5.68 37.46
CA ARG B 4 -21.31 -5.71 36.12
C ARG B 4 -20.14 -4.75 36.01
N LYS B 5 -20.24 -3.60 36.67
CA LYS B 5 -19.14 -2.64 36.62
C LYS B 5 -17.89 -3.20 37.29
N GLU B 6 -18.07 -3.90 38.42
CA GLU B 6 -16.92 -4.52 39.08
C GLU B 6 -16.29 -5.58 38.19
N LEU B 7 -17.11 -6.37 37.50
CA LEU B 7 -16.56 -7.36 36.58
C LEU B 7 -15.79 -6.69 35.45
N ALA B 8 -16.30 -5.58 34.92
CA ALA B 8 -15.55 -4.85 33.88
C ALA B 8 -14.28 -4.25 34.46
N ASN B 9 -14.30 -3.84 35.73
CA ASN B 9 -13.11 -3.25 36.33
C ASN B 9 -11.99 -4.28 36.46
N ALA B 10 -12.31 -5.58 36.46
CA ALA B 10 -11.25 -6.58 36.46
C ALA B 10 -10.38 -6.44 35.21
N ILE B 11 -11.00 -6.15 34.06
CA ILE B 11 -10.25 -5.88 32.84
C ILE B 11 -9.37 -4.66 33.02
N ARG B 12 -9.95 -3.59 33.58
CA ARG B 12 -9.20 -2.36 33.73
C ARG B 12 -7.99 -2.57 34.64
N ALA B 13 -8.16 -3.33 35.72
CA ALA B 13 -7.06 -3.55 36.64
C ALA B 13 -5.95 -4.38 35.98
N LEU B 14 -6.31 -5.52 35.39
CA LEU B 14 -5.31 -6.34 34.72
C LEU B 14 -4.58 -5.56 33.63
N SER B 15 -5.32 -4.75 32.87
CA SER B 15 -4.70 -4.03 31.76
C SER B 15 -3.72 -2.97 32.25
N MET B 16 -4.14 -2.12 33.20
CA MET B 16 -3.21 -1.08 33.65
C MET B 16 -2.04 -1.69 34.40
N ASP B 17 -2.26 -2.78 35.14
CA ASP B 17 -1.16 -3.38 35.90
C ASP B 17 -0.17 -4.09 34.98
N ALA B 18 -0.67 -4.78 33.94
CA ALA B 18 0.24 -5.47 33.03
C ALA B 18 1.07 -4.48 32.23
N VAL B 19 0.43 -3.40 31.77
CA VAL B 19 1.16 -2.34 31.08
C VAL B 19 2.21 -1.75 32.00
N GLN B 20 1.86 -1.54 33.27
CA GLN B 20 2.80 -0.92 34.19
C GLN B 20 4.02 -1.80 34.42
N LYS B 21 3.81 -3.11 34.59
CA LYS B 21 4.92 -4.02 34.84
C LYS B 21 5.82 -4.12 33.61
N ALA B 22 5.22 -4.09 32.42
CA ALA B 22 6.00 -4.10 31.19
C ALA B 22 6.70 -2.77 30.93
N LYS B 23 6.25 -1.70 31.61
CA LYS B 23 6.70 -0.34 31.32
C LYS B 23 6.49 0.00 29.85
N SER B 24 5.44 -0.57 29.25
CA SER B 24 5.22 -0.44 27.82
C SER B 24 3.80 -0.89 27.50
N GLY B 25 3.11 -0.16 26.61
CA GLY B 25 1.83 -0.64 26.17
C GLY B 25 0.76 0.43 26.27
N HIS B 26 -0.48 0.00 26.05
CA HIS B 26 -1.59 0.92 25.79
C HIS B 26 -2.73 0.65 26.77
N PRO B 27 -2.85 1.43 27.85
CA PRO B 27 -3.94 1.22 28.80
C PRO B 27 -5.25 1.87 28.40
N GLY B 28 -5.21 2.90 27.56
CA GLY B 28 -6.41 3.71 27.31
C GLY B 28 -7.59 2.99 26.73
N ALA B 29 -7.39 2.33 25.59
CA ALA B 29 -8.49 1.61 24.95
C ALA B 29 -9.03 0.46 25.78
N PRO B 30 -8.22 -0.39 26.43
CA PRO B 30 -8.82 -1.43 27.28
C PRO B 30 -9.68 -0.85 28.39
N MET B 31 -9.24 0.26 28.99
CA MET B 31 -10.01 0.89 30.06
C MET B 31 -11.28 1.52 29.51
N GLY B 32 -11.21 2.10 28.31
CA GLY B 32 -12.38 2.70 27.70
C GLY B 32 -13.41 1.70 27.24
N MET B 33 -13.00 0.50 26.82
CA MET B 33 -13.92 -0.47 26.24
C MET B 33 -14.32 -1.60 27.19
N ALA B 34 -13.86 -1.57 28.44
CA ALA B 34 -14.08 -2.71 29.34
C ALA B 34 -15.56 -2.99 29.59
N ASP B 35 -16.39 -1.95 29.70
CA ASP B 35 -17.82 -2.17 29.92
C ASP B 35 -18.48 -2.81 28.71
N ILE B 36 -18.10 -2.38 27.49
CA ILE B 36 -18.63 -2.97 26.27
C ILE B 36 -18.22 -4.44 26.17
N ALA B 37 -16.95 -4.73 26.45
CA ALA B 37 -16.46 -6.11 26.39
C ALA B 37 -17.17 -7.00 27.40
N GLU B 38 -17.43 -6.47 28.60
CA GLU B 38 -18.13 -7.27 29.61
C GLU B 38 -19.51 -7.70 29.13
N VAL B 39 -20.27 -6.78 28.55
CA VAL B 39 -21.60 -7.15 28.05
C VAL B 39 -21.48 -8.13 26.89
N LEU B 40 -20.64 -7.82 25.90
CA LEU B 40 -20.53 -8.69 24.74
C LEU B 40 -20.12 -10.09 25.15
N TRP B 41 -19.05 -10.20 25.95
CA TRP B 41 -18.49 -11.51 26.20
C TRP B 41 -19.34 -12.32 27.18
N ARG B 42 -19.89 -11.67 28.22
CA ARG B 42 -20.63 -12.44 29.21
C ARG B 42 -22.08 -12.72 28.78
N ASP B 43 -22.68 -11.84 27.99
CA ASP B 43 -24.10 -12.02 27.64
C ASP B 43 -24.36 -12.57 26.25
N PHE B 44 -23.43 -12.41 25.31
CA PHE B 44 -23.78 -12.77 23.93
C PHE B 44 -22.82 -13.75 23.27
N LEU B 45 -21.52 -13.60 23.50
CA LEU B 45 -20.53 -14.34 22.73
C LEU B 45 -20.67 -15.84 22.93
N LYS B 46 -20.76 -16.58 21.83
CA LYS B 46 -20.85 -18.03 21.85
C LYS B 46 -19.46 -18.60 21.61
N HIS B 47 -18.87 -19.19 22.64
CA HIS B 47 -17.49 -19.69 22.52
C HIS B 47 -17.23 -20.71 23.61
N ASN B 48 -16.20 -21.52 23.39
CA ASN B 48 -15.77 -22.51 24.36
C ASN B 48 -14.29 -22.34 24.67
N PRO B 49 -13.93 -21.83 25.85
CA PRO B 49 -12.50 -21.66 26.17
C PRO B 49 -11.72 -22.96 26.09
N GLN B 50 -12.38 -24.10 26.26
CA GLN B 50 -11.68 -25.37 26.23
C GLN B 50 -11.46 -25.89 24.82
N ASN B 51 -12.10 -25.30 23.81
CA ASN B 51 -11.81 -25.62 22.40
C ASN B 51 -11.90 -24.35 21.57
N PRO B 52 -10.81 -23.58 21.49
CA PRO B 52 -10.83 -22.35 20.68
C PRO B 52 -10.98 -22.60 19.19
N SER B 53 -10.93 -23.87 18.74
CA SER B 53 -11.05 -24.24 17.34
C SER B 53 -12.44 -24.72 16.97
N TRP B 54 -13.41 -24.64 17.88
CA TRP B 54 -14.78 -25.05 17.59
C TRP B 54 -15.29 -24.38 16.31
N ALA B 55 -15.71 -25.20 15.34
CA ALA B 55 -16.00 -24.69 14.01
C ALA B 55 -17.11 -23.65 14.00
N ASP B 56 -18.09 -23.75 14.90
CA ASP B 56 -19.23 -22.85 14.85
C ASP B 56 -19.20 -21.78 15.93
N ARG B 57 -18.03 -21.52 16.53
CA ARG B 57 -17.93 -20.44 17.51
C ARG B 57 -18.20 -19.07 16.84
N ASP B 58 -18.69 -18.13 17.63
CA ASP B 58 -18.62 -16.73 17.25
C ASP B 58 -17.16 -16.31 17.09
N ARG B 59 -16.90 -15.37 16.19
CA ARG B 59 -15.56 -14.81 16.00
C ARG B 59 -15.53 -13.38 16.53
N PHE B 60 -14.51 -13.07 17.32
CA PHE B 60 -14.31 -11.73 17.85
C PHE B 60 -12.99 -11.18 17.32
N VAL B 61 -12.99 -9.91 16.88
CA VAL B 61 -11.79 -9.27 16.33
C VAL B 61 -11.58 -7.92 16.99
N LEU B 62 -10.37 -7.70 17.49
CA LEU B 62 -9.96 -6.43 18.06
C LEU B 62 -9.19 -5.67 16.98
N SER B 63 -9.90 -4.82 16.23
CA SER B 63 -9.23 -4.09 15.16
C SER B 63 -8.35 -2.96 15.71
N ASN B 64 -8.73 -2.36 16.84
CA ASN B 64 -7.83 -1.43 17.53
C ASN B 64 -6.88 -2.23 18.42
N GLY B 65 -5.97 -2.94 17.73
CA GLY B 65 -5.16 -4.00 18.33
C GLY B 65 -4.17 -3.53 19.36
N HIS B 66 -3.83 -2.25 19.38
CA HIS B 66 -2.94 -1.76 20.44
C HIS B 66 -3.56 -1.98 21.82
N GLY B 67 -4.88 -2.05 21.91
CA GLY B 67 -5.50 -2.40 23.19
C GLY B 67 -5.43 -3.89 23.50
N SER B 68 -4.25 -4.49 23.30
CA SER B 68 -4.12 -5.94 23.38
C SER B 68 -4.43 -6.48 24.78
N MET B 69 -4.19 -5.72 25.85
CA MET B 69 -4.53 -6.22 27.17
C MET B 69 -6.03 -6.43 27.34
N LEU B 70 -6.85 -5.79 26.51
CA LEU B 70 -8.28 -6.07 26.54
C LEU B 70 -8.54 -7.53 26.23
N ILE B 71 -7.96 -8.04 25.14
CA ILE B 71 -8.25 -9.41 24.74
C ILE B 71 -7.53 -10.39 25.66
N TYR B 72 -6.32 -10.06 26.13
CA TYR B 72 -5.64 -10.97 27.06
C TYR B 72 -6.41 -11.11 28.36
N SER B 73 -6.99 -10.01 28.87
CA SER B 73 -7.82 -10.04 30.07
C SER B 73 -9.06 -10.90 29.85
N LEU B 74 -9.73 -10.71 28.71
CA LEU B 74 -10.95 -11.47 28.42
C LEU B 74 -10.65 -12.95 28.31
N LEU B 75 -9.58 -13.32 27.60
CA LEU B 75 -9.22 -14.73 27.46
C LEU B 75 -8.84 -15.34 28.79
N HIS B 76 -8.07 -14.60 29.60
CA HIS B 76 -7.69 -15.10 30.91
C HIS B 76 -8.93 -15.27 31.80
N LEU B 77 -9.78 -14.24 31.86
CA LEU B 77 -10.88 -14.27 32.82
C LEU B 77 -11.93 -15.31 32.44
N THR B 78 -12.16 -15.54 31.14
CA THR B 78 -13.21 -16.49 30.76
C THR B 78 -12.74 -17.95 30.79
N GLY B 79 -11.46 -18.21 31.04
CA GLY B 79 -10.99 -19.56 31.24
C GLY B 79 -10.19 -20.19 30.10
N TYR B 80 -9.71 -19.40 29.15
CA TYR B 80 -8.81 -19.94 28.15
C TYR B 80 -7.46 -20.32 28.77
N ASP B 81 -6.70 -21.13 28.04
CA ASP B 81 -5.35 -21.51 28.46
C ASP B 81 -4.40 -20.33 28.33
N LEU B 82 -4.55 -19.34 29.20
CA LEU B 82 -3.68 -18.16 29.22
C LEU B 82 -3.50 -17.75 30.68
N PRO B 83 -2.54 -18.36 31.38
CA PRO B 83 -2.43 -18.16 32.83
C PRO B 83 -1.98 -16.75 33.21
N MET B 84 -2.17 -16.43 34.48
CA MET B 84 -1.80 -15.09 34.96
C MET B 84 -0.32 -14.82 34.74
N GLU B 85 0.52 -15.85 34.82
CA GLU B 85 1.95 -15.64 34.59
C GLU B 85 2.21 -15.07 33.20
N GLU B 86 1.42 -15.46 32.20
CA GLU B 86 1.60 -14.89 30.87
C GLU B 86 1.25 -13.41 30.85
N LEU B 87 0.23 -13.00 31.60
CA LEU B 87 -0.09 -11.58 31.67
C LEU B 87 1.03 -10.80 32.36
N LYS B 88 1.68 -11.41 33.36
CA LYS B 88 2.85 -10.79 33.96
C LYS B 88 4.05 -10.73 33.02
N ASN B 89 3.99 -11.45 31.89
CA ASN B 89 5.04 -11.43 30.88
C ASN B 89 4.60 -10.70 29.61
N PHE B 90 3.61 -9.83 29.74
CA PHE B 90 3.17 -8.97 28.64
C PHE B 90 4.37 -8.27 28.00
N ARG B 91 4.46 -8.36 26.68
CA ARG B 91 5.47 -7.68 25.88
C ARG B 91 6.88 -8.20 26.12
N GLN B 92 7.00 -9.41 26.68
CA GLN B 92 8.31 -10.01 26.94
C GLN B 92 8.60 -11.14 25.96
N LEU B 93 9.89 -11.39 25.73
CA LEU B 93 10.32 -12.27 24.65
C LEU B 93 9.71 -13.66 24.82
N HIS B 94 9.05 -14.12 23.76
CA HIS B 94 8.48 -15.46 23.63
C HIS B 94 7.29 -15.70 24.55
N SER B 95 6.69 -14.64 25.10
CA SER B 95 5.49 -14.84 25.89
C SER B 95 4.28 -15.06 24.98
N LYS B 96 3.19 -15.51 25.59
CA LYS B 96 1.92 -15.64 24.87
C LYS B 96 1.14 -14.34 24.86
N THR B 97 1.75 -13.24 25.29
CA THR B 97 1.10 -11.93 25.36
C THR B 97 1.95 -10.86 24.67
N PRO B 98 2.16 -10.98 23.36
CA PRO B 98 2.91 -9.92 22.64
C PRO B 98 2.13 -8.61 22.62
N GLY B 99 2.86 -7.53 22.33
CA GLY B 99 2.30 -6.19 22.45
C GLY B 99 1.09 -5.94 21.57
N HIS B 100 1.02 -6.60 20.42
CA HIS B 100 -0.20 -6.67 19.64
C HIS B 100 -0.60 -8.14 19.48
N PRO B 101 -1.89 -8.46 19.46
CA PRO B 101 -2.29 -9.87 19.46
C PRO B 101 -1.90 -10.55 18.15
N GLU B 102 -1.45 -11.79 18.27
CA GLU B 102 -0.99 -12.59 17.14
C GLU B 102 -1.71 -13.92 17.15
N VAL B 103 -2.29 -14.29 16.01
CA VAL B 103 -2.94 -15.59 15.91
C VAL B 103 -1.88 -16.68 15.94
N GLY B 104 -2.19 -17.77 16.65
CA GLY B 104 -1.25 -18.85 16.86
C GLY B 104 -0.42 -18.72 18.12
N TYR B 105 -0.13 -17.49 18.55
CA TYR B 105 0.68 -17.29 19.75
C TYR B 105 -0.11 -17.57 21.03
N THR B 106 -1.44 -17.62 20.94
CA THR B 106 -2.27 -17.37 22.10
C THR B 106 -3.64 -18.00 21.87
N ALA B 107 -4.08 -18.83 22.80
CA ALA B 107 -5.36 -19.51 22.66
C ALA B 107 -6.48 -18.49 22.57
N GLY B 108 -7.29 -18.59 21.51
CA GLY B 108 -8.44 -17.74 21.36
C GLY B 108 -8.25 -16.45 20.58
N VAL B 109 -7.02 -16.09 20.20
CA VAL B 109 -6.81 -14.94 19.33
C VAL B 109 -7.10 -15.35 17.89
N GLU B 110 -7.97 -14.60 17.22
CA GLU B 110 -8.48 -15.01 15.92
C GLU B 110 -7.67 -14.46 14.76
N THR B 111 -6.92 -13.39 14.98
CA THR B 111 -6.20 -12.73 13.91
C THR B 111 -5.11 -11.88 14.56
N THR B 112 -4.12 -11.50 13.76
CA THR B 112 -3.08 -10.57 14.18
C THR B 112 -3.46 -9.16 13.75
N THR B 113 -3.59 -8.26 14.70
CA THR B 113 -3.89 -6.86 14.40
C THR B 113 -2.76 -5.99 14.94
N GLY B 114 -2.96 -4.68 14.88
CA GLY B 114 -1.88 -3.76 15.07
C GLY B 114 -1.84 -2.75 13.93
N PRO B 115 -1.80 -3.22 12.68
CA PRO B 115 -1.98 -2.30 11.55
C PRO B 115 -3.44 -1.88 11.46
N LEU B 116 -3.73 -0.62 11.75
CA LEU B 116 -5.10 -0.14 11.88
C LEU B 116 -5.90 -0.39 10.60
N GLY B 117 -7.17 -0.72 10.79
CA GLY B 117 -8.06 -0.98 9.69
C GLY B 117 -8.13 -2.41 9.21
N GLN B 118 -7.05 -3.19 9.38
CA GLN B 118 -7.09 -4.53 8.80
C GLN B 118 -7.92 -5.49 9.64
N GLY B 119 -8.06 -5.22 10.94
CA GLY B 119 -8.93 -6.05 11.76
C GLY B 119 -10.36 -6.05 11.27
N ILE B 120 -10.93 -4.86 11.02
CA ILE B 120 -12.30 -4.85 10.53
C ILE B 120 -12.37 -5.52 9.16
N ALA B 121 -11.32 -5.39 8.35
CA ALA B 121 -11.31 -6.09 7.07
C ALA B 121 -11.30 -7.60 7.28
N ASN B 122 -10.50 -8.08 8.24
CA ASN B 122 -10.51 -9.50 8.56
C ASN B 122 -11.89 -9.96 9.02
N ALA B 123 -12.56 -9.13 9.83
CA ALA B 123 -13.89 -9.46 10.32
C ALA B 123 -14.91 -9.53 9.18
N VAL B 124 -14.81 -8.63 8.21
CA VAL B 124 -15.69 -8.73 7.05
C VAL B 124 -15.46 -10.06 6.33
N GLY B 125 -14.20 -10.48 6.21
CA GLY B 125 -13.92 -11.76 5.59
C GLY B 125 -14.47 -12.94 6.38
N MET B 126 -14.37 -12.87 7.71
CA MET B 126 -14.92 -13.94 8.54
C MET B 126 -16.44 -14.01 8.40
N ALA B 127 -17.10 -12.86 8.28
CA ALA B 127 -18.54 -12.84 8.13
C ALA B 127 -18.95 -13.33 6.74
N ILE B 128 -18.16 -13.00 5.70
CA ILE B 128 -18.41 -13.56 4.37
C ILE B 128 -18.25 -15.07 4.39
N ALA B 129 -17.22 -15.56 5.09
CA ALA B 129 -17.01 -17.00 5.19
C ALA B 129 -18.17 -17.71 5.88
N GLU B 130 -18.65 -17.17 6.99
CA GLU B 130 -19.80 -17.77 7.67
C GLU B 130 -21.02 -17.79 6.77
N LYS B 131 -21.32 -16.67 6.10
CA LYS B 131 -22.51 -16.61 5.26
C LYS B 131 -22.43 -17.60 4.11
N THR B 132 -21.26 -17.69 3.50
CA THR B 132 -21.08 -18.59 2.35
C THR B 132 -21.09 -20.05 2.80
N LEU B 133 -20.43 -20.34 3.92
CA LEU B 133 -20.39 -21.71 4.43
C LEU B 133 -21.79 -22.16 4.84
N ALA B 134 -22.57 -21.28 5.49
CA ALA B 134 -23.94 -21.63 5.85
C ALA B 134 -24.78 -21.91 4.60
N ALA B 135 -24.63 -21.09 3.56
CA ALA B 135 -25.39 -21.32 2.34
C ALA B 135 -24.99 -22.63 1.67
N GLN B 136 -23.70 -22.96 1.72
CA GLN B 136 -23.23 -24.18 1.08
C GLN B 136 -23.64 -25.43 1.85
N PHE B 137 -23.64 -25.39 3.17
CA PHE B 137 -23.77 -26.61 3.98
C PHE B 137 -25.09 -26.77 4.72
N ASN B 138 -25.75 -25.69 5.09
CA ASN B 138 -26.97 -25.86 5.87
C ASN B 138 -28.05 -26.54 5.03
N ARG B 139 -28.88 -27.33 5.71
CA ARG B 139 -29.94 -28.09 5.08
C ARG B 139 -31.20 -27.96 5.92
N PRO B 140 -32.38 -28.19 5.33
CA PRO B 140 -33.63 -28.05 6.10
C PRO B 140 -33.60 -28.86 7.39
N GLY B 141 -33.75 -28.18 8.54
CA GLY B 141 -33.67 -28.82 9.83
C GLY B 141 -32.28 -29.04 10.37
N HIS B 142 -31.22 -28.62 9.64
CA HIS B 142 -29.83 -28.87 10.00
C HIS B 142 -29.02 -27.61 9.72
N ASP B 143 -29.14 -26.60 10.57
CA ASP B 143 -28.38 -25.36 10.38
C ASP B 143 -27.09 -25.44 11.18
N ILE B 144 -26.13 -26.18 10.62
CA ILE B 144 -24.87 -26.43 11.34
C ILE B 144 -23.91 -25.26 11.30
N VAL B 145 -24.14 -24.27 10.44
CA VAL B 145 -23.35 -23.04 10.45
C VAL B 145 -24.28 -21.91 10.87
N ASP B 146 -23.98 -21.30 12.03
CA ASP B 146 -24.78 -20.18 12.53
C ASP B 146 -23.98 -19.47 13.63
N HIS B 147 -23.17 -18.49 13.22
CA HIS B 147 -22.42 -17.75 14.23
C HIS B 147 -22.23 -16.31 13.76
N TYR B 148 -21.96 -15.45 14.73
CA TYR B 148 -21.78 -14.02 14.53
C TYR B 148 -20.31 -13.66 14.47
N THR B 149 -20.05 -12.49 13.89
CA THR B 149 -18.71 -11.91 13.81
C THR B 149 -18.78 -10.54 14.47
N TYR B 150 -18.07 -10.39 15.59
CA TYR B 150 -18.07 -9.14 16.34
C TYR B 150 -16.71 -8.49 16.21
N ALA B 151 -16.68 -7.18 16.01
CA ALA B 151 -15.43 -6.44 15.90
C ALA B 151 -15.46 -5.17 16.74
N PHE B 152 -14.31 -4.86 17.35
CA PHE B 152 -14.08 -3.58 18.00
C PHE B 152 -13.15 -2.76 17.12
N MET B 153 -13.45 -1.47 16.98
CA MET B 153 -12.62 -0.60 16.16
C MET B 153 -12.65 0.82 16.72
N GLY B 154 -11.62 1.61 16.40
CA GLY B 154 -11.52 2.97 16.89
C GLY B 154 -11.38 4.02 15.80
N ASP B 155 -11.02 5.24 16.20
CA ASP B 155 -10.91 6.34 15.24
C ASP B 155 -9.89 6.05 14.16
N GLY B 156 -8.78 5.42 14.53
CA GLY B 156 -7.75 5.11 13.54
C GLY B 156 -8.26 4.20 12.43
N CYS B 157 -8.96 3.13 12.81
CA CYS B 157 -9.55 2.24 11.81
C CYS B 157 -10.55 2.98 10.94
N MET B 158 -11.36 3.88 11.53
CA MET B 158 -12.36 4.62 10.78
C MET B 158 -11.73 5.58 9.78
N MET B 159 -10.61 6.21 10.14
CA MET B 159 -9.96 7.15 9.22
C MET B 159 -9.28 6.41 8.06
N GLU B 160 -8.79 5.20 8.29
CA GLU B 160 -8.06 4.47 7.25
C GLU B 160 -8.96 4.16 6.05
N GLY B 161 -8.40 4.31 4.86
CA GLY B 161 -9.15 4.02 3.65
C GLY B 161 -9.68 2.60 3.57
N ILE B 162 -8.98 1.62 4.18
CA ILE B 162 -9.43 0.25 4.06
C ILE B 162 -10.78 0.05 4.73
N SER B 163 -11.11 0.86 5.75
CA SER B 163 -12.44 0.76 6.34
C SER B 163 -13.52 1.10 5.32
N HIS B 164 -13.26 2.07 4.44
CA HIS B 164 -14.21 2.37 3.38
C HIS B 164 -14.36 1.20 2.42
N GLU B 165 -13.24 0.56 2.05
CA GLU B 165 -13.35 -0.52 1.09
C GLU B 165 -14.18 -1.67 1.65
N VAL B 166 -13.87 -2.11 2.87
CA VAL B 166 -14.47 -3.36 3.32
C VAL B 166 -15.87 -3.12 3.90
N CYS B 167 -16.14 -1.95 4.46
CA CYS B 167 -17.48 -1.72 4.98
C CYS B 167 -18.46 -1.38 3.88
N SER B 168 -17.99 -0.78 2.78
CA SER B 168 -18.81 -0.63 1.59
C SER B 168 -19.24 -1.98 1.04
N LEU B 169 -18.27 -2.89 0.85
CA LEU B 169 -18.59 -4.22 0.34
C LEU B 169 -19.48 -5.00 1.34
N ALA B 170 -19.25 -4.86 2.64
CA ALA B 170 -20.08 -5.57 3.62
C ALA B 170 -21.54 -5.13 3.53
N GLY B 171 -21.80 -3.86 3.24
CA GLY B 171 -23.16 -3.41 3.00
C GLY B 171 -23.77 -4.02 1.75
N THR B 172 -23.00 -4.05 0.67
CA THR B 172 -23.47 -4.68 -0.57
C THR B 172 -23.86 -6.13 -0.34
N LEU B 173 -23.07 -6.87 0.45
CA LEU B 173 -23.31 -8.29 0.65
C LEU B 173 -24.25 -8.57 1.80
N LYS B 174 -24.77 -7.53 2.45
CA LYS B 174 -25.84 -7.64 3.45
C LYS B 174 -25.46 -8.62 4.56
N LEU B 175 -24.30 -8.38 5.17
CA LEU B 175 -23.72 -9.26 6.17
C LEU B 175 -24.37 -8.99 7.53
N GLY B 176 -25.58 -9.52 7.70
CA GLY B 176 -26.38 -9.21 8.88
C GLY B 176 -25.82 -9.76 10.18
N LYS B 177 -24.90 -10.71 10.13
CA LYS B 177 -24.31 -11.25 11.34
C LYS B 177 -22.98 -10.61 11.69
N LEU B 178 -22.59 -9.55 10.98
CA LEU B 178 -21.43 -8.73 11.34
C LEU B 178 -21.90 -7.57 12.20
N ILE B 179 -21.35 -7.46 13.40
CA ILE B 179 -21.70 -6.39 14.34
C ILE B 179 -20.40 -5.75 14.81
N ALA B 180 -20.23 -4.47 14.51
CA ALA B 180 -19.02 -3.75 14.86
C ALA B 180 -19.34 -2.70 15.93
N PHE B 181 -18.42 -2.55 16.87
CA PHE B 181 -18.50 -1.56 17.94
C PHE B 181 -17.43 -0.51 17.71
N TYR B 182 -17.85 0.75 17.56
CA TYR B 182 -16.96 1.88 17.34
C TYR B 182 -16.69 2.56 18.68
N ASP B 183 -15.43 2.55 19.09
CA ASP B 183 -14.95 3.19 20.31
C ASP B 183 -14.84 4.67 20.04
N ASP B 184 -15.93 5.40 20.28
CA ASP B 184 -16.05 6.81 19.91
C ASP B 184 -15.61 7.65 21.11
N ASN B 185 -14.29 7.82 21.25
CA ASN B 185 -13.74 8.46 22.44
C ASN B 185 -13.09 9.80 22.16
N GLY B 186 -13.13 10.27 20.90
CA GLY B 186 -12.69 11.62 20.58
C GLY B 186 -11.20 11.86 20.65
N ILE B 187 -10.39 10.83 20.83
CA ILE B 187 -8.95 10.99 21.08
C ILE B 187 -8.16 10.13 20.08
N SER B 188 -7.11 10.71 19.50
CA SER B 188 -6.10 9.91 18.82
C SER B 188 -4.73 10.43 19.24
N ILE B 189 -3.65 9.98 18.60
CA ILE B 189 -2.34 10.28 19.16
C ILE B 189 -2.03 11.78 19.09
N ASP B 190 -2.46 12.45 18.03
CA ASP B 190 -2.19 13.89 17.95
C ASP B 190 -3.04 14.71 18.91
N GLY B 191 -4.05 14.11 19.54
CA GLY B 191 -4.88 14.83 20.48
C GLY B 191 -6.37 14.72 20.19
N HIS B 192 -7.09 15.83 20.34
CA HIS B 192 -8.53 15.83 20.11
C HIS B 192 -8.80 15.70 18.61
N VAL B 193 -9.56 14.67 18.21
CA VAL B 193 -9.62 14.31 16.79
C VAL B 193 -10.35 15.34 15.93
N GLU B 194 -11.06 16.31 16.52
CA GLU B 194 -11.77 17.29 15.70
C GLU B 194 -10.84 18.08 14.79
N GLY B 195 -9.55 18.15 15.10
CA GLY B 195 -8.66 18.88 14.23
C GLY B 195 -8.38 18.20 12.89
N TRP B 196 -8.72 16.92 12.78
CA TRP B 196 -8.41 16.17 11.57
C TRP B 196 -9.45 15.11 11.23
N PHE B 197 -10.51 14.95 12.01
CA PHE B 197 -11.47 13.87 11.78
C PHE B 197 -12.84 14.42 12.18
N THR B 198 -13.66 14.75 11.18
CA THR B 198 -14.94 15.40 11.45
C THR B 198 -16.11 14.71 10.75
N ASP B 199 -15.91 13.51 10.22
CA ASP B 199 -16.96 12.76 9.53
C ASP B 199 -18.19 12.62 10.42
N ASP B 200 -19.36 12.72 9.81
CA ASP B 200 -20.58 12.17 10.42
C ASP B 200 -20.53 10.66 10.15
N THR B 201 -19.85 9.95 11.05
CA THR B 201 -19.54 8.54 10.79
C THR B 201 -20.81 7.70 10.70
N ALA B 202 -21.84 8.04 11.47
CA ALA B 202 -23.08 7.29 11.37
C ALA B 202 -23.70 7.45 9.98
N MET B 203 -23.73 8.68 9.46
CA MET B 203 -24.27 8.92 8.13
C MET B 203 -23.46 8.18 7.07
N ARG B 204 -22.13 8.18 7.23
CA ARG B 204 -21.26 7.48 6.30
C ARG B 204 -21.62 5.99 6.24
N PHE B 205 -21.80 5.36 7.40
CA PHE B 205 -22.08 3.93 7.38
C PHE B 205 -23.50 3.63 6.93
N GLU B 206 -24.44 4.56 7.16
CA GLU B 206 -25.76 4.40 6.54
C GLU B 206 -25.66 4.49 5.02
N ALA B 207 -24.73 5.28 4.52
CA ALA B 207 -24.51 5.33 3.07
C ALA B 207 -24.01 3.99 2.54
N TYR B 208 -23.34 3.21 3.39
CA TYR B 208 -22.92 1.86 2.98
C TYR B 208 -24.03 0.84 3.06
N GLY B 209 -25.18 1.18 3.63
CA GLY B 209 -26.20 0.19 3.86
C GLY B 209 -26.08 -0.53 5.19
N TRP B 210 -25.39 0.06 6.15
CA TRP B 210 -25.32 -0.50 7.50
C TRP B 210 -26.48 0.00 8.35
N HIS B 211 -26.85 -0.83 9.31
CA HIS B 211 -27.73 -0.44 10.39
C HIS B 211 -26.88 0.20 11.49
N VAL B 212 -27.16 1.47 11.82
CA VAL B 212 -26.31 2.22 12.74
C VAL B 212 -27.12 2.58 13.98
N ILE B 213 -26.56 2.29 15.15
CA ILE B 213 -27.15 2.67 16.43
C ILE B 213 -26.30 3.80 17.01
N ARG B 214 -26.89 4.99 17.09
CA ARG B 214 -26.19 6.19 17.52
C ARG B 214 -26.20 6.34 19.04
N ASP B 215 -25.18 7.06 19.54
CA ASP B 215 -25.21 7.67 20.87
C ASP B 215 -25.41 6.65 21.99
N ILE B 216 -24.72 5.52 21.90
CA ILE B 216 -24.74 4.53 22.98
C ILE B 216 -23.81 4.99 24.09
N ASP B 217 -24.30 4.96 25.33
CA ASP B 217 -23.44 5.18 26.48
C ASP B 217 -22.59 3.93 26.67
N GLY B 218 -21.32 4.01 26.23
CA GLY B 218 -20.40 2.88 26.32
C GLY B 218 -19.99 2.51 27.73
N HIS B 219 -20.44 3.24 28.74
CA HIS B 219 -20.16 2.88 30.12
C HIS B 219 -21.41 2.47 30.87
N ASP B 220 -22.51 2.23 30.14
CA ASP B 220 -23.75 1.76 30.75
C ASP B 220 -24.11 0.40 30.16
N ALA B 221 -23.99 -0.65 30.98
CA ALA B 221 -24.19 -2.02 30.51
C ALA B 221 -25.58 -2.20 29.90
N ALA B 222 -26.62 -1.65 30.53
CA ALA B 222 -27.97 -1.81 30.01
C ALA B 222 -28.11 -1.20 28.62
N SER B 223 -27.51 -0.03 28.40
CA SER B 223 -27.57 0.59 27.09
CA SER B 223 -27.57 0.59 27.09
C SER B 223 -26.84 -0.25 26.05
N ILE B 224 -25.68 -0.77 26.41
CA ILE B 224 -24.91 -1.60 25.49
C ILE B 224 -25.71 -2.85 25.15
N LYS B 225 -26.30 -3.48 26.17
CA LYS B 225 -27.00 -4.74 25.95
C LYS B 225 -28.18 -4.55 25.01
N ARG B 226 -28.96 -3.50 25.23
CA ARG B 226 -30.08 -3.19 24.35
C ARG B 226 -29.62 -2.98 22.92
N ALA B 227 -28.49 -2.29 22.74
CA ALA B 227 -27.98 -2.06 21.40
C ALA B 227 -27.59 -3.37 20.71
N VAL B 228 -26.91 -4.27 21.43
CA VAL B 228 -26.53 -5.54 20.83
C VAL B 228 -27.75 -6.35 20.46
N GLU B 229 -28.77 -6.36 21.31
CA GLU B 229 -30.00 -7.07 20.98
C GLU B 229 -30.62 -6.51 19.70
N GLU B 230 -30.65 -5.19 19.56
CA GLU B 230 -31.18 -4.59 18.33
C GLU B 230 -30.37 -5.02 17.11
N ALA B 231 -29.04 -4.95 17.21
CA ALA B 231 -28.18 -5.31 16.08
C ALA B 231 -28.37 -6.77 15.67
N ARG B 232 -28.54 -7.66 16.64
CA ARG B 232 -28.77 -9.07 16.32
C ARG B 232 -30.14 -9.29 15.69
N ALA B 233 -31.11 -8.45 16.02
CA ALA B 233 -32.43 -8.55 15.41
C ALA B 233 -32.46 -8.10 13.95
N VAL B 234 -31.52 -7.27 13.52
CA VAL B 234 -31.49 -6.77 12.16
C VAL B 234 -30.69 -7.77 11.33
N THR B 235 -31.36 -8.60 10.55
CA THR B 235 -30.70 -9.73 9.91
C THR B 235 -30.24 -9.44 8.50
N ASP B 236 -30.57 -8.27 7.93
CA ASP B 236 -30.29 -8.00 6.53
C ASP B 236 -29.24 -6.93 6.31
N LYS B 237 -28.62 -6.42 7.38
CA LYS B 237 -27.59 -5.39 7.28
C LYS B 237 -26.54 -5.63 8.36
N PRO B 238 -25.25 -5.39 8.06
CA PRO B 238 -24.28 -5.31 9.14
C PRO B 238 -24.60 -4.12 10.03
N SER B 239 -24.22 -4.21 11.30
CA SER B 239 -24.59 -3.20 12.29
C SER B 239 -23.35 -2.51 12.85
N LEU B 240 -23.43 -1.19 13.01
CA LEU B 240 -22.40 -0.39 13.66
C LEU B 240 -22.98 0.23 14.93
N LEU B 241 -22.37 -0.07 16.06
CA LEU B 241 -22.78 0.49 17.34
C LEU B 241 -21.82 1.63 17.68
N MET B 242 -22.32 2.87 17.67
CA MET B 242 -21.49 4.03 18.04
C MET B 242 -21.46 4.13 19.56
N CYS B 243 -20.36 3.73 20.17
CA CYS B 243 -20.25 3.67 21.62
C CYS B 243 -19.43 4.85 22.12
N LYS B 244 -20.09 5.80 22.78
CA LYS B 244 -19.38 6.91 23.40
C LYS B 244 -18.64 6.39 24.63
N THR B 245 -17.32 6.48 24.62
CA THR B 245 -16.50 6.02 25.74
C THR B 245 -15.52 7.11 26.14
N ILE B 246 -14.94 6.92 27.32
CA ILE B 246 -13.89 7.77 27.84
C ILE B 246 -12.60 6.95 27.84
N ILE B 247 -11.63 7.33 27.00
CA ILE B 247 -10.36 6.62 27.01
C ILE B 247 -9.74 6.72 28.40
N GLY B 248 -9.21 5.60 28.88
CA GLY B 248 -8.60 5.63 30.20
C GLY B 248 -9.59 5.76 31.34
N PHE B 249 -10.86 5.41 31.09
CA PHE B 249 -11.91 5.45 32.11
C PHE B 249 -11.41 4.90 33.44
N GLY B 250 -11.56 5.71 34.49
CA GLY B 250 -11.13 5.36 35.83
C GLY B 250 -9.97 6.20 36.35
N SER B 251 -9.12 6.68 35.44
CA SER B 251 -7.96 7.47 35.82
C SER B 251 -8.36 8.92 36.04
N PRO B 252 -8.27 9.43 37.27
CA PRO B 252 -8.71 10.82 37.51
C PRO B 252 -7.95 11.85 36.69
N ASN B 253 -6.66 11.64 36.45
CA ASN B 253 -5.85 12.65 35.77
C ASN B 253 -5.60 12.36 34.30
N LYS B 254 -5.78 11.12 33.84
CA LYS B 254 -5.47 10.79 32.45
C LYS B 254 -6.67 10.32 31.62
N ALA B 255 -7.82 10.08 32.24
CA ALA B 255 -9.00 9.72 31.44
C ALA B 255 -9.33 10.86 30.48
N GLY B 256 -9.75 10.48 29.26
CA GLY B 256 -10.10 11.48 28.27
C GLY B 256 -8.95 12.26 27.68
N THR B 257 -7.71 11.83 27.91
CA THR B 257 -6.54 12.53 27.42
C THR B 257 -5.74 11.62 26.50
N HIS B 258 -4.99 12.22 25.59
CA HIS B 258 -4.11 11.43 24.74
C HIS B 258 -3.01 10.75 25.56
N ASP B 259 -2.76 11.22 26.78
CA ASP B 259 -1.70 10.64 27.61
C ASP B 259 -2.03 9.20 27.98
N SER B 260 -3.30 8.84 28.03
CA SER B 260 -3.67 7.48 28.39
C SER B 260 -3.59 6.51 27.22
N HIS B 261 -3.33 6.99 26.00
CA HIS B 261 -3.41 6.11 24.82
C HIS B 261 -2.32 5.05 24.84
N GLY B 262 -1.06 5.44 25.03
CA GLY B 262 0.01 4.52 24.73
C GLY B 262 1.23 4.57 25.63
N ALA B 263 1.04 4.95 26.88
CA ALA B 263 2.12 4.90 27.85
C ALA B 263 1.56 4.37 29.17
N PRO B 264 2.40 3.74 29.98
CA PRO B 264 1.94 3.34 31.32
C PRO B 264 1.35 4.54 32.07
N LEU B 265 0.31 4.27 32.86
CA LEU B 265 -0.31 5.34 33.63
C LEU B 265 0.62 5.91 34.69
N GLY B 266 1.50 5.08 35.23
CA GLY B 266 2.36 5.45 36.35
C GLY B 266 1.80 4.90 37.65
N ASP B 267 2.71 4.57 38.58
CA ASP B 267 2.28 3.89 39.81
C ASP B 267 1.38 4.78 40.66
N ALA B 268 1.71 6.07 40.78
CA ALA B 268 0.86 6.97 41.56
C ALA B 268 -0.53 7.11 40.93
N GLU B 269 -0.57 7.22 39.59
CA GLU B 269 -1.88 7.33 38.94
C GLU B 269 -2.68 6.04 39.08
N ILE B 270 -2.02 4.88 39.07
CA ILE B 270 -2.74 3.62 39.22
C ILE B 270 -3.38 3.52 40.60
N ALA B 271 -2.66 3.95 41.64
CA ALA B 271 -3.26 3.96 42.97
C ALA B 271 -4.51 4.82 43.00
N LEU B 272 -4.47 6.00 42.37
CA LEU B 272 -5.65 6.85 42.33
C LEU B 272 -6.76 6.23 41.49
N THR B 273 -6.41 5.46 40.46
CA THR B 273 -7.41 4.81 39.63
C THR B 273 -8.11 3.70 40.38
N ARG B 274 -7.36 2.90 41.15
CA ARG B 274 -7.98 1.91 42.03
C ARG B 274 -8.98 2.55 42.97
N GLU B 275 -8.64 3.71 43.53
CA GLU B 275 -9.53 4.37 44.47
C GLU B 275 -10.79 4.87 43.77
N GLN B 276 -10.64 5.43 42.57
CA GLN B 276 -11.82 5.90 41.84
C GLN B 276 -12.72 4.74 41.42
N LEU B 277 -12.12 3.64 40.98
CA LEU B 277 -12.92 2.49 40.56
C LEU B 277 -13.41 1.63 41.71
N GLY B 278 -12.92 1.87 42.93
CA GLY B 278 -13.25 0.99 44.04
C GLY B 278 -12.69 -0.40 43.91
N TRP B 279 -11.55 -0.56 43.24
CA TRP B 279 -10.93 -1.86 42.98
C TRP B 279 -9.84 -2.11 44.01
N LYS B 280 -10.09 -3.05 44.92
CA LYS B 280 -9.22 -3.21 46.08
C LYS B 280 -8.08 -4.21 45.89
N TYR B 281 -8.13 -5.04 44.85
CA TYR B 281 -7.18 -6.14 44.76
C TYR B 281 -5.84 -5.68 44.22
N ALA B 282 -4.79 -6.37 44.67
CA ALA B 282 -3.43 -6.06 44.26
C ALA B 282 -3.20 -6.45 42.80
N PRO B 283 -2.12 -5.97 42.19
CA PRO B 283 -1.83 -6.34 40.79
C PRO B 283 -1.78 -7.85 40.59
N PHE B 284 -2.49 -8.30 39.55
CA PHE B 284 -2.57 -9.70 39.12
C PHE B 284 -3.30 -10.58 40.14
N GLU B 285 -4.07 -9.97 41.04
CA GLU B 285 -4.91 -10.70 42.00
C GLU B 285 -6.36 -10.59 41.57
N ILE B 286 -7.02 -11.74 41.40
CA ILE B 286 -8.43 -11.81 41.06
C ILE B 286 -9.10 -12.79 42.03
N PRO B 287 -10.14 -12.38 42.75
CA PRO B 287 -10.78 -13.30 43.70
C PRO B 287 -11.60 -14.38 43.00
N SER B 288 -11.76 -15.50 43.71
CA SER B 288 -12.49 -16.64 43.14
C SER B 288 -13.91 -16.26 42.71
N GLU B 289 -14.56 -15.32 43.41
CA GLU B 289 -15.93 -14.98 43.08
C GLU B 289 -16.02 -14.22 41.75
N ILE B 290 -15.00 -13.43 41.42
CA ILE B 290 -15.00 -12.73 40.14
C ILE B 290 -14.69 -13.71 39.01
N TYR B 291 -13.76 -14.65 39.23
CA TYR B 291 -13.57 -15.72 38.26
C TYR B 291 -14.85 -16.51 38.04
N ALA B 292 -15.61 -16.76 39.11
CA ALA B 292 -16.84 -17.54 38.98
C ALA B 292 -17.83 -16.88 38.03
N GLN B 293 -17.91 -15.54 38.08
CA GLN B 293 -18.85 -14.86 37.20
C GLN B 293 -18.31 -14.69 35.79
N TRP B 294 -16.98 -14.63 35.64
CA TRP B 294 -16.39 -14.46 34.31
C TRP B 294 -16.25 -15.77 33.55
N ASP B 295 -16.10 -16.90 34.23
CA ASP B 295 -15.69 -18.13 33.57
C ASP B 295 -16.75 -18.60 32.57
N ALA B 296 -16.27 -19.07 31.40
CA ALA B 296 -17.15 -19.51 30.33
C ALA B 296 -17.03 -21.00 30.03
N LYS B 297 -16.30 -21.76 30.85
CA LYS B 297 -16.04 -23.17 30.55
C LYS B 297 -17.32 -24.00 30.61
N GLU B 298 -18.15 -23.81 31.63
CA GLU B 298 -19.36 -24.62 31.73
C GLU B 298 -20.36 -24.27 30.63
N ALA B 299 -20.62 -22.98 30.42
CA ALA B 299 -21.55 -22.61 29.34
C ALA B 299 -20.97 -22.96 27.98
N GLY B 300 -19.66 -22.77 27.82
CA GLY B 300 -19.01 -23.09 26.55
C GLY B 300 -19.07 -24.56 26.22
N GLN B 301 -18.74 -25.41 27.20
CA GLN B 301 -18.85 -26.86 27.01
C GLN B 301 -20.27 -27.26 26.61
N ALA B 302 -21.26 -26.68 27.27
CA ALA B 302 -22.64 -27.08 27.00
C ALA B 302 -23.06 -26.67 25.60
N LYS B 303 -22.66 -25.47 25.16
CA LYS B 303 -23.02 -25.03 23.82
C LYS B 303 -22.30 -25.86 22.76
N GLU B 304 -21.02 -26.17 22.96
CA GLU B 304 -20.33 -26.97 21.95
C GLU B 304 -20.86 -28.39 21.94
N SER B 305 -21.20 -28.94 23.12
CA SER B 305 -21.76 -30.29 23.14
C SER B 305 -23.09 -30.33 22.39
N ALA B 306 -23.95 -29.32 22.57
CA ALA B 306 -25.18 -29.25 21.79
C ALA B 306 -24.90 -29.18 20.30
N TRP B 307 -23.91 -28.38 19.89
CA TRP B 307 -23.58 -28.31 18.48
C TRP B 307 -23.06 -29.65 17.96
N ASN B 308 -22.23 -30.34 18.75
CA ASN B 308 -21.72 -31.64 18.32
C ASN B 308 -22.86 -32.63 18.08
N GLU B 309 -23.89 -32.60 18.93
CA GLU B 309 -25.06 -33.46 18.70
C GLU B 309 -25.80 -33.05 17.43
N LYS B 310 -25.89 -31.73 17.18
CA LYS B 310 -26.49 -31.26 15.93
C LYS B 310 -25.69 -31.70 14.72
N PHE B 311 -24.36 -31.64 14.80
CA PHE B 311 -23.54 -32.07 13.68
C PHE B 311 -23.64 -33.58 13.47
N ALA B 312 -23.70 -34.34 14.56
CA ALA B 312 -23.86 -35.79 14.44
C ALA B 312 -25.15 -36.14 13.71
N ALA B 313 -26.25 -35.44 14.01
CA ALA B 313 -27.49 -35.69 13.28
C ALA B 313 -27.38 -35.27 11.83
N TYR B 314 -26.69 -34.16 11.56
CA TYR B 314 -26.42 -33.75 10.19
C TYR B 314 -25.65 -34.82 9.44
N ALA B 315 -24.62 -35.39 10.08
CA ALA B 315 -23.80 -36.40 9.44
C ALA B 315 -24.58 -37.65 9.10
N LYS B 316 -25.65 -37.92 9.85
CA LYS B 316 -26.51 -39.07 9.54
C LYS B 316 -27.36 -38.80 8.31
N ALA B 317 -27.95 -37.61 8.21
CA ALA B 317 -28.81 -37.28 7.09
C ALA B 317 -28.01 -36.92 5.84
N TYR B 318 -26.81 -36.38 6.02
CA TYR B 318 -26.00 -35.83 4.91
C TYR B 318 -24.54 -36.24 5.08
N PRO B 319 -24.25 -37.54 4.93
CA PRO B 319 -22.89 -38.02 5.26
C PRO B 319 -21.79 -37.43 4.39
N GLN B 320 -22.03 -37.27 3.09
CA GLN B 320 -21.00 -36.72 2.22
C GLN B 320 -20.74 -35.25 2.52
N GLU B 321 -21.82 -34.49 2.73
CA GLU B 321 -21.69 -33.08 3.12
C GLU B 321 -20.91 -32.94 4.42
N ALA B 322 -21.19 -33.80 5.40
CA ALA B 322 -20.51 -33.70 6.68
C ALA B 322 -19.02 -34.01 6.55
N ALA B 323 -18.68 -35.01 5.73
CA ALA B 323 -17.29 -35.32 5.51
C ALA B 323 -16.55 -34.15 4.88
N GLU B 324 -17.20 -33.49 3.91
CA GLU B 324 -16.59 -32.32 3.27
C GLU B 324 -16.45 -31.16 4.26
N PHE B 325 -17.43 -30.99 5.15
CA PHE B 325 -17.36 -29.90 6.12
C PHE B 325 -16.18 -30.10 7.05
N THR B 326 -16.01 -31.33 7.55
CA THR B 326 -14.87 -31.64 8.40
C THR B 326 -13.55 -31.46 7.66
N ARG B 327 -13.46 -31.99 6.44
CA ARG B 327 -12.23 -31.84 5.65
C ARG B 327 -11.88 -30.38 5.47
N ARG B 328 -12.86 -29.58 5.05
CA ARG B 328 -12.59 -28.20 4.70
C ARG B 328 -12.30 -27.35 5.93
N MET B 329 -13.00 -27.61 7.03
CA MET B 329 -12.72 -26.86 8.26
C MET B 329 -11.33 -27.19 8.81
N LYS B 330 -10.83 -28.41 8.56
CA LYS B 330 -9.48 -28.77 8.94
C LYS B 330 -8.42 -28.22 7.97
N GLY B 331 -8.82 -27.70 6.82
CA GLY B 331 -7.86 -27.27 5.83
C GLY B 331 -7.14 -28.38 5.11
N GLU B 332 -7.67 -29.61 5.17
CA GLU B 332 -7.06 -30.74 4.49
C GLU B 332 -7.41 -30.73 3.00
N MET B 333 -6.49 -31.25 2.18
CA MET B 333 -6.72 -31.36 0.76
C MET B 333 -7.44 -32.67 0.43
N PRO B 334 -8.17 -32.72 -0.68
CA PRO B 334 -8.77 -33.99 -1.11
C PRO B 334 -7.67 -35.03 -1.32
N SER B 335 -8.00 -36.29 -1.02
CA SER B 335 -6.97 -37.33 -1.01
C SER B 335 -6.38 -37.58 -2.38
N ASP B 336 -7.15 -37.36 -3.44
CA ASP B 336 -6.69 -37.62 -4.80
C ASP B 336 -6.20 -36.35 -5.50
N PHE B 337 -6.14 -35.22 -4.80
CA PHE B 337 -5.76 -33.99 -5.49
C PHE B 337 -4.34 -34.06 -6.04
N ASP B 338 -3.40 -34.51 -5.19
CA ASP B 338 -2.00 -34.58 -5.62
C ASP B 338 -1.86 -35.36 -6.92
N ALA B 339 -2.50 -36.52 -7.01
CA ALA B 339 -2.34 -37.36 -8.18
C ALA B 339 -2.98 -36.74 -9.41
N LYS B 340 -4.19 -36.17 -9.26
CA LYS B 340 -4.86 -35.56 -10.40
C LYS B 340 -4.13 -34.31 -10.88
N ALA B 341 -3.56 -33.53 -9.96
CA ALA B 341 -2.83 -32.33 -10.37
C ALA B 341 -1.55 -32.70 -11.09
N LYS B 342 -0.85 -33.73 -10.63
CA LYS B 342 0.34 -34.19 -11.34
C LYS B 342 -0.01 -34.70 -12.73
N GLU B 343 -1.17 -35.34 -12.88
CA GLU B 343 -1.60 -35.82 -14.20
C GLU B 343 -1.86 -34.65 -15.14
N PHE B 344 -2.48 -33.58 -14.62
CA PHE B 344 -2.69 -32.36 -15.41
C PHE B 344 -1.36 -31.75 -15.82
N ILE B 345 -0.43 -31.65 -14.88
CA ILE B 345 0.88 -31.06 -15.17
C ILE B 345 1.60 -31.87 -16.25
N ALA B 346 1.56 -33.20 -16.13
CA ALA B 346 2.23 -34.05 -17.12
C ALA B 346 1.59 -33.89 -18.50
N LYS B 347 0.26 -33.77 -18.54
CA LYS B 347 -0.44 -33.56 -19.81
C LYS B 347 0.02 -32.27 -20.49
N LEU B 348 0.15 -31.19 -19.71
CA LEU B 348 0.62 -29.94 -20.29
C LEU B 348 2.03 -30.08 -20.87
N GLN B 349 2.94 -30.73 -20.13
CA GLN B 349 4.30 -30.87 -20.63
C GLN B 349 4.32 -31.68 -21.92
N ALA B 350 3.41 -32.65 -22.07
CA ALA B 350 3.39 -33.46 -23.28
C ALA B 350 2.65 -32.79 -24.43
N ASN B 351 1.97 -31.69 -24.19
CA ASN B 351 1.11 -31.05 -25.19
C ASN B 351 1.34 -29.55 -25.15
N PRO B 352 2.41 -29.09 -25.80
CA PRO B 352 2.79 -27.68 -25.67
C PRO B 352 1.76 -26.72 -26.21
N ALA B 353 1.66 -25.57 -25.54
CA ALA B 353 0.81 -24.46 -25.96
C ALA B 353 1.51 -23.16 -25.59
N LYS B 354 1.64 -22.27 -26.56
CA LYS B 354 2.27 -20.97 -26.34
C LYS B 354 1.15 -19.99 -26.02
N ILE B 355 0.92 -19.79 -24.72
CA ILE B 355 -0.19 -18.98 -24.22
C ILE B 355 0.36 -18.11 -23.11
N ALA B 356 -0.39 -17.07 -22.76
CA ALA B 356 0.01 -16.21 -21.65
C ALA B 356 -0.07 -17.00 -20.35
N SER B 357 0.85 -16.72 -19.42
CA SER B 357 0.70 -17.41 -18.15
C SER B 357 -0.55 -16.96 -17.38
N ARG B 358 -1.13 -15.79 -17.70
CA ARG B 358 -2.44 -15.50 -17.12
C ARG B 358 -3.49 -16.47 -17.65
N LYS B 359 -3.36 -16.89 -18.91
CA LYS B 359 -4.29 -17.90 -19.44
C LYS B 359 -3.97 -19.28 -18.86
N ALA B 360 -2.69 -19.60 -18.67
CA ALA B 360 -2.32 -20.87 -18.06
C ALA B 360 -2.85 -20.96 -16.64
N SER B 361 -2.90 -19.82 -15.95
CA SER B 361 -3.49 -19.76 -14.62
C SER B 361 -4.98 -20.06 -14.67
N GLN B 362 -5.70 -19.43 -15.60
CA GLN B 362 -7.13 -19.72 -15.75
C GLN B 362 -7.35 -21.20 -16.07
N ASN B 363 -6.47 -21.79 -16.89
CA ASN B 363 -6.61 -23.20 -17.20
C ASN B 363 -6.38 -24.08 -15.97
N ALA B 364 -5.48 -23.66 -15.07
CA ALA B 364 -5.30 -24.40 -13.83
C ALA B 364 -6.51 -24.27 -12.93
N ILE B 365 -7.10 -23.06 -12.86
CA ILE B 365 -8.32 -22.89 -12.07
C ILE B 365 -9.43 -23.78 -12.61
N GLU B 366 -9.57 -23.83 -13.94
CA GLU B 366 -10.58 -24.69 -14.55
C GLU B 366 -10.31 -26.15 -14.23
N ALA B 367 -9.02 -26.53 -14.17
CA ALA B 367 -8.66 -27.92 -13.88
C ALA B 367 -8.83 -28.25 -12.40
N PHE B 368 -8.46 -27.33 -11.51
CA PHE B 368 -8.49 -27.60 -10.08
C PHE B 368 -9.86 -27.33 -9.46
N GLY B 369 -10.64 -26.43 -10.06
CA GLY B 369 -11.94 -26.05 -9.54
C GLY B 369 -12.88 -27.21 -9.16
N PRO B 370 -13.05 -28.17 -10.06
CA PRO B 370 -13.90 -29.33 -9.72
C PRO B 370 -13.38 -30.14 -8.55
N LEU B 371 -12.09 -30.05 -8.24
CA LEU B 371 -11.47 -30.80 -7.17
C LEU B 371 -11.43 -30.04 -5.85
N LEU B 372 -11.52 -28.71 -5.90
CA LEU B 372 -11.37 -27.84 -4.73
C LEU B 372 -12.65 -27.01 -4.55
N PRO B 373 -13.74 -27.63 -4.11
CA PRO B 373 -14.95 -26.84 -3.81
C PRO B 373 -14.73 -25.78 -2.75
N GLU B 374 -13.66 -25.87 -1.96
CA GLU B 374 -13.35 -24.85 -0.96
C GLU B 374 -12.84 -23.55 -1.57
N PHE B 375 -12.51 -23.50 -2.87
CA PHE B 375 -12.09 -22.24 -3.50
C PHE B 375 -13.11 -21.14 -3.20
N LEU B 376 -12.62 -19.97 -2.76
CA LEU B 376 -13.42 -18.76 -2.68
C LEU B 376 -12.55 -17.67 -3.31
N GLY B 377 -12.72 -17.48 -4.62
CA GLY B 377 -11.84 -16.67 -5.42
C GLY B 377 -12.47 -15.34 -5.82
N GLY B 378 -11.64 -14.47 -6.35
CA GLY B 378 -12.17 -13.19 -6.80
C GLY B 378 -11.08 -12.35 -7.42
N SER B 379 -11.51 -11.20 -7.93
CA SER B 379 -10.62 -10.21 -8.54
C SER B 379 -11.13 -8.83 -8.20
N ALA B 380 -10.21 -7.86 -8.13
CA ALA B 380 -10.57 -6.48 -7.83
C ALA B 380 -10.98 -5.77 -9.13
N ASP B 381 -12.19 -6.10 -9.61
CA ASP B 381 -12.78 -5.52 -10.82
C ASP B 381 -11.97 -5.84 -12.08
N LEU B 382 -11.31 -7.00 -12.12
CA LEU B 382 -10.51 -7.31 -13.29
C LEU B 382 -10.68 -8.75 -13.74
N ALA B 383 -11.84 -9.35 -13.49
CA ALA B 383 -12.07 -10.72 -13.93
C ALA B 383 -11.75 -10.98 -15.40
N PRO B 384 -12.12 -10.11 -16.36
CA PRO B 384 -11.82 -10.41 -17.78
C PRO B 384 -10.37 -10.18 -18.18
N SER B 385 -9.56 -9.55 -17.33
CA SER B 385 -8.14 -9.34 -17.61
C SER B 385 -7.26 -10.26 -16.80
N ASN B 386 -7.60 -10.48 -15.52
CA ASN B 386 -6.86 -11.40 -14.67
C ASN B 386 -7.17 -12.85 -14.99
N LEU B 387 -8.34 -13.10 -15.60
CA LEU B 387 -8.79 -14.44 -16.02
C LEU B 387 -9.03 -15.34 -14.81
N THR B 388 -9.82 -14.84 -13.85
CA THR B 388 -10.08 -15.53 -12.59
C THR B 388 -11.37 -16.36 -12.59
N LEU B 389 -12.18 -16.27 -13.64
CA LEU B 389 -13.41 -17.05 -13.73
C LEU B 389 -13.16 -18.35 -14.46
N TRP B 390 -13.81 -19.42 -14.00
CA TRP B 390 -13.84 -20.68 -14.71
C TRP B 390 -15.31 -21.07 -14.87
N SER B 391 -15.55 -22.20 -15.55
CA SER B 391 -16.92 -22.55 -15.91
C SER B 391 -17.81 -22.76 -14.69
N GLY B 392 -17.21 -23.12 -13.55
CA GLY B 392 -17.91 -23.35 -12.31
C GLY B 392 -17.97 -22.18 -11.36
N SER B 393 -17.45 -21.01 -11.76
CA SER B 393 -17.53 -19.83 -10.89
C SER B 393 -18.97 -19.38 -10.71
N LYS B 394 -19.33 -19.01 -9.48
CA LYS B 394 -20.63 -18.43 -9.20
C LYS B 394 -20.49 -17.29 -8.19
N ALA B 395 -20.86 -16.08 -8.59
CA ALA B 395 -20.66 -14.91 -7.74
C ALA B 395 -21.58 -14.96 -6.52
N ILE B 396 -21.04 -14.69 -5.33
CA ILE B 396 -21.86 -14.81 -4.13
C ILE B 396 -22.86 -13.67 -3.96
N ASN B 397 -22.72 -12.58 -4.70
CA ASN B 397 -23.78 -11.59 -4.72
C ASN B 397 -24.97 -12.05 -5.55
N GLU B 398 -24.80 -13.09 -6.38
CA GLU B 398 -25.89 -13.70 -7.12
C GLU B 398 -26.47 -14.90 -6.38
N ASP B 399 -25.62 -15.72 -5.78
CA ASP B 399 -26.03 -16.93 -5.07
C ASP B 399 -25.12 -17.08 -3.86
N ALA B 400 -25.70 -17.04 -2.65
CA ALA B 400 -24.87 -17.05 -1.45
C ALA B 400 -24.07 -18.33 -1.29
N ALA B 401 -24.45 -19.42 -1.96
CA ALA B 401 -23.71 -20.68 -1.90
C ALA B 401 -22.63 -20.73 -2.97
N GLY B 402 -22.33 -19.61 -3.61
CA GLY B 402 -21.31 -19.53 -4.63
C GLY B 402 -19.89 -19.55 -4.07
N ASN B 403 -18.95 -19.21 -4.95
CA ASN B 403 -17.55 -19.43 -4.68
C ASN B 403 -16.68 -18.31 -5.23
N TYR B 404 -17.28 -17.20 -5.66
CA TYR B 404 -16.56 -16.14 -6.36
C TYR B 404 -17.03 -14.80 -5.83
N ILE B 405 -16.08 -13.88 -5.64
CA ILE B 405 -16.37 -12.55 -5.08
C ILE B 405 -15.94 -11.47 -6.06
N HIS B 406 -16.90 -10.68 -6.55
CA HIS B 406 -16.58 -9.43 -7.24
C HIS B 406 -16.20 -8.41 -6.17
N TYR B 407 -14.89 -8.18 -6.00
CA TYR B 407 -14.40 -7.31 -4.94
C TYR B 407 -14.52 -5.83 -5.28
N GLY B 408 -14.74 -5.48 -6.54
CA GLY B 408 -14.68 -4.07 -6.88
C GLY B 408 -13.24 -3.57 -6.87
N VAL B 409 -13.09 -2.26 -7.03
CA VAL B 409 -11.76 -1.66 -7.13
C VAL B 409 -11.22 -1.40 -5.73
N ARG B 410 -10.85 -2.48 -5.03
CA ARG B 410 -10.57 -2.46 -3.61
C ARG B 410 -9.46 -3.48 -3.32
N GLU B 411 -8.23 -3.20 -3.78
CA GLU B 411 -7.16 -4.20 -3.67
C GLU B 411 -6.78 -4.49 -2.21
N PHE B 412 -6.57 -3.44 -1.42
CA PHE B 412 -6.19 -3.60 -0.02
C PHE B 412 -7.28 -4.33 0.75
N GLY B 413 -8.53 -3.88 0.57
CA GLY B 413 -9.64 -4.51 1.27
C GLY B 413 -9.84 -5.95 0.86
N MET B 414 -9.72 -6.22 -0.45
CA MET B 414 -9.80 -7.59 -0.95
C MET B 414 -8.79 -8.51 -0.27
N THR B 415 -7.54 -8.07 -0.18
CA THR B 415 -6.49 -8.94 0.34
C THR B 415 -6.68 -9.20 1.83
N ALA B 416 -7.06 -8.17 2.59
CA ALA B 416 -7.28 -8.35 4.02
C ALA B 416 -8.59 -9.08 4.32
N ILE B 417 -9.61 -8.93 3.47
CA ILE B 417 -10.80 -9.77 3.57
C ILE B 417 -10.41 -11.23 3.39
N ALA B 418 -9.58 -11.50 2.38
CA ALA B 418 -9.16 -12.87 2.12
C ALA B 418 -8.35 -13.43 3.28
N ASN B 419 -7.58 -12.58 3.98
CA ASN B 419 -6.95 -13.04 5.21
C ASN B 419 -8.00 -13.50 6.21
N GLY B 420 -9.09 -12.76 6.33
CA GLY B 420 -10.18 -13.19 7.21
C GLY B 420 -10.81 -14.49 6.77
N ILE B 421 -10.96 -14.67 5.45
CA ILE B 421 -11.54 -15.91 4.92
C ILE B 421 -10.64 -17.10 5.26
N SER B 422 -9.32 -16.96 5.07
CA SER B 422 -8.43 -18.07 5.37
C SER B 422 -8.38 -18.35 6.87
N LEU B 423 -8.46 -17.30 7.70
CA LEU B 423 -8.45 -17.49 9.15
C LEU B 423 -9.71 -18.18 9.65
N HIS B 424 -10.82 -17.97 8.96
CA HIS B 424 -12.08 -18.53 9.44
C HIS B 424 -12.07 -20.04 9.36
N GLY B 425 -11.47 -20.61 8.33
CA GLY B 425 -11.60 -22.02 8.06
C GLY B 425 -12.72 -22.32 7.09
N GLY B 426 -12.53 -23.36 6.30
CA GLY B 426 -13.53 -23.84 5.39
C GLY B 426 -13.27 -23.50 3.94
N PHE B 427 -12.37 -22.57 3.68
CA PHE B 427 -12.16 -22.09 2.32
C PHE B 427 -10.69 -22.01 2.00
N LEU B 428 -10.43 -21.90 0.70
CA LEU B 428 -9.10 -21.61 0.17
C LEU B 428 -9.26 -20.37 -0.69
N PRO B 429 -8.89 -19.18 -0.20
CA PRO B 429 -9.14 -17.96 -0.96
C PRO B 429 -8.05 -17.73 -2.01
N TYR B 430 -8.47 -17.23 -3.17
CA TYR B 430 -7.54 -16.60 -4.09
C TYR B 430 -8.04 -15.21 -4.46
N THR B 431 -7.10 -14.27 -4.61
CA THR B 431 -7.39 -12.89 -4.96
C THR B 431 -6.57 -12.51 -6.19
N SER B 432 -6.91 -11.39 -6.82
CA SER B 432 -6.28 -11.08 -8.08
C SER B 432 -6.40 -9.60 -8.40
N THR B 433 -5.31 -9.03 -8.94
CA THR B 433 -5.31 -7.72 -9.56
C THR B 433 -4.11 -7.66 -10.50
N PHE B 434 -3.97 -6.56 -11.23
CA PHE B 434 -2.71 -6.30 -11.92
C PHE B 434 -1.57 -6.22 -10.91
N LEU B 435 -0.41 -6.77 -11.25
CA LEU B 435 0.71 -6.80 -10.30
C LEU B 435 1.03 -5.42 -9.75
N MET B 436 0.96 -4.37 -10.57
CA MET B 436 1.31 -3.05 -10.04
C MET B 436 0.47 -2.71 -8.81
N PHE B 437 -0.79 -3.08 -8.81
CA PHE B 437 -1.67 -2.58 -7.78
C PHE B 437 -1.66 -3.48 -6.54
N VAL B 438 -0.79 -4.50 -6.52
CA VAL B 438 -0.39 -5.11 -5.26
C VAL B 438 0.18 -4.05 -4.32
N GLU B 439 0.72 -2.97 -4.88
CA GLU B 439 1.28 -1.93 -4.01
C GLU B 439 0.19 -1.29 -3.15
N TYR B 440 -1.04 -1.23 -3.66
CA TYR B 440 -2.17 -0.74 -2.84
C TYR B 440 -2.49 -1.69 -1.68
N ALA B 441 -2.19 -2.97 -1.82
CA ALA B 441 -2.54 -3.98 -0.81
C ALA B 441 -1.32 -4.45 -0.03
N ARG B 442 -0.20 -3.72 -0.11
CA ARG B 442 1.08 -4.29 0.27
C ARG B 442 1.09 -4.82 1.70
N ASN B 443 0.54 -4.08 2.66
CA ASN B 443 0.66 -4.55 4.04
C ASN B 443 -0.27 -5.72 4.34
N ALA B 444 -1.36 -5.90 3.59
CA ALA B 444 -2.20 -7.08 3.79
C ALA B 444 -1.51 -8.33 3.27
N VAL B 445 -0.77 -8.20 2.16
CA VAL B 445 0.09 -9.29 1.69
C VAL B 445 1.10 -9.67 2.76
N ARG B 446 1.78 -8.67 3.34
CA ARG B 446 2.72 -8.95 4.43
C ARG B 446 2.02 -9.63 5.60
N MET B 447 0.80 -9.18 5.93
CA MET B 447 0.10 -9.79 7.06
C MET B 447 -0.26 -11.24 6.79
N ALA B 448 -0.59 -11.59 5.54
CA ALA B 448 -0.84 -12.99 5.20
C ALA B 448 0.40 -13.83 5.47
N ALA B 449 1.57 -13.33 5.11
CA ALA B 449 2.81 -14.07 5.38
C ALA B 449 3.10 -14.15 6.87
N LEU B 450 2.94 -13.04 7.59
CA LEU B 450 3.19 -13.03 9.03
C LEU B 450 2.27 -14.00 9.77
N MET B 451 0.99 -14.08 9.36
CA MET B 451 0.03 -14.97 10.00
C MET B 451 0.08 -16.39 9.46
N LYS B 452 0.99 -16.70 8.53
CA LYS B 452 1.17 -18.06 7.99
C LYS B 452 -0.10 -18.58 7.33
N GLN B 453 -0.77 -17.72 6.55
CA GLN B 453 -2.08 -18.03 5.99
C GLN B 453 -1.96 -18.49 4.54
N ARG B 454 -2.74 -19.52 4.21
CA ARG B 454 -2.84 -20.02 2.83
C ARG B 454 -3.75 -19.13 2.02
N GLN B 455 -3.19 -18.49 1.00
CA GLN B 455 -3.95 -17.69 0.06
C GLN B 455 -3.15 -17.65 -1.23
N VAL B 456 -3.80 -17.84 -2.37
CA VAL B 456 -3.13 -17.74 -3.66
C VAL B 456 -3.43 -16.35 -4.23
N MET B 457 -2.37 -15.63 -4.59
CA MET B 457 -2.49 -14.25 -5.05
C MET B 457 -2.11 -14.23 -6.52
N VAL B 458 -3.09 -13.92 -7.37
CA VAL B 458 -2.98 -14.07 -8.82
C VAL B 458 -2.70 -12.68 -9.39
N TYR B 459 -1.43 -12.38 -9.69
CA TYR B 459 -1.03 -11.03 -10.07
C TYR B 459 -0.59 -11.03 -11.54
N THR B 460 -1.41 -10.46 -12.41
CA THR B 460 -1.13 -10.55 -13.84
C THR B 460 -0.57 -9.24 -14.39
N HIS B 461 -0.13 -9.30 -15.65
CA HIS B 461 0.40 -8.15 -16.37
C HIS B 461 1.66 -7.63 -15.69
N ASP B 462 2.69 -8.48 -15.76
CA ASP B 462 3.77 -8.46 -14.79
C ASP B 462 4.98 -7.62 -15.20
N SER B 463 4.97 -6.99 -16.37
CA SER B 463 6.18 -6.29 -16.81
C SER B 463 5.84 -5.29 -17.89
N ILE B 464 6.88 -4.72 -18.51
CA ILE B 464 6.71 -3.89 -19.72
C ILE B 464 6.02 -4.66 -20.84
N GLY B 465 5.94 -5.99 -20.75
CA GLY B 465 5.20 -6.79 -21.69
C GLY B 465 3.72 -6.45 -21.78
N LEU B 466 3.18 -5.68 -20.82
CA LEU B 466 1.79 -5.27 -20.95
C LEU B 466 1.63 -4.14 -21.97
N GLY B 467 2.70 -3.43 -22.32
CA GLY B 467 2.65 -2.51 -23.47
C GLY B 467 2.11 -1.12 -23.14
N GLU B 468 1.08 -0.71 -23.88
CA GLU B 468 0.75 0.70 -24.05
C GLU B 468 0.26 1.40 -22.78
N ASP B 469 -0.22 0.67 -21.76
CA ASP B 469 -0.72 1.38 -20.58
C ASP B 469 0.39 2.17 -19.86
N GLY B 470 1.66 1.82 -20.06
CA GLY B 470 2.73 2.71 -19.65
C GLY B 470 3.20 2.56 -18.22
N PRO B 471 4.03 3.50 -17.76
CA PRO B 471 4.82 3.28 -16.54
C PRO B 471 4.03 3.28 -15.26
N THR B 472 2.81 3.83 -15.22
CA THR B 472 2.03 3.73 -13.99
C THR B 472 1.50 2.32 -13.78
N HIS B 473 1.49 1.51 -14.84
CA HIS B 473 0.97 0.14 -14.78
C HIS B 473 2.06 -0.92 -14.88
N GLN B 474 3.22 -0.60 -15.47
CA GLN B 474 4.26 -1.60 -15.74
C GLN B 474 5.10 -1.90 -14.51
N PRO B 475 4.98 -3.09 -13.93
CA PRO B 475 5.83 -3.44 -12.79
C PRO B 475 7.30 -3.44 -13.16
N VAL B 476 8.13 -3.03 -12.21
CA VAL B 476 9.58 -3.12 -12.34
C VAL B 476 10.16 -3.72 -11.06
N GLU B 477 9.83 -3.11 -9.91
CA GLU B 477 10.44 -3.47 -8.64
C GLU B 477 9.51 -4.26 -7.73
N GLN B 478 8.29 -4.57 -8.17
CA GLN B 478 7.30 -5.19 -7.29
C GLN B 478 7.64 -6.64 -6.98
N VAL B 479 8.18 -7.38 -7.95
CA VAL B 479 8.50 -8.78 -7.69
C VAL B 479 9.62 -8.88 -6.67
N ALA B 480 10.64 -8.04 -6.82
CA ALA B 480 11.72 -8.00 -5.83
C ALA B 480 11.19 -7.72 -4.43
N SER B 481 10.18 -6.85 -4.33
CA SER B 481 9.61 -6.54 -3.03
C SER B 481 8.94 -7.75 -2.40
N LEU B 482 8.27 -8.55 -3.22
CA LEU B 482 7.68 -9.79 -2.72
C LEU B 482 8.75 -10.81 -2.35
N ARG B 483 9.82 -10.90 -3.16
CA ARG B 483 10.82 -11.94 -2.90
C ARG B 483 11.55 -11.74 -1.58
N VAL B 484 11.64 -10.51 -1.10
CA VAL B 484 12.38 -10.28 0.15
C VAL B 484 11.45 -10.24 1.35
N THR B 485 10.17 -10.59 1.15
CA THR B 485 9.22 -10.61 2.25
C THR B 485 9.31 -11.95 2.97
N PRO B 486 9.60 -11.96 4.28
CA PRO B 486 9.68 -13.25 5.00
C PRO B 486 8.40 -14.04 4.89
N ASN B 487 8.55 -15.34 4.64
CA ASN B 487 7.49 -16.32 4.53
C ASN B 487 6.59 -16.11 3.32
N MET B 488 6.94 -15.24 2.39
CA MET B 488 6.21 -15.13 1.15
C MET B 488 6.78 -16.15 0.16
N SER B 489 5.90 -16.73 -0.64
CA SER B 489 6.31 -17.53 -1.79
C SER B 489 5.87 -16.82 -3.05
N THR B 490 6.80 -16.68 -4.00
CA THR B 490 6.57 -15.90 -5.21
C THR B 490 7.02 -16.73 -6.40
N TRP B 491 6.15 -16.90 -7.39
CA TRP B 491 6.42 -17.73 -8.56
C TRP B 491 6.23 -16.90 -9.82
N ARG B 492 7.22 -16.91 -10.70
CA ARG B 492 7.13 -16.21 -11.99
C ARG B 492 7.32 -17.27 -13.07
N PRO B 493 6.25 -17.99 -13.42
CA PRO B 493 6.40 -19.16 -14.30
C PRO B 493 6.71 -18.75 -15.73
N CYS B 494 7.48 -19.60 -16.42
CA CYS B 494 7.93 -19.27 -17.75
C CYS B 494 7.06 -19.85 -18.85
N ASP B 495 6.15 -20.76 -18.53
CA ASP B 495 5.24 -21.33 -19.52
C ASP B 495 4.06 -21.94 -18.78
N GLN B 496 3.18 -22.63 -19.53
CA GLN B 496 1.96 -23.14 -18.92
C GLN B 496 2.24 -24.27 -17.93
N VAL B 497 3.37 -24.95 -18.08
CA VAL B 497 3.73 -26.05 -17.17
C VAL B 497 4.19 -25.50 -15.83
N GLU B 498 5.17 -24.57 -15.84
CA GLU B 498 5.54 -23.93 -14.59
C GLU B 498 4.34 -23.25 -13.94
N SER B 499 3.41 -22.74 -14.74
CA SER B 499 2.23 -22.08 -14.16
C SER B 499 1.39 -23.07 -13.36
N ALA B 500 1.18 -24.28 -13.91
CA ALA B 500 0.39 -25.28 -13.20
C ALA B 500 1.13 -25.78 -11.97
N VAL B 501 2.44 -25.95 -12.07
CA VAL B 501 3.22 -26.34 -10.89
C VAL B 501 3.09 -25.30 -9.79
N ALA B 502 3.17 -24.03 -10.15
CA ALA B 502 3.09 -22.97 -9.15
C ALA B 502 1.73 -22.94 -8.49
N TRP B 503 0.66 -23.15 -9.27
CA TRP B 503 -0.69 -23.21 -8.72
C TRP B 503 -0.82 -24.38 -7.74
N LYS B 504 -0.30 -25.56 -8.11
CA LYS B 504 -0.33 -26.70 -7.20
C LYS B 504 0.45 -26.40 -5.92
N TYR B 505 1.64 -25.81 -6.06
CA TYR B 505 2.41 -25.42 -4.88
C TYR B 505 1.62 -24.49 -3.98
N GLY B 506 0.91 -23.52 -4.56
CA GLY B 506 0.18 -22.55 -3.77
C GLY B 506 -0.99 -23.15 -2.99
N VAL B 507 -1.81 -23.98 -3.66
CA VAL B 507 -2.96 -24.53 -2.96
C VAL B 507 -2.53 -25.53 -1.90
N GLU B 508 -1.37 -26.16 -2.07
CA GLU B 508 -0.89 -27.14 -1.10
C GLU B 508 -0.03 -26.53 -0.01
N ARG B 509 0.28 -25.23 -0.09
CA ARG B 509 1.12 -24.57 0.90
C ARG B 509 0.25 -24.20 2.09
N GLN B 510 0.44 -24.89 3.21
CA GLN B 510 -0.47 -24.71 4.33
C GLN B 510 -0.06 -23.58 5.27
N ASP B 511 1.18 -23.10 5.20
CA ASP B 511 1.73 -22.24 6.24
C ASP B 511 2.18 -20.90 5.69
N GLY B 512 1.60 -20.45 4.57
CA GLY B 512 1.87 -19.13 4.08
C GLY B 512 1.30 -18.93 2.70
N PRO B 513 1.33 -17.68 2.21
CA PRO B 513 0.69 -17.35 0.94
C PRO B 513 1.64 -17.56 -0.24
N THR B 514 1.05 -17.56 -1.44
CA THR B 514 1.78 -17.81 -2.68
C THR B 514 1.32 -16.81 -3.72
N ALA B 515 2.24 -16.00 -4.23
CA ALA B 515 1.93 -15.02 -5.26
C ALA B 515 2.36 -15.57 -6.61
N LEU B 516 1.44 -15.53 -7.57
CA LEU B 516 1.73 -15.92 -8.95
C LEU B 516 1.93 -14.67 -9.81
N ILE B 517 3.09 -14.59 -10.48
CA ILE B 517 3.49 -13.45 -11.29
C ILE B 517 3.30 -13.84 -12.75
N LEU B 518 2.28 -13.30 -13.40
CA LEU B 518 1.76 -13.83 -14.65
C LEU B 518 1.75 -12.80 -15.77
N SER B 519 2.00 -13.28 -16.99
CA SER B 519 2.23 -12.42 -18.14
C SER B 519 0.92 -12.06 -18.85
N ARG B 520 0.94 -10.88 -19.49
CA ARG B 520 -0.08 -10.53 -20.48
C ARG B 520 0.08 -11.34 -21.76
N GLN B 521 1.33 -11.54 -22.20
CA GLN B 521 1.65 -12.02 -23.53
C GLN B 521 1.98 -13.51 -23.52
N ASN B 522 1.92 -14.13 -24.71
CA ASN B 522 2.12 -15.57 -24.83
C ASN B 522 3.57 -15.96 -24.54
N LEU B 523 3.75 -17.09 -23.83
CA LEU B 523 5.06 -17.60 -23.43
C LEU B 523 5.32 -18.95 -24.07
N ALA B 524 6.52 -19.11 -24.64
CA ALA B 524 6.90 -20.38 -25.26
C ALA B 524 7.04 -21.48 -24.23
N GLN B 525 6.53 -22.67 -24.55
CA GLN B 525 6.74 -23.82 -23.69
C GLN B 525 8.13 -24.39 -23.89
N GLN B 526 8.79 -24.72 -22.78
CA GLN B 526 10.11 -25.33 -22.79
C GLN B 526 10.05 -26.85 -22.71
N GLU B 527 11.01 -27.48 -23.37
CA GLU B 527 11.14 -28.93 -23.32
C GLU B 527 11.72 -29.36 -21.98
N ARG B 528 11.19 -30.44 -21.42
CA ARG B 528 11.65 -30.92 -20.12
C ARG B 528 11.68 -32.45 -20.10
N THR B 529 12.75 -33.01 -19.55
CA THR B 529 12.74 -34.42 -19.16
C THR B 529 11.84 -34.62 -17.95
N GLU B 530 11.57 -35.90 -17.63
CA GLU B 530 10.82 -36.19 -16.41
C GLU B 530 11.50 -35.60 -15.18
N GLU B 531 12.84 -35.64 -15.13
CA GLU B 531 13.53 -35.12 -13.96
C GLU B 531 13.42 -33.60 -13.90
N GLN B 532 13.51 -32.94 -15.06
CA GLN B 532 13.37 -31.48 -15.07
C GLN B 532 11.95 -31.06 -14.71
N LEU B 533 10.96 -31.80 -15.21
CA LEU B 533 9.57 -31.53 -14.86
C LEU B 533 9.38 -31.58 -13.35
N ALA B 534 9.96 -32.59 -12.68
CA ALA B 534 9.84 -32.69 -11.23
C ALA B 534 10.64 -31.61 -10.52
N ASN B 535 11.69 -31.08 -11.16
CA ASN B 535 12.52 -30.08 -10.49
C ASN B 535 11.93 -28.68 -10.54
N ILE B 536 10.88 -28.42 -11.33
CA ILE B 536 10.26 -27.10 -11.30
C ILE B 536 9.88 -26.73 -9.87
N ALA B 537 9.30 -27.67 -9.13
CA ALA B 537 8.88 -27.38 -7.76
C ALA B 537 10.03 -27.07 -6.82
N ARG B 538 11.28 -27.33 -7.23
CA ARG B 538 12.42 -26.96 -6.40
C ARG B 538 12.82 -25.51 -6.58
N GLY B 539 12.09 -24.75 -7.39
CA GLY B 539 12.21 -23.30 -7.47
C GLY B 539 13.22 -22.77 -8.47
N GLY B 540 14.35 -23.46 -8.58
CA GLY B 540 15.38 -23.18 -9.56
C GLY B 540 15.92 -24.51 -10.04
N TYR B 541 16.16 -24.65 -11.33
CA TYR B 541 16.64 -25.93 -11.86
C TYR B 541 17.35 -25.70 -13.18
N VAL B 542 18.19 -26.67 -13.54
CA VAL B 542 18.91 -26.63 -14.81
C VAL B 542 17.96 -27.00 -15.94
N LEU B 543 17.73 -26.04 -16.85
CA LEU B 543 16.88 -26.23 -18.03
C LEU B 543 17.67 -26.61 -19.27
N LYS B 544 18.81 -25.97 -19.51
CA LYS B 544 19.72 -26.30 -20.58
C LYS B 544 21.12 -26.43 -19.99
N ASP B 545 21.91 -27.39 -20.49
CA ASP B 545 23.21 -27.61 -19.88
C ASP B 545 24.25 -27.89 -20.94
N CYS B 546 25.50 -28.03 -20.47
CA CYS B 546 26.63 -28.37 -21.31
C CYS B 546 27.40 -29.49 -20.63
N ALA B 547 28.35 -30.07 -21.35
CA ALA B 547 29.26 -31.04 -20.74
C ALA B 547 30.41 -30.28 -20.11
N GLY B 548 30.77 -30.66 -18.89
CA GLY B 548 31.82 -29.97 -18.19
C GLY B 548 31.36 -28.68 -17.55
N GLN B 549 32.31 -27.96 -16.98
CA GLN B 549 31.98 -26.73 -16.26
C GLN B 549 31.53 -25.65 -17.24
N PRO B 550 30.35 -25.06 -17.06
CA PRO B 550 29.91 -24.00 -17.97
C PRO B 550 30.84 -22.79 -17.90
N GLU B 551 31.06 -22.16 -19.05
CA GLU B 551 31.70 -20.85 -19.09
C GLU B 551 30.72 -19.74 -18.73
N LEU B 552 29.43 -20.00 -18.86
CA LEU B 552 28.39 -19.00 -18.62
C LEU B 552 27.17 -19.73 -18.07
N ILE B 553 26.55 -19.15 -17.05
CA ILE B 553 25.24 -19.61 -16.59
C ILE B 553 24.26 -18.47 -16.73
N PHE B 554 23.22 -18.67 -17.53
CA PHE B 554 22.09 -17.75 -17.60
C PHE B 554 21.08 -18.12 -16.52
N ILE B 555 20.60 -17.11 -15.79
CA ILE B 555 19.54 -17.30 -14.80
C ILE B 555 18.36 -16.44 -15.26
N ALA B 556 17.22 -17.08 -15.51
CA ALA B 556 16.11 -16.36 -16.09
C ALA B 556 14.80 -16.81 -15.45
N THR B 557 13.81 -15.93 -15.56
CA THR B 557 12.48 -16.18 -14.98
C THR B 557 11.41 -15.78 -15.99
N GLY B 558 10.24 -16.38 -15.83
CA GLY B 558 9.05 -15.92 -16.51
C GLY B 558 9.25 -15.75 -17.99
N SER B 559 8.78 -14.62 -18.52
CA SER B 559 8.81 -14.39 -19.96
C SER B 559 10.22 -14.28 -20.53
N GLU B 560 11.25 -14.13 -19.69
CA GLU B 560 12.60 -13.97 -20.21
C GLU B 560 13.35 -15.29 -20.34
N VAL B 561 12.77 -16.41 -19.92
CA VAL B 561 13.42 -17.70 -20.15
C VAL B 561 13.57 -17.96 -21.64
N GLU B 562 12.55 -17.62 -22.44
CA GLU B 562 12.64 -17.79 -23.88
C GLU B 562 13.83 -17.03 -24.45
N LEU B 563 14.04 -15.80 -23.98
CA LEU B 563 15.19 -15.00 -24.42
C LEU B 563 16.51 -15.62 -23.99
N ALA B 564 16.60 -16.09 -22.74
CA ALA B 564 17.85 -16.70 -22.27
C ALA B 564 18.17 -17.97 -23.05
N VAL B 565 17.16 -18.78 -23.38
CA VAL B 565 17.41 -20.00 -24.14
C VAL B 565 17.92 -19.64 -25.54
N ALA B 566 17.32 -18.63 -26.17
CA ALA B 566 17.77 -18.20 -27.48
C ALA B 566 19.24 -17.77 -27.46
N ALA B 567 19.62 -17.03 -26.42
CA ALA B 567 21.02 -16.63 -26.29
C ALA B 567 21.91 -17.85 -26.04
N TYR B 568 21.45 -18.78 -25.21
CA TYR B 568 22.19 -20.03 -25.00
C TYR B 568 22.41 -20.77 -26.31
N GLU B 569 21.38 -20.86 -27.15
CA GLU B 569 21.51 -21.57 -28.41
C GLU B 569 22.52 -20.89 -29.32
N LYS B 570 22.48 -19.55 -29.39
CA LYS B 570 23.42 -18.82 -30.23
C LYS B 570 24.86 -19.06 -29.77
N LEU B 571 25.09 -18.97 -28.45
CA LEU B 571 26.42 -19.15 -27.90
C LEU B 571 26.90 -20.59 -28.04
N THR B 572 26.00 -21.56 -27.81
CA THR B 572 26.36 -22.96 -27.97
C THR B 572 26.81 -23.25 -29.40
N ALA B 573 26.13 -22.65 -30.38
CA ALA B 573 26.48 -22.88 -31.78
C ALA B 573 27.85 -22.30 -32.13
N GLU B 574 28.29 -21.29 -31.40
CA GLU B 574 29.62 -20.72 -31.56
C GLU B 574 30.67 -21.43 -30.72
N GLY B 575 30.30 -22.52 -30.04
CA GLY B 575 31.23 -23.31 -29.27
C GLY B 575 31.42 -22.91 -27.82
N VAL B 576 30.57 -22.03 -27.30
CA VAL B 576 30.66 -21.63 -25.89
C VAL B 576 29.93 -22.66 -25.04
N LYS B 577 30.47 -22.95 -23.86
CA LYS B 577 29.86 -23.87 -22.91
C LYS B 577 28.93 -23.07 -22.01
N ALA B 578 27.61 -23.26 -22.20
CA ALA B 578 26.64 -22.45 -21.49
C ALA B 578 25.60 -23.35 -20.82
N ARG B 579 24.96 -22.79 -19.79
CA ARG B 579 23.87 -23.42 -19.07
C ARG B 579 22.75 -22.39 -18.91
N VAL B 580 21.51 -22.87 -18.91
CA VAL B 580 20.36 -22.03 -18.57
C VAL B 580 19.69 -22.59 -17.32
N VAL B 581 19.52 -21.73 -16.32
CA VAL B 581 18.77 -22.05 -15.11
C VAL B 581 17.45 -21.27 -15.18
N SER B 582 16.34 -21.99 -15.07
CA SER B 582 15.04 -21.37 -14.85
C SER B 582 14.83 -21.25 -13.36
N MET B 583 14.45 -20.05 -12.90
CA MET B 583 14.28 -19.74 -11.49
C MET B 583 12.86 -19.23 -11.24
N PRO B 584 11.84 -20.08 -11.41
CA PRO B 584 10.47 -19.59 -11.15
C PRO B 584 10.23 -19.14 -9.72
N SER B 585 10.93 -19.70 -8.72
CA SER B 585 10.72 -19.27 -7.35
C SER B 585 12.05 -19.21 -6.62
N THR B 586 12.52 -17.99 -6.36
CA THR B 586 13.72 -17.82 -5.56
C THR B 586 13.53 -18.36 -4.14
N ASP B 587 12.32 -18.20 -3.56
CA ASP B 587 12.15 -18.64 -2.18
C ASP B 587 12.16 -20.16 -2.10
N ALA B 588 11.52 -20.85 -3.04
CA ALA B 588 11.60 -22.31 -3.03
C ALA B 588 13.04 -22.77 -3.28
N PHE B 589 13.75 -22.11 -4.21
CA PHE B 589 15.14 -22.47 -4.45
C PHE B 589 15.97 -22.31 -3.18
N ASP B 590 15.79 -21.19 -2.47
CA ASP B 590 16.57 -20.92 -1.27
C ASP B 590 16.35 -21.98 -0.20
N LYS B 591 15.16 -22.60 -0.17
CA LYS B 591 14.82 -23.62 0.81
C LYS B 591 15.39 -25.00 0.46
N GLN B 592 15.98 -25.16 -0.72
CA GLN B 592 16.59 -26.44 -1.03
C GLN B 592 17.94 -26.57 -0.31
N ASP B 593 18.38 -27.81 -0.11
CA ASP B 593 19.59 -27.95 0.67
C ASP B 593 20.82 -27.56 -0.16
N ALA B 594 21.93 -27.33 0.55
CA ALA B 594 23.12 -26.77 -0.09
C ALA B 594 23.60 -27.61 -1.27
N ALA B 595 23.49 -28.93 -1.18
CA ALA B 595 23.97 -29.79 -2.26
C ALA B 595 23.18 -29.53 -3.55
N TYR B 596 21.86 -29.37 -3.45
CA TYR B 596 21.08 -29.11 -4.64
C TYR B 596 21.39 -27.73 -5.21
N ARG B 597 21.50 -26.72 -4.34
CA ARG B 597 21.78 -25.38 -4.85
C ARG B 597 23.14 -25.31 -5.53
N GLU B 598 24.14 -26.00 -4.97
CA GLU B 598 25.45 -26.09 -5.61
C GLU B 598 25.36 -26.76 -6.98
N SER B 599 24.48 -27.75 -7.12
CA SER B 599 24.39 -28.44 -8.41
C SER B 599 23.82 -27.52 -9.49
N VAL B 600 23.00 -26.55 -9.10
CA VAL B 600 22.36 -25.64 -10.05
C VAL B 600 23.23 -24.43 -10.35
N LEU B 601 23.76 -23.79 -9.29
CA LEU B 601 24.61 -22.60 -9.39
C LEU B 601 25.94 -22.92 -8.71
N PRO B 602 26.83 -23.63 -9.40
CA PRO B 602 28.07 -24.07 -8.75
C PRO B 602 28.95 -22.88 -8.37
N LYS B 603 29.57 -22.98 -7.19
CA LYS B 603 30.35 -21.86 -6.70
C LYS B 603 31.57 -21.59 -7.58
N ALA B 604 32.01 -22.58 -8.36
CA ALA B 604 33.15 -22.39 -9.25
C ALA B 604 32.84 -21.45 -10.42
N VAL B 605 31.57 -21.27 -10.77
CA VAL B 605 31.19 -20.52 -11.95
C VAL B 605 30.80 -19.11 -11.53
N THR B 606 31.62 -18.12 -11.86
CA THR B 606 31.31 -16.75 -11.51
C THR B 606 30.66 -15.97 -12.65
N ALA B 607 30.75 -16.48 -13.87
CA ALA B 607 30.23 -15.79 -15.05
C ALA B 607 28.75 -16.11 -15.16
N ARG B 608 27.93 -15.35 -14.43
CA ARG B 608 26.51 -15.58 -14.32
C ARG B 608 25.78 -14.38 -14.92
N VAL B 609 24.73 -14.64 -15.70
CA VAL B 609 23.98 -13.58 -16.39
C VAL B 609 22.51 -13.75 -16.01
N ALA B 610 21.98 -12.81 -15.24
CA ALA B 610 20.55 -12.81 -14.93
C ALA B 610 19.77 -12.10 -16.03
N VAL B 611 18.60 -12.64 -16.39
CA VAL B 611 17.74 -12.02 -17.41
C VAL B 611 16.32 -11.96 -16.87
N GLU B 612 15.81 -10.74 -16.65
CA GLU B 612 14.45 -10.57 -16.12
C GLU B 612 14.02 -9.14 -16.37
N ALA B 613 12.79 -8.94 -16.86
CA ALA B 613 12.23 -7.60 -17.06
C ALA B 613 11.70 -7.05 -15.73
N GLY B 614 12.63 -6.91 -14.79
CA GLY B 614 12.35 -6.41 -13.46
C GLY B 614 13.60 -5.72 -12.96
N ILE B 615 13.51 -5.15 -11.75
CA ILE B 615 14.60 -4.29 -11.26
C ILE B 615 15.90 -5.10 -11.12
N ALA B 616 16.98 -4.54 -11.64
CA ALA B 616 18.22 -5.32 -11.77
C ALA B 616 18.85 -5.62 -10.41
N ASP B 617 18.73 -4.69 -9.45
CA ASP B 617 19.52 -4.76 -8.22
C ASP B 617 19.22 -6.02 -7.42
N TYR B 618 18.02 -6.57 -7.57
CA TYR B 618 17.70 -7.81 -6.85
C TYR B 618 18.71 -8.92 -7.15
N TRP B 619 19.16 -9.04 -8.41
CA TRP B 619 19.81 -10.24 -8.89
C TRP B 619 21.26 -10.39 -8.46
N TYR B 620 21.83 -9.39 -7.79
CA TYR B 620 23.16 -9.57 -7.21
C TYR B 620 23.21 -10.75 -6.26
N LYS B 621 22.08 -11.11 -5.65
CA LYS B 621 22.05 -12.26 -4.75
C LYS B 621 22.51 -13.55 -5.44
N TYR B 622 22.19 -13.70 -6.73
CA TYR B 622 22.53 -14.91 -7.46
C TYR B 622 23.65 -14.72 -8.46
N VAL B 623 23.88 -13.51 -8.94
CA VAL B 623 24.94 -13.29 -9.93
C VAL B 623 26.27 -12.91 -9.28
N GLY B 624 26.24 -12.31 -8.09
CA GLY B 624 27.47 -11.84 -7.49
C GLY B 624 27.99 -10.57 -8.16
N LEU B 625 29.26 -10.27 -7.91
CA LEU B 625 29.87 -9.02 -8.36
C LEU B 625 30.68 -9.18 -9.64
N ASN B 626 30.73 -10.38 -10.22
CA ASN B 626 31.57 -10.67 -11.38
C ASN B 626 30.75 -11.25 -12.52
N GLY B 627 29.46 -10.91 -12.59
CA GLY B 627 28.61 -11.36 -13.68
C GLY B 627 27.96 -10.22 -14.43
N ALA B 628 26.73 -10.45 -14.89
CA ALA B 628 25.99 -9.44 -15.63
C ALA B 628 24.51 -9.57 -15.30
N ILE B 629 23.78 -8.47 -15.40
CA ILE B 629 22.34 -8.47 -15.19
C ILE B 629 21.68 -7.73 -16.34
N VAL B 630 20.81 -8.43 -17.07
CA VAL B 630 20.00 -7.83 -18.13
C VAL B 630 18.64 -7.61 -17.46
N GLY B 631 18.46 -6.41 -16.89
CA GLY B 631 17.26 -6.07 -16.17
C GLY B 631 16.78 -4.66 -16.45
N MET B 632 15.85 -4.17 -15.64
CA MET B 632 15.40 -2.79 -15.68
C MET B 632 16.10 -1.98 -14.59
N THR B 633 16.42 -0.72 -14.89
CA THR B 633 16.91 0.21 -13.89
C THR B 633 16.07 1.47 -13.84
N THR B 634 15.00 1.54 -14.61
CA THR B 634 14.17 2.72 -14.75
C THR B 634 12.71 2.30 -14.70
N PHE B 635 11.83 3.30 -14.65
CA PHE B 635 10.42 3.06 -14.92
C PHE B 635 10.22 2.72 -16.40
N GLY B 636 9.03 2.25 -16.74
CA GLY B 636 8.70 1.89 -18.11
C GLY B 636 8.33 3.08 -18.99
N GLU B 637 7.67 2.77 -20.10
CA GLU B 637 7.23 3.78 -21.07
C GLU B 637 5.95 3.27 -21.74
N SER B 638 5.14 4.21 -22.24
CA SER B 638 3.92 3.84 -22.96
C SER B 638 4.27 3.60 -24.42
N ALA B 639 4.19 2.34 -24.86
CA ALA B 639 4.46 1.95 -26.24
C ALA B 639 4.05 0.49 -26.41
N PRO B 640 3.92 0.01 -27.66
CA PRO B 640 3.70 -1.42 -27.87
C PRO B 640 4.82 -2.24 -27.22
N ALA B 641 4.45 -3.41 -26.69
CA ALA B 641 5.38 -4.16 -25.86
C ALA B 641 6.61 -4.59 -26.64
N GLU B 642 6.45 -4.97 -27.91
CA GLU B 642 7.61 -5.46 -28.66
C GLU B 642 8.65 -4.37 -28.85
N LEU B 643 8.22 -3.12 -29.00
CA LEU B 643 9.16 -2.00 -29.03
C LEU B 643 9.82 -1.78 -27.67
N LEU B 644 9.06 -1.96 -26.59
CA LEU B 644 9.61 -1.75 -25.26
C LEU B 644 10.71 -2.77 -24.95
N PHE B 645 10.46 -4.04 -25.25
CA PHE B 645 11.48 -5.05 -25.01
C PHE B 645 12.76 -4.70 -25.78
N GLU B 646 12.62 -4.21 -27.02
CA GLU B 646 13.78 -3.80 -27.79
C GLU B 646 14.48 -2.60 -27.15
N GLU B 647 13.71 -1.58 -26.79
CA GLU B 647 14.27 -0.36 -26.22
C GLU B 647 15.03 -0.63 -24.93
N PHE B 648 14.57 -1.57 -24.12
CA PHE B 648 15.15 -1.79 -22.80
C PHE B 648 16.18 -2.91 -22.78
N GLY B 649 16.52 -3.45 -23.95
CA GLY B 649 17.64 -4.38 -24.06
C GLY B 649 17.29 -5.84 -23.94
N PHE B 650 16.02 -6.20 -24.02
CA PHE B 650 15.63 -7.61 -23.94
C PHE B 650 15.57 -8.19 -25.36
N THR B 651 16.77 -8.32 -25.94
CA THR B 651 16.99 -8.85 -27.28
C THR B 651 18.09 -9.89 -27.22
N VAL B 652 18.03 -10.85 -28.15
CA VAL B 652 19.08 -11.87 -28.23
C VAL B 652 20.45 -11.21 -28.39
N ASP B 653 20.53 -10.18 -29.26
CA ASP B 653 21.82 -9.54 -29.51
C ASP B 653 22.40 -8.91 -28.25
N ASN B 654 21.56 -8.22 -27.46
CA ASN B 654 22.09 -7.58 -26.25
C ASN B 654 22.47 -8.61 -25.20
N VAL B 655 21.64 -9.63 -25.00
CA VAL B 655 21.97 -10.66 -24.01
C VAL B 655 23.26 -11.39 -24.38
N VAL B 656 23.41 -11.74 -25.67
CA VAL B 656 24.64 -12.37 -26.11
C VAL B 656 25.84 -11.46 -25.88
N ALA B 657 25.69 -10.18 -26.23
CA ALA B 657 26.80 -9.23 -26.07
C ALA B 657 27.21 -9.07 -24.61
N LYS B 658 26.24 -8.94 -23.70
CA LYS B 658 26.57 -8.80 -22.28
C LYS B 658 27.21 -10.06 -21.73
N ALA B 659 26.76 -11.23 -22.20
CA ALA B 659 27.39 -12.48 -21.80
C ALA B 659 28.82 -12.57 -22.31
N LYS B 660 29.06 -12.17 -23.56
CA LYS B 660 30.40 -12.29 -24.11
C LYS B 660 31.41 -11.42 -23.39
N GLU B 661 30.96 -10.35 -22.74
CA GLU B 661 31.87 -9.52 -21.94
C GLU B 661 32.43 -10.26 -20.73
N LEU B 662 31.86 -11.42 -20.36
CA LEU B 662 32.35 -12.22 -19.25
C LEU B 662 33.28 -13.35 -19.69
N LEU B 663 33.49 -13.53 -21.00
CA LEU B 663 34.30 -14.62 -21.48
C LEU B 663 35.77 -14.19 -21.59
#